data_5VLM
#
_entry.id   5VLM
#
_cell.length_a   97.397
_cell.length_b   79.229
_cell.length_c   105.579
_cell.angle_alpha   90.00
_cell.angle_beta   97.10
_cell.angle_gamma   90.00
#
_symmetry.space_group_name_H-M   'P 1 21 1'
#
loop_
_entity.id
_entity.type
_entity.pdbx_description
1 polymer 'Regulatory protein TetR'
2 non-polymer 'CRYSTAL VIOLET'
#
_entity_poly.entity_id   1
_entity_poly.type   'polypeptide(L)'
_entity_poly.pdbx_seq_one_letter_code
;MGYLNREERRETIMQAAMRVALDQGFTGMTVRNIATAAGVAAGQVHHHFTSSGELKSQAFIRVIREMMDLQRLSRTAGWR
EQLFSALGSEDGRLEPYIRLWRQAQLLADSDPEIKSAYLLTMNLWHDEAVRIIRAGHAAGEFTLRDSAENIAWRLISLVC
GLDGIYVLGMPEVDDAAFTRHLQHVIQLELFS
;
_entity_poly.pdbx_strand_id   A,B,C,D,E,F,G,H
#
loop_
_chem_comp.id
_chem_comp.type
_chem_comp.name
_chem_comp.formula
CVI non-polymer 'CRYSTAL VIOLET' 'C25 H30 N3 1'
#
# COMPACT_ATOMS: atom_id res chain seq x y z
N ASN A 5 -9.18 -51.47 37.37
CA ASN A 5 -10.31 -51.17 38.23
C ASN A 5 -10.41 -49.65 38.52
N ARG A 6 -10.50 -49.28 39.80
CA ARG A 6 -10.73 -47.88 40.19
C ARG A 6 -9.80 -46.91 39.49
N GLU A 7 -8.49 -47.03 39.75
CA GLU A 7 -7.51 -46.13 39.13
C GLU A 7 -6.95 -46.70 37.84
N GLU A 8 -6.96 -48.01 37.68
CA GLU A 8 -6.38 -48.62 36.48
C GLU A 8 -7.06 -48.09 35.22
N ARG A 9 -8.31 -47.67 35.32
CA ARG A 9 -9.00 -47.05 34.20
C ARG A 9 -8.86 -45.54 34.19
N ARG A 10 -8.82 -44.89 35.36
CA ARG A 10 -8.53 -43.47 35.40
C ARG A 10 -7.27 -43.16 34.62
N GLU A 11 -6.28 -44.04 34.68
CA GLU A 11 -5.05 -43.83 33.93
C GLU A 11 -5.30 -43.93 32.43
N THR A 12 -6.09 -44.92 32.00
CA THR A 12 -6.40 -45.04 30.59
C THR A 12 -7.06 -43.76 30.06
N ILE A 13 -7.95 -43.17 30.85
CA ILE A 13 -8.54 -41.89 30.47
C ILE A 13 -7.44 -40.84 30.36
N MET A 14 -6.60 -40.71 31.38
CA MET A 14 -5.51 -39.76 31.34
C MET A 14 -4.58 -40.06 30.16
N GLN A 15 -4.23 -41.34 29.97
CA GLN A 15 -3.44 -41.72 28.82
C GLN A 15 -4.16 -41.45 27.51
N ALA A 16 -5.49 -41.36 27.55
CA ALA A 16 -6.26 -41.00 26.36
C ALA A 16 -6.28 -39.50 26.14
N ALA A 17 -6.25 -38.71 27.22
CA ALA A 17 -6.17 -37.27 27.09
C ALA A 17 -4.76 -36.83 26.71
N MET A 18 -3.74 -37.43 27.32
CA MET A 18 -2.37 -37.11 26.96
C MET A 18 -2.08 -37.44 25.51
N ARG A 19 -2.80 -38.40 24.94
CA ARG A 19 -2.54 -38.81 23.57
C ARG A 19 -3.12 -37.82 22.57
N VAL A 20 -4.41 -37.51 22.70
CA VAL A 20 -5.04 -36.58 21.78
C VAL A 20 -4.44 -35.19 21.91
N ALA A 21 -3.94 -34.84 23.10
CA ALA A 21 -3.35 -33.52 23.30
C ALA A 21 -2.17 -33.32 22.35
N LEU A 22 -1.35 -34.35 22.15
CA LEU A 22 -0.23 -34.24 21.22
C LEU A 22 -0.67 -34.32 19.77
N ASP A 23 -1.78 -35.00 19.50
CA ASP A 23 -2.26 -35.17 18.14
C ASP A 23 -3.15 -34.03 17.67
N GLN A 24 -4.00 -33.52 18.57
CA GLN A 24 -4.98 -32.50 18.20
C GLN A 24 -4.81 -31.19 18.93
N GLY A 25 -4.09 -31.16 20.05
CA GLY A 25 -3.94 -29.94 20.83
C GLY A 25 -5.13 -29.72 21.74
N PHE A 26 -5.06 -28.62 22.50
CA PHE A 26 -6.11 -28.32 23.46
C PHE A 26 -7.47 -28.15 22.78
N THR A 27 -7.48 -27.60 21.55
CA THR A 27 -8.74 -27.38 20.85
C THR A 27 -9.45 -28.70 20.59
N GLY A 28 -8.71 -29.78 20.38
CA GLY A 28 -9.30 -31.06 20.05
C GLY A 28 -9.37 -32.03 21.22
N MET A 29 -9.26 -31.50 22.44
CA MET A 29 -9.40 -32.34 23.64
C MET A 29 -10.84 -32.35 24.14
N THR A 30 -11.77 -32.67 23.25
CA THR A 30 -13.17 -32.78 23.60
C THR A 30 -13.44 -34.12 24.29
N VAL A 31 -14.51 -34.15 25.08
CA VAL A 31 -14.87 -35.37 25.81
C VAL A 31 -15.21 -36.50 24.83
N ARG A 32 -15.81 -36.16 23.69
CA ARG A 32 -16.22 -37.19 22.74
C ARG A 32 -15.02 -37.81 22.04
N ASN A 33 -13.99 -37.02 21.76
CA ASN A 33 -12.78 -37.56 21.14
C ASN A 33 -11.86 -38.22 22.15
N ILE A 34 -11.97 -37.85 23.43
CA ILE A 34 -11.17 -38.48 24.46
C ILE A 34 -11.76 -39.83 24.85
N ALA A 35 -13.08 -39.88 25.07
CA ALA A 35 -13.74 -41.15 25.34
C ALA A 35 -13.54 -42.13 24.20
N THR A 36 -13.47 -41.63 22.97
CA THR A 36 -13.20 -42.49 21.82
C THR A 36 -11.79 -43.06 21.88
N ALA A 37 -10.83 -42.25 22.31
CA ALA A 37 -9.44 -42.71 22.38
C ALA A 37 -9.27 -43.80 23.42
N ALA A 38 -9.87 -43.63 24.60
CA ALA A 38 -9.82 -44.66 25.62
C ALA A 38 -10.69 -45.86 25.27
N GLY A 39 -11.71 -45.67 24.44
CA GLY A 39 -12.61 -46.75 24.09
C GLY A 39 -13.75 -46.98 25.06
N VAL A 40 -14.09 -45.99 25.88
CA VAL A 40 -15.13 -46.14 26.90
C VAL A 40 -16.27 -45.18 26.61
N ALA A 41 -17.32 -45.26 27.40
CA ALA A 41 -18.43 -44.32 27.27
C ALA A 41 -18.00 -42.93 27.73
N ALA A 42 -18.71 -41.91 27.25
CA ALA A 42 -18.37 -40.54 27.60
C ALA A 42 -18.74 -40.22 29.04
N GLY A 43 -19.86 -40.76 29.53
CA GLY A 43 -20.30 -40.45 30.87
C GLY A 43 -19.27 -40.82 31.92
N GLN A 44 -18.58 -41.94 31.73
CA GLN A 44 -17.58 -42.37 32.69
C GLN A 44 -16.43 -41.39 32.84
N VAL A 45 -16.29 -40.44 31.90
CA VAL A 45 -15.23 -39.44 31.99
C VAL A 45 -15.53 -38.46 33.12
N HIS A 46 -16.76 -37.93 33.16
CA HIS A 46 -17.14 -37.02 34.25
C HIS A 46 -17.11 -37.74 35.59
N HIS A 47 -17.35 -39.05 35.60
CA HIS A 47 -17.33 -39.79 36.85
C HIS A 47 -15.94 -39.75 37.50
N HIS A 48 -14.89 -39.81 36.68
CA HIS A 48 -13.52 -39.75 37.18
C HIS A 48 -12.96 -38.34 37.21
N PHE A 49 -13.57 -37.39 36.52
CA PHE A 49 -13.11 -36.00 36.48
C PHE A 49 -14.30 -35.08 36.75
N THR A 50 -14.19 -34.29 37.82
CA THR A 50 -15.26 -33.36 38.17
C THR A 50 -15.46 -32.32 37.07
N SER A 51 -14.44 -31.51 36.81
CA SER A 51 -14.48 -30.47 35.79
C SER A 51 -13.65 -30.88 34.59
N SER A 52 -14.10 -30.46 33.41
CA SER A 52 -13.35 -30.73 32.18
C SER A 52 -12.01 -30.00 32.15
N GLY A 53 -11.86 -28.96 32.96
CA GLY A 53 -10.59 -28.25 33.03
C GLY A 53 -9.53 -29.02 33.79
N GLU A 54 -9.93 -29.65 34.90
CA GLU A 54 -8.98 -30.44 35.67
C GLU A 54 -8.36 -31.55 34.83
N LEU A 55 -9.08 -32.00 33.80
CA LEU A 55 -8.52 -33.01 32.90
C LEU A 55 -7.55 -32.38 31.91
N LYS A 56 -7.89 -31.21 31.37
CA LYS A 56 -7.01 -30.54 30.41
C LYS A 56 -5.70 -30.13 31.06
N SER A 57 -5.78 -29.53 32.26
CA SER A 57 -4.57 -29.03 32.91
C SER A 57 -3.66 -30.18 33.35
N GLN A 58 -4.22 -31.15 34.07
CA GLN A 58 -3.40 -32.25 34.58
C GLN A 58 -2.76 -33.03 33.44
N ALA A 59 -3.52 -33.34 32.39
CA ALA A 59 -2.98 -34.09 31.27
C ALA A 59 -1.77 -33.41 30.68
N PHE A 60 -1.82 -32.08 30.54
CA PHE A 60 -0.71 -31.33 29.97
C PHE A 60 0.55 -31.48 30.81
N ILE A 61 0.43 -31.36 32.13
CA ILE A 61 1.57 -31.56 33.01
C ILE A 61 2.14 -32.96 32.82
N ARG A 62 1.25 -33.96 32.67
CA ARG A 62 1.68 -35.34 32.53
C ARG A 62 2.39 -35.58 31.19
N VAL A 63 2.04 -34.81 30.17
CA VAL A 63 2.74 -34.91 28.89
C VAL A 63 4.17 -34.42 29.03
N ILE A 64 4.33 -33.22 29.62
CA ILE A 64 5.67 -32.65 29.76
C ILE A 64 6.51 -33.48 30.72
N ARG A 65 5.91 -33.95 31.81
CA ARG A 65 6.65 -34.77 32.77
C ARG A 65 7.37 -35.91 32.06
N GLU A 66 6.64 -36.68 31.25
CA GLU A 66 7.28 -37.77 30.52
C GLU A 66 8.18 -37.24 29.40
N MET A 67 7.85 -36.07 28.85
CA MET A 67 8.71 -35.47 27.84
C MET A 67 10.11 -35.26 28.38
N MET A 68 10.22 -34.71 29.60
CA MET A 68 11.52 -34.47 30.18
C MET A 68 12.25 -35.77 30.49
N ASP A 69 11.51 -36.85 30.72
CA ASP A 69 12.13 -38.15 30.95
C ASP A 69 12.63 -38.76 29.64
N LEU A 70 11.86 -38.64 28.57
CA LEU A 70 12.29 -39.15 27.27
C LEU A 70 13.65 -38.57 26.88
N GLN A 71 13.80 -37.25 27.00
CA GLN A 71 15.01 -36.57 26.57
C GLN A 71 16.15 -36.64 27.57
N ARG A 72 15.99 -37.40 28.66
CA ARG A 72 17.06 -37.58 29.62
C ARG A 72 18.08 -38.56 29.06
N LEU A 73 19.32 -38.10 28.91
CA LEU A 73 20.37 -38.91 28.30
C LEU A 73 20.97 -39.85 29.35
N SER A 74 22.10 -40.46 29.00
CA SER A 74 22.68 -41.55 29.78
C SER A 74 23.36 -41.09 31.07
N ARG A 75 23.50 -39.79 31.30
CA ARG A 75 24.14 -39.24 32.48
C ARG A 75 25.66 -39.39 32.43
N THR A 76 26.18 -40.12 31.43
CA THR A 76 27.61 -40.23 31.23
C THR A 76 28.12 -39.27 30.17
N ALA A 77 27.26 -38.84 29.25
CA ALA A 77 27.64 -37.80 28.30
C ALA A 77 28.05 -36.53 29.06
N GLY A 78 28.76 -35.66 28.36
CA GLY A 78 29.23 -34.43 28.98
C GLY A 78 28.06 -33.63 29.54
N TRP A 79 28.28 -33.05 30.73
CA TRP A 79 27.24 -32.26 31.36
C TRP A 79 26.77 -31.11 30.48
N ARG A 80 27.60 -30.65 29.54
CA ARG A 80 27.16 -29.63 28.60
C ARG A 80 26.12 -30.19 27.64
N GLU A 81 26.35 -31.40 27.12
CA GLU A 81 25.40 -32.01 26.19
C GLU A 81 24.09 -32.35 26.89
N GLN A 82 24.14 -32.62 28.20
CA GLN A 82 22.91 -32.89 28.95
C GLN A 82 22.12 -31.61 29.17
N LEU A 83 22.78 -30.57 29.68
CA LEU A 83 22.10 -29.29 29.86
C LEU A 83 21.54 -28.78 28.54
N PHE A 84 22.27 -28.98 27.45
CA PHE A 84 21.78 -28.56 26.14
C PHE A 84 20.59 -29.39 25.69
N SER A 85 20.63 -30.71 25.92
CA SER A 85 19.55 -31.58 25.46
C SER A 85 18.23 -31.26 26.16
N ALA A 86 18.30 -30.70 27.37
CA ALA A 86 17.11 -30.34 28.12
C ALA A 86 16.72 -28.88 27.96
N LEU A 87 17.37 -28.16 27.05
CA LEU A 87 17.03 -26.76 26.79
C LEU A 87 16.52 -26.54 25.38
N GLY A 88 17.29 -26.91 24.36
CA GLY A 88 16.97 -26.54 23.00
C GLY A 88 17.16 -27.64 21.97
N SER A 89 16.90 -28.89 22.35
CA SER A 89 17.07 -30.00 21.42
C SER A 89 16.29 -29.75 20.13
N GLU A 90 16.99 -29.86 19.00
CA GLU A 90 16.35 -29.75 17.69
C GLU A 90 16.03 -31.17 17.23
N ASP A 91 14.86 -31.65 17.62
CA ASP A 91 14.42 -33.00 17.30
C ASP A 91 12.99 -32.92 16.79
N GLY A 92 12.71 -33.62 15.69
CA GLY A 92 11.39 -33.57 15.10
C GLY A 92 10.31 -34.11 16.01
N ARG A 93 10.64 -35.13 16.82
CA ARG A 93 9.65 -35.75 17.67
C ARG A 93 9.21 -34.87 18.84
N LEU A 94 9.89 -33.75 19.08
CA LEU A 94 9.47 -32.85 20.15
C LEU A 94 8.37 -31.90 19.69
N GLU A 95 8.32 -31.59 18.40
CA GLU A 95 7.34 -30.63 17.87
C GLU A 95 5.95 -30.78 18.47
N PRO A 96 5.36 -31.98 18.58
CA PRO A 96 4.05 -32.08 19.25
C PRO A 96 4.08 -31.63 20.69
N TYR A 97 5.14 -31.96 21.43
CA TYR A 97 5.25 -31.48 22.81
C TYR A 97 5.38 -29.96 22.85
N ILE A 98 6.21 -29.40 21.99
CA ILE A 98 6.44 -27.96 21.98
C ILE A 98 5.17 -27.22 21.60
N ARG A 99 4.57 -27.60 20.46
CA ARG A 99 3.33 -26.96 20.01
C ARG A 99 2.30 -26.91 21.14
N LEU A 100 2.15 -28.01 21.87
CA LEU A 100 1.26 -28.01 23.02
C LEU A 100 1.76 -27.09 24.12
N TRP A 101 3.08 -26.98 24.28
CA TRP A 101 3.64 -26.12 25.32
C TRP A 101 3.52 -24.65 24.96
N ARG A 102 3.62 -24.32 23.67
CA ARG A 102 3.37 -22.96 23.24
C ARG A 102 1.92 -22.58 23.52
N GLN A 103 0.97 -23.38 23.04
CA GLN A 103 -0.44 -23.14 23.33
C GLN A 103 -0.68 -22.98 24.82
N ALA A 104 0.08 -23.69 25.65
CA ALA A 104 -0.20 -23.69 27.09
C ALA A 104 -0.02 -22.30 27.69
N GLN A 105 1.03 -21.60 27.31
CA GLN A 105 1.25 -20.25 27.84
C GLN A 105 0.28 -19.23 27.25
N LEU A 106 -0.23 -19.50 26.04
CA LEU A 106 -1.18 -18.59 25.41
C LEU A 106 -2.53 -18.63 26.13
N LEU A 107 -3.12 -19.83 26.26
CA LEU A 107 -4.38 -19.96 26.96
C LEU A 107 -4.27 -19.55 28.43
N ALA A 108 -3.05 -19.52 28.98
CA ALA A 108 -2.87 -19.16 30.38
C ALA A 108 -3.41 -17.77 30.68
N ASP A 109 -3.49 -16.90 29.68
CA ASP A 109 -4.03 -15.56 29.90
C ASP A 109 -5.53 -15.56 30.18
N SER A 110 -6.22 -16.67 29.88
CA SER A 110 -7.66 -16.73 30.00
C SER A 110 -8.19 -17.98 30.71
N ASP A 111 -7.35 -19.00 30.93
CA ASP A 111 -7.77 -20.24 31.56
C ASP A 111 -6.94 -20.44 32.83
N PRO A 112 -7.43 -20.00 33.99
CA PRO A 112 -6.62 -20.06 35.21
C PRO A 112 -6.00 -21.43 35.50
N GLU A 113 -6.66 -22.52 35.09
CA GLU A 113 -6.09 -23.84 35.37
C GLU A 113 -4.92 -24.14 34.44
N ILE A 114 -5.06 -23.82 33.15
CA ILE A 114 -3.91 -23.92 32.25
C ILE A 114 -2.81 -22.99 32.73
N LYS A 115 -3.17 -21.83 33.27
CA LYS A 115 -2.17 -20.96 33.90
C LYS A 115 -1.50 -21.66 35.07
N SER A 116 -2.27 -22.35 35.91
CA SER A 116 -1.68 -23.11 37.02
C SER A 116 -0.77 -24.20 36.50
N ALA A 117 -1.20 -24.92 35.46
CA ALA A 117 -0.38 -26.00 34.92
C ALA A 117 0.89 -25.47 34.28
N TYR A 118 0.79 -24.38 33.51
CA TYR A 118 1.96 -23.83 32.84
C TYR A 118 2.99 -23.32 33.84
N LEU A 119 2.53 -22.60 34.87
CA LEU A 119 3.44 -22.14 35.90
C LEU A 119 4.21 -23.30 36.52
N LEU A 120 3.55 -24.45 36.65
CA LEU A 120 4.18 -25.59 37.29
C LEU A 120 5.21 -26.25 36.37
N THR A 121 4.92 -26.30 35.07
CA THR A 121 5.88 -26.88 34.14
C THR A 121 7.14 -26.05 34.05
N MET A 122 7.02 -24.72 34.04
CA MET A 122 8.21 -23.87 34.02
C MET A 122 9.09 -24.14 35.23
N ASN A 123 8.47 -24.35 36.40
CA ASN A 123 9.26 -24.69 37.59
C ASN A 123 9.92 -26.05 37.45
N LEU A 124 9.19 -27.05 36.94
CA LEU A 124 9.80 -28.35 36.67
C LEU A 124 10.95 -28.21 35.68
N TRP A 125 10.71 -27.48 34.58
CA TRP A 125 11.79 -27.20 33.64
C TRP A 125 12.96 -26.53 34.34
N HIS A 126 12.67 -25.55 35.19
CA HIS A 126 13.73 -24.86 35.94
C HIS A 126 14.41 -25.81 36.92
N ASP A 127 13.61 -26.56 37.70
CA ASP A 127 14.18 -27.49 38.66
C ASP A 127 15.10 -28.50 37.99
N GLU A 128 14.83 -28.85 36.73
CA GLU A 128 15.66 -29.81 36.03
C GLU A 128 16.94 -29.18 35.51
N ALA A 129 16.89 -27.89 35.16
CA ALA A 129 18.11 -27.20 34.75
C ALA A 129 19.04 -26.98 35.94
N VAL A 130 18.47 -26.63 37.09
CA VAL A 130 19.27 -26.51 38.31
C VAL A 130 20.02 -27.81 38.58
N ARG A 131 19.36 -28.95 38.36
CA ARG A 131 19.96 -30.24 38.65
C ARG A 131 21.24 -30.45 37.83
N ILE A 132 21.15 -30.24 36.52
CA ILE A 132 22.30 -30.48 35.65
C ILE A 132 23.45 -29.55 36.04
N ILE A 133 23.14 -28.29 36.33
CA ILE A 133 24.18 -27.34 36.71
C ILE A 133 24.90 -27.81 37.98
N ARG A 134 24.13 -28.14 39.02
CA ARG A 134 24.72 -28.59 40.26
C ARG A 134 25.52 -29.87 40.07
N ALA A 135 25.03 -30.79 39.23
CA ALA A 135 25.76 -32.02 38.98
C ALA A 135 26.99 -31.77 38.12
N GLY A 136 26.89 -30.86 37.15
CA GLY A 136 28.05 -30.49 36.37
C GLY A 136 29.03 -29.62 37.15
N HIS A 137 28.51 -28.86 38.12
CA HIS A 137 29.39 -28.13 39.02
C HIS A 137 30.11 -29.07 39.98
N ALA A 138 29.45 -30.14 40.39
CA ALA A 138 30.08 -31.12 41.27
C ALA A 138 31.12 -31.94 40.53
N ALA A 139 30.84 -32.32 39.28
CA ALA A 139 31.80 -33.06 38.49
C ALA A 139 33.00 -32.21 38.09
N GLY A 140 32.90 -30.89 38.23
CA GLY A 140 34.01 -30.01 37.91
C GLY A 140 34.08 -29.58 36.46
N GLU A 141 33.02 -29.77 35.69
CA GLU A 141 33.01 -29.33 34.30
C GLU A 141 32.49 -27.92 34.13
N PHE A 142 31.50 -27.53 34.93
CA PHE A 142 30.94 -26.19 34.87
C PHE A 142 31.67 -25.27 35.84
N THR A 143 31.78 -24.01 35.46
CA THR A 143 32.32 -22.95 36.31
C THR A 143 31.18 -21.99 36.61
N LEU A 144 30.77 -21.93 37.87
CA LEU A 144 29.62 -21.15 38.28
C LEU A 144 30.07 -19.78 38.79
N ARG A 145 29.55 -18.72 38.17
CA ARG A 145 29.69 -17.37 38.69
C ARG A 145 28.38 -16.84 39.26
N ASP A 146 27.35 -17.69 39.31
CA ASP A 146 26.08 -17.35 39.93
C ASP A 146 25.40 -18.66 40.31
N SER A 147 24.41 -18.56 41.21
CA SER A 147 23.68 -19.74 41.64
C SER A 147 23.06 -20.44 40.44
N ALA A 148 22.89 -21.75 40.55
CA ALA A 148 22.25 -22.51 39.48
C ALA A 148 20.85 -21.96 39.18
N GLU A 149 20.16 -21.46 40.21
CA GLU A 149 18.81 -20.95 40.01
C GLU A 149 18.82 -19.79 39.01
N ASN A 150 19.63 -18.76 39.29
CA ASN A 150 19.68 -17.60 38.40
C ASN A 150 20.12 -17.99 36.99
N ILE A 151 21.19 -18.80 36.90
CA ILE A 151 21.67 -19.24 35.59
C ILE A 151 20.57 -19.98 34.85
N ALA A 152 19.84 -20.85 35.56
CA ALA A 152 18.78 -21.63 34.94
C ALA A 152 17.71 -20.72 34.36
N TRP A 153 17.19 -19.78 35.16
CA TRP A 153 16.17 -18.87 34.65
C TRP A 153 16.66 -18.12 33.44
N ARG A 154 17.89 -17.57 33.50
CA ARG A 154 18.42 -16.86 32.36
C ARG A 154 18.52 -17.77 31.14
N LEU A 155 18.88 -19.04 31.36
CA LEU A 155 18.97 -19.97 30.24
C LEU A 155 17.58 -20.34 29.72
N ILE A 156 16.61 -20.51 30.61
CA ILE A 156 15.24 -20.79 30.18
C ILE A 156 14.66 -19.57 29.46
N SER A 157 14.86 -18.37 30.03
CA SER A 157 14.37 -17.15 29.39
C SER A 157 14.93 -17.01 27.98
N LEU A 158 16.19 -17.43 27.79
CA LEU A 158 16.79 -17.35 26.47
C LEU A 158 16.07 -18.27 25.48
N VAL A 159 15.61 -19.43 25.94
CA VAL A 159 14.91 -20.37 25.08
C VAL A 159 13.50 -19.85 24.78
N CYS A 160 12.73 -19.58 25.85
CA CYS A 160 11.39 -19.02 25.66
C CYS A 160 11.43 -17.79 24.77
N GLY A 161 12.48 -16.97 24.91
CA GLY A 161 12.60 -15.73 24.16
C GLY A 161 12.84 -15.95 22.67
N LEU A 162 13.97 -16.56 22.32
CA LEU A 162 14.23 -16.87 20.92
C LEU A 162 13.08 -17.67 20.32
N ASP A 163 12.46 -18.54 21.11
CA ASP A 163 11.34 -19.32 20.61
C ASP A 163 10.20 -18.41 20.15
N GLY A 164 9.92 -17.36 20.93
CA GLY A 164 8.94 -16.36 20.51
C GLY A 164 9.32 -15.63 19.25
N ILE A 165 10.61 -15.56 18.93
CA ILE A 165 11.07 -14.98 17.68
C ILE A 165 11.13 -16.03 16.58
N TYR A 166 11.50 -17.26 16.93
CA TYR A 166 11.64 -18.32 15.94
C TYR A 166 10.31 -18.58 15.22
N VAL A 167 9.23 -18.73 15.98
CA VAL A 167 7.95 -19.08 15.38
C VAL A 167 7.49 -18.00 14.41
N LEU A 168 7.88 -16.74 14.64
CA LEU A 168 7.45 -15.66 13.77
C LEU A 168 7.99 -15.79 12.35
N GLY A 169 8.92 -16.70 12.11
CA GLY A 169 9.47 -16.88 10.78
C GLY A 169 10.64 -15.98 10.47
N MET A 170 11.42 -15.61 11.46
CA MET A 170 12.57 -14.74 11.23
C MET A 170 13.66 -15.52 10.52
N PRO A 171 14.19 -15.03 9.39
CA PRO A 171 15.23 -15.81 8.69
C PRO A 171 16.55 -15.86 9.44
N GLU A 172 17.00 -14.74 10.00
CA GLU A 172 18.25 -14.74 10.75
C GLU A 172 18.15 -15.54 12.04
N VAL A 173 16.96 -15.94 12.45
CA VAL A 173 16.76 -16.82 13.60
C VAL A 173 16.09 -18.08 13.06
N ASP A 174 16.90 -19.06 12.69
CA ASP A 174 16.44 -20.31 12.12
C ASP A 174 16.81 -21.46 13.06
N ASP A 175 16.50 -22.69 12.62
CA ASP A 175 16.85 -23.87 13.40
C ASP A 175 18.33 -23.88 13.76
N ALA A 176 19.19 -23.60 12.77
CA ALA A 176 20.62 -23.58 13.03
C ALA A 176 20.99 -22.42 13.96
N ALA A 177 20.51 -21.22 13.65
CA ALA A 177 20.85 -20.06 14.47
C ALA A 177 20.36 -20.23 15.90
N PHE A 178 19.14 -20.75 16.08
CA PHE A 178 18.63 -20.98 17.42
C PHE A 178 19.58 -21.85 18.22
N THR A 179 20.12 -22.90 17.60
CA THR A 179 21.11 -23.73 18.27
C THR A 179 22.33 -22.93 18.64
N ARG A 180 22.83 -22.11 17.71
CA ARG A 180 24.04 -21.33 17.95
C ARG A 180 23.88 -20.40 19.14
N HIS A 181 22.83 -19.56 19.12
CA HIS A 181 22.62 -18.63 20.22
C HIS A 181 22.50 -19.34 21.55
N LEU A 182 21.99 -20.57 21.56
CA LEU A 182 21.85 -21.31 22.81
C LEU A 182 23.20 -21.81 23.30
N GLN A 183 24.02 -22.35 22.39
CA GLN A 183 25.35 -22.78 22.77
C GLN A 183 26.18 -21.63 23.32
N HIS A 184 25.91 -20.40 22.87
CA HIS A 184 26.72 -19.26 23.28
C HIS A 184 26.50 -18.90 24.74
N VAL A 185 25.23 -18.77 25.15
CA VAL A 185 24.94 -18.37 26.53
C VAL A 185 25.40 -19.43 27.50
N ILE A 186 25.44 -20.70 27.09
CA ILE A 186 25.99 -21.74 27.94
C ILE A 186 27.48 -21.53 28.14
N GLN A 187 28.20 -21.26 27.05
CA GLN A 187 29.63 -21.00 27.14
C GLN A 187 29.93 -19.89 28.13
N LEU A 188 29.17 -18.79 28.06
CA LEU A 188 29.44 -17.63 28.91
C LEU A 188 28.97 -17.85 30.33
N GLU A 189 27.85 -18.57 30.51
CA GLU A 189 27.29 -18.72 31.84
C GLU A 189 28.08 -19.71 32.69
N LEU A 190 28.72 -20.69 32.05
CA LEU A 190 29.31 -21.82 32.77
C LEU A 190 30.75 -22.13 32.40
N PHE A 191 31.31 -21.50 31.37
CA PHE A 191 32.69 -21.75 30.95
C PHE A 191 33.38 -20.40 30.72
N SER A 192 33.99 -19.86 31.77
CA SER A 192 34.67 -18.58 31.68
C SER A 192 36.19 -18.77 31.75
N LEU B 4 -9.30 21.13 7.36
CA LEU B 4 -8.22 20.14 7.32
C LEU B 4 -8.15 19.49 5.94
N ASN B 5 -6.94 19.25 5.46
CA ASN B 5 -6.79 18.94 4.03
C ASN B 5 -7.07 17.47 3.71
N ARG B 6 -6.11 16.57 3.91
CA ARG B 6 -6.42 15.15 3.97
C ARG B 6 -5.53 14.40 4.96
N GLU B 7 -4.25 14.77 5.01
CA GLU B 7 -3.24 13.97 5.69
C GLU B 7 -3.09 14.34 7.15
N GLU B 8 -3.21 15.63 7.46
CA GLU B 8 -3.25 16.05 8.85
C GLU B 8 -4.43 15.43 9.58
N ARG B 9 -5.51 15.14 8.84
CA ARG B 9 -6.62 14.38 9.41
C ARG B 9 -6.15 13.00 9.88
N ARG B 10 -5.53 12.26 8.97
CA ARG B 10 -5.01 10.93 9.26
C ARG B 10 -4.26 10.91 10.59
N GLU B 11 -3.52 11.98 10.88
CA GLU B 11 -2.75 12.04 12.12
C GLU B 11 -3.65 12.32 13.31
N THR B 12 -4.57 13.28 13.19
CA THR B 12 -5.50 13.53 14.28
C THR B 12 -6.30 12.28 14.63
N ILE B 13 -6.49 11.39 13.65
CA ILE B 13 -7.11 10.10 13.92
C ILE B 13 -6.10 9.16 14.57
N MET B 14 -4.94 9.00 13.93
CA MET B 14 -3.95 8.05 14.40
C MET B 14 -3.55 8.31 15.85
N GLN B 15 -3.34 9.59 16.20
CA GLN B 15 -2.91 9.91 17.55
C GLN B 15 -4.01 9.64 18.56
N ALA B 16 -5.27 9.85 18.19
CA ALA B 16 -6.37 9.48 19.08
C ALA B 16 -6.36 7.99 19.37
N ALA B 17 -6.13 7.17 18.35
CA ALA B 17 -6.05 5.73 18.55
C ALA B 17 -4.89 5.38 19.48
N MET B 18 -3.79 6.12 19.40
CA MET B 18 -2.61 5.81 20.19
C MET B 18 -2.85 5.98 21.69
N ARG B 19 -3.85 6.76 22.08
CA ARG B 19 -4.18 6.86 23.50
C ARG B 19 -5.18 5.79 23.93
N VAL B 20 -6.19 5.51 23.10
CA VAL B 20 -7.11 4.43 23.41
C VAL B 20 -6.34 3.14 23.61
N ALA B 21 -5.24 2.97 22.87
CA ALA B 21 -4.37 1.81 23.09
C ALA B 21 -3.71 1.87 24.45
N LEU B 22 -3.15 3.02 24.81
CA LEU B 22 -2.50 3.17 26.11
C LEU B 22 -3.50 3.19 27.25
N ASP B 23 -4.75 3.54 26.99
CA ASP B 23 -5.74 3.70 28.05
C ASP B 23 -6.45 2.38 28.35
N GLN B 24 -6.95 1.69 27.33
CA GLN B 24 -7.77 0.51 27.51
C GLN B 24 -7.26 -0.73 26.79
N GLY B 25 -6.26 -0.60 25.93
CA GLY B 25 -5.75 -1.75 25.21
C GLY B 25 -6.51 -1.99 23.92
N PHE B 26 -6.15 -3.10 23.27
CA PHE B 26 -6.73 -3.41 21.96
C PHE B 26 -8.25 -3.58 22.04
N THR B 27 -8.74 -4.29 23.05
CA THR B 27 -10.17 -4.55 23.16
C THR B 27 -11.01 -3.28 23.25
N GLY B 28 -10.38 -2.12 23.44
CA GLY B 28 -11.10 -0.85 23.49
C GLY B 28 -10.84 0.04 22.30
N MET B 29 -10.05 -0.45 21.35
CA MET B 29 -9.72 0.31 20.14
C MET B 29 -10.74 0.08 19.03
N THR B 30 -12.01 0.27 19.36
CA THR B 30 -13.08 0.16 18.38
C THR B 30 -13.18 1.45 17.59
N VAL B 31 -13.58 1.31 16.32
CA VAL B 31 -13.69 2.49 15.44
C VAL B 31 -14.47 3.59 16.13
N ARG B 32 -15.46 3.21 16.94
CA ARG B 32 -16.28 4.21 17.61
C ARG B 32 -15.51 4.91 18.72
N ASN B 33 -14.65 4.18 19.42
CA ASN B 33 -13.87 4.79 20.49
C ASN B 33 -12.84 5.77 19.93
N ILE B 34 -12.21 5.42 18.81
CA ILE B 34 -11.27 6.35 18.18
C ILE B 34 -12.01 7.57 17.66
N ALA B 35 -13.19 7.36 17.07
CA ALA B 35 -13.97 8.49 16.58
C ALA B 35 -14.34 9.45 17.70
N THR B 36 -14.67 8.92 18.87
CA THR B 36 -15.00 9.77 20.01
C THR B 36 -13.76 10.52 20.51
N ALA B 37 -12.68 9.79 20.77
CA ALA B 37 -11.47 10.41 21.28
C ALA B 37 -10.93 11.47 20.33
N ALA B 38 -11.25 11.38 19.04
CA ALA B 38 -10.77 12.36 18.07
C ALA B 38 -11.76 13.50 17.84
N GLY B 39 -13.03 13.30 18.16
CA GLY B 39 -14.03 14.31 17.89
C GLY B 39 -14.48 14.35 16.45
N VAL B 40 -14.43 13.22 15.74
CA VAL B 40 -14.79 13.16 14.33
C VAL B 40 -15.91 12.13 14.17
N ALA B 41 -16.65 12.29 13.07
CA ALA B 41 -17.71 11.35 12.75
C ALA B 41 -17.15 9.93 12.64
N ALA B 42 -17.94 8.95 13.11
CA ALA B 42 -17.49 7.57 13.08
C ALA B 42 -17.31 7.08 11.64
N GLY B 43 -18.17 7.52 10.73
CA GLY B 43 -18.03 7.13 9.34
C GLY B 43 -16.78 7.68 8.69
N GLN B 44 -16.33 8.86 9.12
CA GLN B 44 -15.11 9.45 8.56
C GLN B 44 -13.87 8.63 8.91
N VAL B 45 -13.93 7.83 9.97
CA VAL B 45 -12.77 7.03 10.37
C VAL B 45 -12.48 5.95 9.34
N HIS B 46 -13.53 5.26 8.86
CA HIS B 46 -13.34 4.26 7.82
C HIS B 46 -12.64 4.85 6.60
N HIS B 47 -12.76 6.17 6.40
CA HIS B 47 -12.12 6.82 5.26
C HIS B 47 -10.60 6.65 5.30
N HIS B 48 -10.03 6.56 6.50
CA HIS B 48 -8.62 6.27 6.67
C HIS B 48 -8.46 4.95 7.42
N PHE B 49 -7.42 4.21 7.06
CA PHE B 49 -7.06 2.99 7.78
C PHE B 49 -8.24 2.03 7.85
N THR B 50 -8.60 1.52 6.67
CA THR B 50 -9.66 0.52 6.55
C THR B 50 -9.46 -0.61 7.54
N SER B 51 -10.49 -1.43 7.77
CA SER B 51 -10.26 -2.68 8.46
C SER B 51 -9.74 -2.50 9.88
N SER B 52 -10.64 -2.21 10.82
CA SER B 52 -10.26 -1.96 12.21
C SER B 52 -8.98 -2.69 12.61
N GLY B 53 -8.81 -3.94 12.17
CA GLY B 53 -7.55 -4.62 12.35
C GLY B 53 -6.34 -3.78 11.99
N GLU B 54 -6.46 -2.94 10.96
CA GLU B 54 -5.35 -2.10 10.54
C GLU B 54 -5.14 -0.92 11.46
N LEU B 55 -6.22 -0.27 11.91
CA LEU B 55 -6.11 0.87 12.81
C LEU B 55 -5.83 0.45 14.24
N LYS B 56 -5.47 -0.81 14.47
CA LYS B 56 -4.95 -1.26 15.75
C LYS B 56 -3.59 -1.91 15.65
N SER B 57 -3.20 -2.41 14.47
CA SER B 57 -1.83 -2.82 14.20
C SER B 57 -0.99 -1.65 13.72
N GLN B 58 -1.53 -0.85 12.79
CA GLN B 58 -0.83 0.34 12.35
C GLN B 58 -0.67 1.34 13.49
N ALA B 59 -1.62 1.36 14.43
CA ALA B 59 -1.51 2.24 15.59
C ALA B 59 -0.54 1.68 16.61
N PHE B 60 -0.59 0.37 16.83
CA PHE B 60 0.30 -0.26 17.80
C PHE B 60 1.76 0.06 17.52
N ILE B 61 2.14 0.09 16.23
CA ILE B 61 3.51 0.43 15.86
C ILE B 61 3.86 1.83 16.36
N ARG B 62 3.02 2.81 16.02
CA ARG B 62 3.30 4.19 16.43
C ARG B 62 3.44 4.31 17.94
N VAL B 63 2.73 3.47 18.70
CA VAL B 63 2.90 3.48 20.15
C VAL B 63 4.30 3.01 20.52
N ILE B 64 4.77 1.93 19.89
CA ILE B 64 6.12 1.45 20.15
C ILE B 64 7.15 2.47 19.69
N ARG B 65 7.03 2.95 18.46
CA ARG B 65 7.95 3.99 17.99
C ARG B 65 8.03 5.14 18.98
N GLU B 66 6.88 5.54 19.55
CA GLU B 66 6.92 6.55 20.60
C GLU B 66 7.67 6.05 21.81
N MET B 67 7.54 4.75 22.13
CA MET B 67 8.28 4.18 23.25
C MET B 67 9.77 4.22 22.98
N MET B 68 10.19 3.88 21.76
CA MET B 68 11.61 3.86 21.44
C MET B 68 12.22 5.26 21.56
N ASP B 69 11.41 6.30 21.35
CA ASP B 69 11.90 7.68 21.39
C ASP B 69 11.85 8.27 22.78
N LEU B 70 10.91 7.86 23.62
CA LEU B 70 10.86 8.32 25.01
C LEU B 70 11.92 7.66 25.88
N GLN B 71 12.70 6.74 25.33
CA GLN B 71 13.81 6.14 26.06
C GLN B 71 15.16 6.65 25.60
N ARG B 72 15.26 7.23 24.40
CA ARG B 72 16.53 7.78 23.96
C ARG B 72 16.93 8.91 24.89
N LEU B 73 17.92 8.65 25.74
CA LEU B 73 18.32 9.51 26.83
C LEU B 73 19.69 10.11 26.53
N SER B 74 20.24 10.81 27.53
CA SER B 74 21.52 11.49 27.39
C SER B 74 22.55 10.60 26.72
N ARG B 75 23.05 11.05 25.57
CA ARG B 75 24.03 10.27 24.83
C ARG B 75 25.34 10.15 25.59
N THR B 76 25.72 11.18 26.34
CA THR B 76 26.96 11.13 27.11
C THR B 76 26.89 10.14 28.26
N ALA B 77 25.71 9.60 28.56
CA ALA B 77 25.58 8.55 29.57
C ALA B 77 26.27 7.27 29.09
N GLY B 78 26.77 6.49 30.05
CA GLY B 78 27.47 5.27 29.73
C GLY B 78 26.67 4.39 28.79
N TRP B 79 27.33 3.85 27.76
CA TRP B 79 26.63 2.98 26.83
C TRP B 79 25.96 1.81 27.53
N ARG B 80 26.43 1.43 28.72
CA ARG B 80 25.69 0.46 29.53
C ARG B 80 24.38 1.06 30.01
N GLU B 81 24.41 2.31 30.50
CA GLU B 81 23.18 2.95 30.94
C GLU B 81 22.18 3.08 29.80
N GLN B 82 22.66 3.41 28.60
CA GLN B 82 21.79 3.50 27.45
C GLN B 82 21.18 2.15 27.09
N LEU B 83 22.03 1.13 26.97
CA LEU B 83 21.54 -0.18 26.53
C LEU B 83 20.51 -0.74 27.48
N PHE B 84 20.75 -0.61 28.80
CA PHE B 84 19.79 -1.13 29.77
C PHE B 84 18.43 -0.46 29.63
N SER B 85 18.40 0.88 29.68
CA SER B 85 17.14 1.60 29.55
C SER B 85 16.44 1.27 28.24
N ALA B 86 17.20 0.93 27.20
CA ALA B 86 16.63 0.57 25.92
C ALA B 86 16.18 -0.90 25.85
N LEU B 87 16.37 -1.66 26.92
CA LEU B 87 15.96 -3.06 26.96
C LEU B 87 15.01 -3.39 28.10
N GLY B 88 15.24 -2.83 29.29
CA GLY B 88 14.49 -3.23 30.46
C GLY B 88 14.10 -2.09 31.38
N SER B 89 13.84 -0.91 30.81
CA SER B 89 13.55 0.26 31.64
C SER B 89 12.40 -0.02 32.58
N GLU B 90 12.51 0.48 33.81
CA GLU B 90 11.51 0.31 34.85
C GLU B 90 10.70 1.57 35.09
N ASP B 91 10.68 2.49 34.13
CA ASP B 91 9.94 3.74 34.32
C ASP B 91 8.46 3.45 34.42
N GLY B 92 7.80 4.04 35.41
CA GLY B 92 6.38 3.85 35.58
C GLY B 92 5.56 4.35 34.40
N ARG B 93 6.10 5.34 33.68
CA ARG B 93 5.37 5.91 32.55
C ARG B 93 5.25 4.93 31.39
N LEU B 94 6.12 3.93 31.32
CA LEU B 94 6.11 2.98 30.21
C LEU B 94 5.20 1.79 30.46
N GLU B 95 4.68 1.63 31.67
CA GLU B 95 3.78 0.50 31.97
C GLU B 95 2.68 0.34 30.94
N PRO B 96 1.97 1.37 30.50
CA PRO B 96 0.97 1.17 29.44
C PRO B 96 1.59 0.77 28.11
N TYR B 97 2.78 1.30 27.79
CA TYR B 97 3.44 0.88 26.56
C TYR B 97 3.78 -0.60 26.59
N ILE B 98 4.32 -1.08 27.73
CA ILE B 98 4.62 -2.50 27.86
C ILE B 98 3.33 -3.32 27.88
N ARG B 99 2.33 -2.85 28.62
CA ARG B 99 1.05 -3.56 28.70
C ARG B 99 0.48 -3.82 27.30
N LEU B 100 0.49 -2.80 26.44
CA LEU B 100 0.02 -2.98 25.08
C LEU B 100 0.93 -3.91 24.28
N TRP B 101 2.23 -3.88 24.56
CA TRP B 101 3.15 -4.77 23.85
C TRP B 101 2.94 -6.20 24.28
N ARG B 102 2.89 -6.46 25.58
CA ARG B 102 2.52 -7.78 26.08
C ARG B 102 1.20 -8.22 25.45
N GLN B 103 0.20 -7.33 25.47
CA GLN B 103 -1.10 -7.65 24.90
C GLN B 103 -0.99 -8.01 23.42
N ALA B 104 -0.23 -7.22 22.65
CA ALA B 104 -0.14 -7.45 21.22
C ALA B 104 0.51 -8.79 20.91
N GLN B 105 1.42 -9.25 21.77
CA GLN B 105 2.11 -10.51 21.50
C GLN B 105 1.13 -11.68 21.45
N LEU B 106 0.15 -11.69 22.35
CA LEU B 106 -0.83 -12.77 22.36
C LEU B 106 -1.75 -12.68 21.14
N LEU B 107 -2.31 -11.49 20.89
CA LEU B 107 -3.27 -11.35 19.79
C LEU B 107 -2.67 -11.78 18.47
N ALA B 108 -1.34 -11.71 18.34
CA ALA B 108 -0.70 -12.10 17.08
C ALA B 108 -0.95 -13.56 16.73
N ASP B 109 -1.41 -14.36 17.69
CA ASP B 109 -1.75 -15.75 17.41
C ASP B 109 -2.99 -15.86 16.54
N SER B 110 -4.06 -15.18 16.94
CA SER B 110 -5.33 -15.24 16.22
C SER B 110 -5.59 -14.00 15.36
N ASP B 111 -4.55 -13.29 14.98
CA ASP B 111 -4.69 -12.09 14.14
C ASP B 111 -3.42 -11.88 13.33
N PRO B 112 -3.30 -12.54 12.18
CA PRO B 112 -2.13 -12.34 11.32
C PRO B 112 -1.82 -10.88 11.03
N GLU B 113 -2.82 -10.00 11.07
CA GLU B 113 -2.56 -8.58 10.86
C GLU B 113 -1.62 -8.04 11.92
N ILE B 114 -1.88 -8.36 13.19
CA ILE B 114 -0.98 -7.98 14.27
C ILE B 114 0.38 -8.63 14.08
N LYS B 115 0.38 -9.94 13.83
CA LYS B 115 1.64 -10.69 13.71
C LYS B 115 2.62 -9.97 12.79
N SER B 116 2.17 -9.56 11.61
CA SER B 116 3.04 -8.81 10.71
C SER B 116 3.58 -7.56 11.40
N ALA B 117 2.76 -6.91 12.23
CA ALA B 117 3.19 -5.70 12.91
C ALA B 117 4.11 -6.01 14.08
N TYR B 118 3.72 -6.98 14.91
CA TYR B 118 4.58 -7.38 16.03
C TYR B 118 5.95 -7.80 15.52
N LEU B 119 5.99 -8.47 14.36
CA LEU B 119 7.27 -8.82 13.75
C LEU B 119 8.07 -7.56 13.43
N LEU B 120 7.39 -6.48 13.02
CA LEU B 120 8.09 -5.27 12.61
C LEU B 120 8.67 -4.53 13.81
N THR B 121 7.98 -4.56 14.95
CA THR B 121 8.51 -3.92 16.15
C THR B 121 9.75 -4.63 16.64
N MET B 122 9.70 -5.97 16.72
CA MET B 122 10.88 -6.73 17.10
C MET B 122 12.08 -6.32 16.26
N ASN B 123 11.87 -6.02 14.98
CA ASN B 123 12.95 -5.51 14.15
C ASN B 123 13.32 -4.09 14.55
N LEU B 124 12.34 -3.26 14.91
CA LEU B 124 12.64 -1.93 15.40
C LEU B 124 13.38 -2.01 16.73
N TRP B 125 12.88 -2.83 17.65
CA TRP B 125 13.58 -3.03 18.91
C TRP B 125 14.99 -3.59 18.68
N HIS B 126 15.14 -4.42 17.65
CA HIS B 126 16.44 -5.00 17.33
C HIS B 126 17.36 -3.96 16.70
N ASP B 127 16.88 -3.26 15.67
CA ASP B 127 17.69 -2.25 15.01
C ASP B 127 18.14 -1.15 15.95
N GLU B 128 17.40 -0.92 17.04
CA GLU B 128 17.82 0.08 18.02
C GLU B 128 18.94 -0.44 18.90
N ALA B 129 18.82 -1.69 19.37
CA ALA B 129 19.88 -2.27 20.19
C ALA B 129 21.17 -2.41 19.39
N VAL B 130 21.08 -2.85 18.14
CA VAL B 130 22.26 -2.97 17.30
C VAL B 130 22.96 -1.62 17.20
N ARG B 131 22.20 -0.55 17.05
CA ARG B 131 22.80 0.78 16.99
C ARG B 131 23.62 1.06 18.25
N ILE B 132 23.02 0.84 19.42
CA ILE B 132 23.72 1.12 20.68
C ILE B 132 24.90 0.17 20.86
N ILE B 133 24.74 -1.09 20.45
CA ILE B 133 25.84 -2.05 20.55
C ILE B 133 26.99 -1.61 19.66
N ARG B 134 26.70 -1.35 18.38
CA ARG B 134 27.74 -0.87 17.47
C ARG B 134 28.32 0.45 17.98
N ALA B 135 27.46 1.38 18.37
CA ALA B 135 27.93 2.69 18.82
C ALA B 135 28.85 2.55 20.02
N GLY B 136 28.46 1.76 21.01
CA GLY B 136 29.32 1.52 22.15
C GLY B 136 30.62 0.84 21.75
N HIS B 137 30.54 -0.07 20.78
CA HIS B 137 31.74 -0.75 20.29
C HIS B 137 32.66 0.25 19.58
N ALA B 138 32.09 1.14 18.78
CA ALA B 138 32.89 2.15 18.10
C ALA B 138 33.47 3.16 19.08
N ALA B 139 32.73 3.46 20.16
CA ALA B 139 33.26 4.38 21.16
C ALA B 139 34.40 3.76 21.94
N GLY B 140 34.41 2.44 22.10
CA GLY B 140 35.45 1.74 22.80
C GLY B 140 35.08 1.23 24.18
N GLU B 141 33.81 1.27 24.55
CA GLU B 141 33.40 0.76 25.85
C GLU B 141 32.93 -0.68 25.79
N PHE B 142 32.34 -1.09 24.67
CA PHE B 142 31.86 -2.46 24.50
C PHE B 142 32.93 -3.33 23.86
N THR B 143 33.17 -4.49 24.45
CA THR B 143 34.00 -5.53 23.85
C THR B 143 33.07 -6.60 23.29
N LEU B 144 33.10 -6.79 21.98
CA LEU B 144 32.19 -7.70 21.28
C LEU B 144 32.89 -9.01 21.03
N ARG B 145 32.43 -10.07 21.70
CA ARG B 145 32.87 -11.43 21.40
C ARG B 145 32.02 -12.09 20.33
N ASP B 146 31.03 -11.38 19.79
CA ASP B 146 30.18 -11.90 18.73
C ASP B 146 29.56 -10.71 18.01
N SER B 147 28.94 -10.98 16.86
CA SER B 147 28.34 -9.91 16.07
C SER B 147 27.28 -9.18 16.89
N ALA B 148 27.19 -7.87 16.66
CA ALA B 148 26.20 -7.07 17.37
C ALA B 148 24.78 -7.62 17.17
N GLU B 149 24.49 -8.10 15.96
CA GLU B 149 23.17 -8.64 15.67
C GLU B 149 22.86 -9.82 16.59
N ASN B 150 23.78 -10.79 16.66
CA ASN B 150 23.58 -11.94 17.53
C ASN B 150 23.38 -11.48 18.97
N ILE B 151 24.23 -10.55 19.45
CA ILE B 151 24.09 -10.04 20.80
C ILE B 151 22.73 -9.36 20.98
N ALA B 152 22.28 -8.63 19.95
CA ALA B 152 21.03 -7.91 20.04
C ALA B 152 19.85 -8.87 20.15
N TRP B 153 19.86 -9.97 19.39
CA TRP B 153 18.76 -10.92 19.46
C TRP B 153 18.76 -11.66 20.79
N ARG B 154 19.95 -12.03 21.29
CA ARG B 154 20.01 -12.81 22.52
C ARG B 154 19.53 -12.01 23.72
N LEU B 155 19.86 -10.73 23.79
CA LEU B 155 19.42 -9.91 24.91
C LEU B 155 17.91 -9.69 24.85
N ILE B 156 17.38 -9.37 23.67
CA ILE B 156 15.93 -9.24 23.52
C ILE B 156 15.24 -10.51 24.00
N SER B 157 15.72 -11.67 23.54
CA SER B 157 15.15 -12.93 23.97
C SER B 157 15.18 -13.06 25.48
N LEU B 158 16.24 -12.54 26.12
CA LEU B 158 16.30 -12.57 27.58
C LEU B 158 15.18 -11.73 28.19
N VAL B 159 14.95 -10.54 27.64
CA VAL B 159 13.90 -9.66 28.16
C VAL B 159 12.54 -10.31 27.98
N CYS B 160 12.17 -10.60 26.73
CA CYS B 160 10.91 -11.27 26.46
C CYS B 160 10.77 -12.53 27.31
N GLY B 161 11.78 -13.39 27.28
CA GLY B 161 11.70 -14.63 28.05
C GLY B 161 11.45 -14.39 29.53
N LEU B 162 12.19 -13.46 30.12
CA LEU B 162 12.00 -13.17 31.54
C LEU B 162 10.65 -12.53 31.78
N ASP B 163 10.23 -11.60 30.91
CA ASP B 163 8.90 -11.02 31.05
C ASP B 163 7.84 -12.12 31.09
N GLY B 164 7.98 -13.13 30.23
CA GLY B 164 7.04 -14.23 30.25
C GLY B 164 6.95 -14.92 31.60
N ILE B 165 8.04 -14.90 32.36
CA ILE B 165 8.05 -15.50 33.69
C ILE B 165 7.63 -14.50 34.75
N TYR B 166 8.04 -13.23 34.59
CA TYR B 166 7.71 -12.20 35.56
C TYR B 166 6.20 -12.02 35.70
N VAL B 167 5.47 -12.19 34.60
CA VAL B 167 4.02 -11.96 34.62
C VAL B 167 3.29 -13.10 35.32
N LEU B 168 3.87 -14.31 35.32
CA LEU B 168 3.22 -15.43 36.00
C LEU B 168 3.03 -15.16 37.48
N GLY B 169 3.94 -14.41 38.09
CA GLY B 169 3.88 -14.11 39.50
C GLY B 169 5.00 -14.70 40.33
N MET B 170 6.06 -15.19 39.71
CA MET B 170 7.18 -15.76 40.44
C MET B 170 7.78 -14.72 41.37
N PRO B 171 7.83 -14.96 42.68
CA PRO B 171 8.48 -13.98 43.56
C PRO B 171 9.98 -13.90 43.35
N GLU B 172 10.64 -15.02 43.10
CA GLU B 172 12.07 -15.03 42.84
C GLU B 172 12.42 -14.37 41.50
N VAL B 173 11.43 -14.01 40.70
CA VAL B 173 11.63 -13.26 39.46
C VAL B 173 10.71 -12.05 39.51
N ASP B 174 11.20 -10.94 40.05
CA ASP B 174 10.43 -9.71 40.17
C ASP B 174 11.24 -8.54 39.61
N ASP B 175 10.79 -7.32 39.83
CA ASP B 175 11.49 -6.13 39.32
C ASP B 175 13.00 -6.24 39.56
N ALA B 176 13.39 -6.35 40.83
CA ALA B 176 14.82 -6.38 41.16
C ALA B 176 15.53 -7.52 40.47
N ALA B 177 14.97 -8.73 40.53
CA ALA B 177 15.59 -9.88 39.89
C ALA B 177 15.60 -9.73 38.37
N PHE B 178 14.52 -9.18 37.81
CA PHE B 178 14.48 -8.92 36.37
C PHE B 178 15.60 -7.96 35.97
N THR B 179 16.04 -7.10 36.89
CA THR B 179 17.14 -6.18 36.60
C THR B 179 18.48 -6.89 36.76
N ARG B 180 18.66 -7.62 37.86
CA ARG B 180 19.91 -8.33 38.10
C ARG B 180 20.28 -9.21 36.90
N HIS B 181 19.35 -10.07 36.48
CA HIS B 181 19.62 -10.96 35.36
C HIS B 181 20.05 -10.18 34.14
N LEU B 182 19.30 -9.14 33.79
CA LEU B 182 19.60 -8.38 32.57
C LEU B 182 20.99 -7.75 32.65
N GLN B 183 21.24 -6.96 33.70
CA GLN B 183 22.57 -6.36 33.87
C GLN B 183 23.65 -7.44 33.88
N HIS B 184 23.35 -8.59 34.47
CA HIS B 184 24.30 -9.70 34.47
C HIS B 184 24.66 -10.10 33.04
N VAL B 185 23.66 -10.43 32.24
CA VAL B 185 23.90 -10.90 30.87
C VAL B 185 24.67 -9.87 30.07
N ILE B 186 24.38 -8.59 30.29
CA ILE B 186 25.09 -7.53 29.55
C ILE B 186 26.58 -7.61 29.82
N GLN B 187 26.96 -7.99 31.04
CA GLN B 187 28.38 -8.12 31.36
C GLN B 187 28.99 -9.30 30.60
N LEU B 188 28.26 -10.39 30.47
CA LEU B 188 28.79 -11.57 29.79
C LEU B 188 28.87 -11.35 28.28
N GLU B 189 28.02 -10.49 27.74
CA GLU B 189 27.97 -10.28 26.29
C GLU B 189 28.89 -9.16 25.82
N LEU B 190 29.23 -8.21 26.68
CA LEU B 190 29.97 -7.02 26.28
C LEU B 190 31.15 -6.66 27.15
N PHE B 191 31.33 -7.33 28.29
CA PHE B 191 32.39 -6.98 29.25
C PHE B 191 33.10 -8.23 29.74
N SER B 192 33.47 -9.11 28.81
CA SER B 192 34.20 -10.32 29.15
C SER B 192 35.63 -9.99 29.54
N ARG C 6 -28.09 -56.98 9.75
CA ARG C 6 -28.79 -55.70 9.86
C ARG C 6 -28.09 -54.64 9.00
N GLU C 7 -26.78 -54.81 8.82
CA GLU C 7 -26.04 -53.93 7.93
C GLU C 7 -26.31 -54.22 6.46
N GLU C 8 -26.87 -55.39 6.15
CA GLU C 8 -27.15 -55.74 4.77
C GLU C 8 -28.33 -54.95 4.22
N ARG C 9 -29.32 -54.65 5.07
CA ARG C 9 -30.54 -54.00 4.62
C ARG C 9 -30.48 -52.49 4.71
N ARG C 10 -29.80 -51.94 5.71
CA ARG C 10 -29.67 -50.48 5.81
C ARG C 10 -28.93 -49.93 4.59
N GLU C 11 -27.83 -50.57 4.20
CA GLU C 11 -27.05 -50.07 3.08
C GLU C 11 -27.87 -50.05 1.79
N THR C 12 -28.64 -51.11 1.54
CA THR C 12 -29.50 -51.14 0.36
C THR C 12 -30.40 -49.92 0.32
N ILE C 13 -31.09 -49.65 1.44
CA ILE C 13 -31.95 -48.46 1.51
C ILE C 13 -31.11 -47.20 1.35
N MET C 14 -29.93 -47.17 1.98
CA MET C 14 -29.05 -46.02 1.87
C MET C 14 -28.61 -45.80 0.43
N GLN C 15 -28.15 -46.88 -0.23
CA GLN C 15 -27.74 -46.78 -1.61
C GLN C 15 -28.87 -46.32 -2.51
N ALA C 16 -30.12 -46.64 -2.15
CA ALA C 16 -31.26 -46.17 -2.92
C ALA C 16 -31.43 -44.66 -2.78
N ALA C 17 -31.54 -44.18 -1.54
CA ALA C 17 -31.64 -42.75 -1.31
C ALA C 17 -30.51 -42.00 -2.00
N MET C 18 -29.29 -42.54 -1.91
CA MET C 18 -28.17 -41.95 -2.62
C MET C 18 -28.45 -41.87 -4.12
N ARG C 19 -28.72 -43.02 -4.72
CA ARG C 19 -28.93 -43.11 -6.16
C ARG C 19 -30.29 -42.56 -6.60
N VAL C 20 -31.17 -42.26 -5.66
CA VAL C 20 -32.35 -41.44 -5.96
C VAL C 20 -32.03 -39.96 -5.78
N ALA C 21 -31.16 -39.63 -4.83
CA ALA C 21 -30.76 -38.24 -4.62
C ALA C 21 -30.09 -37.66 -5.86
N LEU C 22 -29.44 -38.50 -6.66
CA LEU C 22 -28.78 -38.02 -7.87
C LEU C 22 -29.76 -37.80 -9.01
N ASP C 23 -30.84 -38.60 -9.08
CA ASP C 23 -31.78 -38.49 -10.18
C ASP C 23 -32.89 -37.47 -9.92
N GLN C 24 -33.39 -37.40 -8.69
CA GLN C 24 -34.54 -36.56 -8.38
C GLN C 24 -34.25 -35.47 -7.36
N GLY C 25 -33.29 -35.66 -6.46
CA GLY C 25 -32.92 -34.64 -5.51
C GLY C 25 -33.79 -34.63 -4.27
N PHE C 26 -33.51 -33.64 -3.41
CA PHE C 26 -34.26 -33.51 -2.17
C PHE C 26 -35.76 -33.47 -2.42
N THR C 27 -36.18 -32.97 -3.58
CA THR C 27 -37.60 -32.95 -3.91
C THR C 27 -38.18 -34.36 -3.93
N GLY C 28 -37.45 -35.31 -4.52
CA GLY C 28 -37.91 -36.67 -4.64
C GLY C 28 -37.45 -37.61 -3.56
N MET C 29 -36.72 -37.11 -2.55
CA MET C 29 -36.22 -37.97 -1.48
C MET C 29 -37.26 -38.05 -0.37
N THR C 30 -38.33 -38.78 -0.66
CA THR C 30 -39.35 -39.12 0.31
C THR C 30 -39.34 -40.63 0.55
N VAL C 31 -39.82 -41.02 1.72
CA VAL C 31 -39.80 -42.43 2.10
C VAL C 31 -40.50 -43.30 1.06
N ARG C 32 -41.46 -42.72 0.34
CA ARG C 32 -42.25 -43.50 -0.61
C ARG C 32 -41.42 -43.87 -1.84
N ASN C 33 -40.89 -42.85 -2.53
CA ASN C 33 -40.09 -43.11 -3.72
C ASN C 33 -38.91 -44.01 -3.41
N ILE C 34 -38.35 -43.91 -2.20
CA ILE C 34 -37.25 -44.79 -1.82
C ILE C 34 -37.76 -46.20 -1.59
N ALA C 35 -38.88 -46.34 -0.88
CA ALA C 35 -39.49 -47.66 -0.71
C ALA C 35 -39.80 -48.30 -2.05
N THR C 36 -40.30 -47.51 -3.00
CA THR C 36 -40.53 -48.03 -4.35
C THR C 36 -39.20 -48.35 -5.03
N ALA C 37 -38.23 -47.43 -4.95
CA ALA C 37 -36.92 -47.69 -5.52
C ALA C 37 -36.22 -48.83 -4.82
N ALA C 38 -36.55 -49.07 -3.55
CA ALA C 38 -35.95 -50.17 -2.79
C ALA C 38 -36.60 -51.51 -3.06
N GLY C 39 -37.74 -51.53 -3.75
CA GLY C 39 -38.44 -52.78 -4.00
C GLY C 39 -39.12 -53.38 -2.79
N VAL C 40 -39.19 -52.65 -1.68
CA VAL C 40 -39.77 -53.15 -0.45
C VAL C 40 -40.90 -52.23 -0.02
N ALA C 41 -41.57 -52.57 1.08
CA ALA C 41 -42.65 -51.75 1.59
C ALA C 41 -42.11 -50.44 2.16
N ALA C 42 -43.03 -49.53 2.47
CA ALA C 42 -42.69 -48.25 3.06
C ALA C 42 -42.61 -48.31 4.58
N GLY C 43 -42.70 -49.50 5.17
CA GLY C 43 -42.71 -49.63 6.61
C GLY C 43 -41.33 -49.82 7.21
N GLN C 44 -40.50 -50.64 6.58
CA GLN C 44 -39.17 -50.94 7.12
C GLN C 44 -38.14 -49.86 6.83
N VAL C 45 -38.53 -48.75 6.19
CA VAL C 45 -37.64 -47.61 6.08
C VAL C 45 -37.60 -46.84 7.39
N HIS C 46 -38.78 -46.62 8.00
CA HIS C 46 -38.82 -46.11 9.36
C HIS C 46 -38.13 -47.06 10.34
N HIS C 47 -37.98 -48.32 9.96
CA HIS C 47 -37.31 -49.30 10.80
C HIS C 47 -35.79 -49.11 10.83
N HIS C 48 -35.23 -48.47 9.81
CA HIS C 48 -33.80 -48.18 9.75
C HIS C 48 -33.47 -46.71 9.91
N PHE C 49 -34.39 -45.80 9.59
CA PHE C 49 -34.15 -44.37 9.70
C PHE C 49 -35.31 -43.75 10.48
N THR C 50 -34.96 -43.03 11.56
CA THR C 50 -35.98 -42.47 12.43
C THR C 50 -36.75 -41.35 11.74
N SER C 51 -36.03 -40.32 11.31
CA SER C 51 -36.62 -39.15 10.69
C SER C 51 -36.43 -39.19 9.18
N SER C 52 -37.27 -38.43 8.47
CA SER C 52 -37.05 -38.23 7.04
C SER C 52 -35.91 -37.25 6.80
N GLY C 53 -35.82 -36.21 7.63
CA GLY C 53 -34.69 -35.30 7.53
C GLY C 53 -33.37 -36.00 7.79
N GLU C 54 -33.36 -36.93 8.75
CA GLU C 54 -32.15 -37.70 9.03
C GLU C 54 -31.71 -38.49 7.81
N LEU C 55 -32.64 -39.19 7.17
CA LEU C 55 -32.30 -39.92 5.95
C LEU C 55 -31.79 -38.97 4.88
N LYS C 56 -32.51 -37.87 4.64
CA LYS C 56 -32.05 -36.89 3.67
C LYS C 56 -30.71 -36.30 4.07
N SER C 57 -30.41 -36.29 5.37
CA SER C 57 -29.12 -35.78 5.85
C SER C 57 -28.02 -36.83 5.63
N GLN C 58 -28.20 -38.02 6.20
CA GLN C 58 -27.19 -39.06 6.09
C GLN C 58 -26.93 -39.44 4.63
N ALA C 59 -27.99 -39.45 3.81
CA ALA C 59 -27.83 -39.83 2.41
C ALA C 59 -27.10 -38.75 1.63
N PHE C 60 -27.51 -37.48 1.80
CA PHE C 60 -26.82 -36.39 1.12
C PHE C 60 -25.32 -36.42 1.40
N ILE C 61 -24.94 -36.76 2.64
CA ILE C 61 -23.52 -36.83 2.99
C ILE C 61 -22.85 -37.94 2.18
N ARG C 62 -23.46 -39.13 2.16
CA ARG C 62 -22.88 -40.25 1.42
C ARG C 62 -22.64 -39.89 -0.03
N VAL C 63 -23.52 -39.07 -0.61
CA VAL C 63 -23.36 -38.67 -2.01
C VAL C 63 -22.08 -37.86 -2.19
N ILE C 64 -21.90 -36.82 -1.37
CA ILE C 64 -20.72 -35.97 -1.49
C ILE C 64 -19.47 -36.77 -1.17
N ARG C 65 -19.52 -37.56 -0.09
CA ARG C 65 -18.40 -38.46 0.20
C ARG C 65 -18.06 -39.29 -1.02
N GLU C 66 -19.07 -39.83 -1.70
CA GLU C 66 -18.81 -40.64 -2.88
C GLU C 66 -18.17 -39.83 -4.00
N MET C 67 -18.52 -38.54 -4.10
CA MET C 67 -17.90 -37.70 -5.13
C MET C 67 -16.42 -37.49 -4.84
N MET C 68 -16.07 -37.32 -3.57
CA MET C 68 -14.68 -37.09 -3.22
C MET C 68 -13.85 -38.37 -3.35
N ASP C 69 -14.47 -39.53 -3.10
CA ASP C 69 -13.77 -40.79 -3.33
C ASP C 69 -13.57 -41.06 -4.82
N LEU C 70 -14.58 -40.74 -5.64
CA LEU C 70 -14.42 -40.86 -7.08
C LEU C 70 -13.30 -39.97 -7.58
N GLN C 71 -13.23 -38.74 -7.10
CA GLN C 71 -12.18 -37.82 -7.49
C GLN C 71 -10.84 -38.17 -6.86
N ARG C 72 -10.85 -38.95 -5.78
CA ARG C 72 -9.63 -39.24 -5.05
C ARG C 72 -8.67 -40.10 -5.88
N LEU C 73 -9.17 -40.88 -6.82
CA LEU C 73 -8.32 -41.68 -7.70
C LEU C 73 -7.77 -40.76 -8.80
N SER C 74 -6.90 -39.85 -8.37
CA SER C 74 -6.34 -38.86 -9.27
C SER C 74 -5.36 -39.44 -10.28
N ARG C 75 -4.91 -40.69 -10.09
CA ARG C 75 -4.10 -41.39 -11.07
C ARG C 75 -2.79 -40.63 -11.36
N THR C 76 -1.94 -40.61 -10.33
CA THR C 76 -0.57 -40.11 -10.43
C THR C 76 -0.51 -38.72 -11.04
N ALA C 77 -1.49 -37.88 -10.69
CA ALA C 77 -1.50 -36.50 -11.13
C ALA C 77 -0.63 -35.64 -10.21
N GLY C 78 -0.10 -34.56 -10.77
CA GLY C 78 0.70 -33.63 -9.99
C GLY C 78 -0.10 -33.04 -8.84
N TRP C 79 0.63 -32.50 -7.86
CA TRP C 79 -0.03 -31.95 -6.68
C TRP C 79 -0.94 -30.79 -7.02
N ARG C 80 -0.67 -30.08 -8.12
CA ARG C 80 -1.58 -29.03 -8.57
C ARG C 80 -2.86 -29.63 -9.12
N GLU C 81 -2.75 -30.66 -9.95
CA GLU C 81 -3.94 -31.27 -10.55
C GLU C 81 -4.81 -31.94 -9.50
N GLN C 82 -4.20 -32.62 -8.53
CA GLN C 82 -4.98 -33.27 -7.48
C GLN C 82 -5.76 -32.26 -6.67
N LEU C 83 -5.14 -31.12 -6.35
CA LEU C 83 -5.87 -30.05 -5.66
C LEU C 83 -6.92 -29.44 -6.57
N PHE C 84 -6.52 -29.05 -7.78
CA PHE C 84 -7.49 -28.58 -8.76
C PHE C 84 -8.60 -29.59 -9.01
N SER C 85 -8.26 -30.89 -8.94
CA SER C 85 -9.28 -31.92 -9.15
C SER C 85 -10.25 -31.97 -7.99
N ALA C 86 -9.75 -31.86 -6.77
CA ALA C 86 -10.59 -31.96 -5.58
C ALA C 86 -11.28 -30.65 -5.22
N LEU C 87 -11.04 -29.57 -5.97
CA LEU C 87 -11.70 -28.30 -5.78
C LEU C 87 -12.75 -28.03 -6.85
N GLY C 88 -12.38 -28.14 -8.12
CA GLY C 88 -13.34 -28.01 -9.20
C GLY C 88 -13.01 -28.90 -10.37
N SER C 89 -13.95 -29.77 -10.74
CA SER C 89 -13.79 -30.65 -11.90
C SER C 89 -15.06 -30.55 -12.73
N GLU C 90 -14.89 -30.18 -14.00
CA GLU C 90 -16.02 -29.94 -14.90
C GLU C 90 -16.47 -31.20 -15.63
N ASP C 91 -16.19 -32.38 -15.09
CA ASP C 91 -16.64 -33.62 -15.72
C ASP C 91 -18.16 -33.73 -15.64
N GLY C 92 -18.79 -34.03 -16.77
CA GLY C 92 -20.24 -34.06 -16.83
C GLY C 92 -20.84 -35.12 -15.92
N ARG C 93 -20.09 -36.17 -15.62
CA ARG C 93 -20.62 -37.24 -14.78
C ARG C 93 -20.83 -36.78 -13.34
N LEU C 94 -20.22 -35.66 -12.94
CA LEU C 94 -20.32 -35.19 -11.57
C LEU C 94 -21.48 -34.25 -11.34
N GLU C 95 -22.08 -33.71 -12.41
CA GLU C 95 -23.18 -32.75 -12.26
C GLU C 95 -24.23 -33.18 -11.26
N PRO C 96 -24.73 -34.41 -11.26
CA PRO C 96 -25.74 -34.77 -10.24
C PRO C 96 -25.22 -34.65 -8.83
N TYR C 97 -23.92 -34.89 -8.61
CA TYR C 97 -23.35 -34.66 -7.28
C TYR C 97 -23.30 -33.18 -6.94
N ILE C 98 -23.14 -32.32 -7.93
CA ILE C 98 -23.06 -30.88 -7.70
C ILE C 98 -24.46 -30.29 -7.54
N ARG C 99 -25.37 -30.64 -8.46
CA ARG C 99 -26.74 -30.12 -8.37
C ARG C 99 -27.35 -30.42 -7.00
N LEU C 100 -27.04 -31.58 -6.44
CA LEU C 100 -27.52 -31.90 -5.09
C LEU C 100 -26.86 -30.99 -4.06
N TRP C 101 -25.53 -30.82 -4.16
CA TRP C 101 -24.83 -29.99 -3.21
C TRP C 101 -25.28 -28.53 -3.30
N ARG C 102 -25.47 -28.03 -4.53
CA ARG C 102 -26.08 -26.72 -4.71
C ARG C 102 -27.44 -26.66 -4.01
N GLN C 103 -28.31 -27.63 -4.33
CA GLN C 103 -29.64 -27.65 -3.74
C GLN C 103 -29.57 -27.78 -2.23
N ALA C 104 -28.59 -28.53 -1.72
CA ALA C 104 -28.41 -28.64 -0.27
C ALA C 104 -28.12 -27.29 0.35
N GLN C 105 -27.46 -26.39 -0.38
CA GLN C 105 -27.18 -25.05 0.13
C GLN C 105 -28.48 -24.31 0.43
N LEU C 106 -29.42 -24.32 -0.51
CA LEU C 106 -30.66 -23.57 -0.34
C LEU C 106 -31.48 -24.11 0.82
N LEU C 107 -31.61 -25.44 0.92
CA LEU C 107 -32.35 -26.02 2.03
C LEU C 107 -31.67 -25.75 3.36
N ALA C 108 -30.34 -25.56 3.35
CA ALA C 108 -29.62 -25.27 4.58
C ALA C 108 -30.10 -23.97 5.23
N ASP C 109 -30.72 -23.08 4.45
CA ASP C 109 -31.28 -21.86 5.01
C ASP C 109 -32.53 -22.13 5.82
N SER C 110 -33.32 -23.12 5.41
CA SER C 110 -34.62 -23.37 6.04
C SER C 110 -34.60 -24.56 6.99
N ASP C 111 -33.75 -25.56 6.76
CA ASP C 111 -33.71 -26.76 7.58
C ASP C 111 -32.41 -26.80 8.38
N PRO C 112 -32.46 -26.98 9.71
CA PRO C 112 -31.22 -27.04 10.49
C PRO C 112 -30.48 -28.36 10.33
N GLU C 113 -31.23 -29.46 10.22
CA GLU C 113 -30.61 -30.77 10.08
C GLU C 113 -29.82 -30.85 8.78
N ILE C 114 -30.31 -30.21 7.72
CA ILE C 114 -29.55 -30.14 6.47
C ILE C 114 -28.39 -29.17 6.61
N LYS C 115 -28.58 -28.09 7.37
CA LYS C 115 -27.50 -27.13 7.58
C LYS C 115 -26.28 -27.82 8.20
N SER C 116 -26.49 -28.61 9.23
CA SER C 116 -25.40 -29.39 9.81
C SER C 116 -24.77 -30.29 8.76
N ALA C 117 -25.60 -31.03 8.02
CA ALA C 117 -25.10 -31.92 6.98
C ALA C 117 -24.32 -31.14 5.93
N TYR C 118 -24.88 -30.02 5.45
CA TYR C 118 -24.14 -29.16 4.54
C TYR C 118 -22.91 -28.58 5.23
N LEU C 119 -23.07 -28.12 6.47
CA LEU C 119 -21.92 -27.64 7.23
C LEU C 119 -20.91 -28.75 7.45
N LEU C 120 -21.36 -30.00 7.47
CA LEU C 120 -20.44 -31.11 7.65
C LEU C 120 -19.64 -31.39 6.38
N THR C 121 -20.28 -31.23 5.22
CA THR C 121 -19.57 -31.46 3.96
C THR C 121 -18.50 -30.41 3.71
N MET C 122 -18.74 -29.16 4.16
CA MET C 122 -17.73 -28.13 3.99
C MET C 122 -16.47 -28.45 4.77
N ASN C 123 -16.61 -28.97 5.99
CA ASN C 123 -15.45 -29.37 6.76
C ASN C 123 -14.74 -30.56 6.12
N LEU C 124 -15.50 -31.48 5.52
CA LEU C 124 -14.88 -32.58 4.79
C LEU C 124 -14.18 -32.09 3.54
N TRP C 125 -14.89 -31.33 2.71
CA TRP C 125 -14.28 -30.75 1.51
C TRP C 125 -13.04 -29.94 1.88
N HIS C 126 -13.10 -29.20 2.99
CA HIS C 126 -11.95 -28.42 3.43
C HIS C 126 -10.78 -29.32 3.79
N ASP C 127 -11.05 -30.37 4.57
CA ASP C 127 -9.97 -31.27 5.00
C ASP C 127 -9.28 -31.91 3.80
N GLU C 128 -10.05 -32.23 2.75
CA GLU C 128 -9.45 -32.86 1.57
C GLU C 128 -8.49 -31.91 0.87
N ALA C 129 -8.92 -30.67 0.62
CA ALA C 129 -8.04 -29.69 0.00
C ALA C 129 -6.81 -29.43 0.86
N VAL C 130 -7.01 -29.27 2.17
CA VAL C 130 -5.87 -29.06 3.07
C VAL C 130 -4.90 -30.24 2.99
N ARG C 131 -5.43 -31.46 2.97
CA ARG C 131 -4.57 -32.63 2.86
C ARG C 131 -3.69 -32.55 1.62
N ILE C 132 -4.26 -32.10 0.50
CA ILE C 132 -3.49 -31.99 -0.74
C ILE C 132 -2.52 -30.82 -0.66
N ILE C 133 -2.94 -29.73 -0.03
CA ILE C 133 -2.04 -28.59 0.15
C ILE C 133 -0.82 -29.00 0.95
N ARG C 134 -1.04 -29.61 2.12
CA ARG C 134 0.07 -30.10 2.91
C ARG C 134 0.90 -31.11 2.12
N ALA C 135 0.25 -32.07 1.49
CA ALA C 135 0.95 -33.11 0.74
C ALA C 135 1.81 -32.49 -0.36
N GLY C 136 1.32 -31.43 -1.00
CA GLY C 136 2.12 -30.71 -1.98
C GLY C 136 3.15 -29.80 -1.36
N HIS C 137 3.00 -29.48 -0.08
CA HIS C 137 3.99 -28.64 0.62
C HIS C 137 5.19 -29.47 1.06
N ALA C 138 4.94 -30.59 1.72
CA ALA C 138 6.04 -31.47 2.13
C ALA C 138 6.77 -32.06 0.92
N ALA C 139 6.07 -32.18 -0.21
CA ALA C 139 6.67 -32.69 -1.44
C ALA C 139 7.52 -31.66 -2.17
N GLY C 140 7.54 -30.42 -1.69
CA GLY C 140 8.41 -29.40 -2.26
C GLY C 140 7.87 -28.68 -3.46
N GLU C 141 6.61 -28.90 -3.84
CA GLU C 141 6.03 -28.20 -4.97
C GLU C 141 5.33 -26.91 -4.54
N PHE C 142 4.46 -26.99 -3.54
CA PHE C 142 3.72 -25.84 -3.07
C PHE C 142 4.58 -24.96 -2.19
N THR C 143 4.46 -23.64 -2.37
CA THR C 143 5.12 -22.65 -1.54
C THR C 143 4.05 -21.93 -0.73
N LEU C 144 4.07 -22.13 0.59
CA LEU C 144 3.04 -21.61 1.47
C LEU C 144 3.51 -20.30 2.10
N ARG C 145 2.80 -19.22 1.80
CA ARG C 145 2.95 -17.96 2.53
C ARG C 145 1.87 -17.79 3.58
N ASP C 146 1.11 -18.83 3.87
CA ASP C 146 0.01 -18.79 4.83
C ASP C 146 -0.36 -20.21 5.19
N SER C 147 -1.10 -20.36 6.28
CA SER C 147 -1.54 -21.69 6.71
C SER C 147 -2.45 -22.30 5.65
N ALA C 148 -2.27 -23.60 5.42
CA ALA C 148 -3.09 -24.30 4.43
C ALA C 148 -4.57 -24.12 4.73
N GLU C 149 -4.95 -24.08 6.01
CA GLU C 149 -6.35 -23.89 6.37
C GLU C 149 -6.90 -22.62 5.72
N ASN C 150 -6.26 -21.48 5.99
CA ASN C 150 -6.70 -20.22 5.40
C ASN C 150 -6.69 -20.29 3.88
N ILE C 151 -5.66 -20.91 3.30
CA ILE C 151 -5.58 -21.03 1.86
C ILE C 151 -6.75 -21.86 1.33
N ALA C 152 -7.00 -23.01 1.97
CA ALA C 152 -8.09 -23.87 1.54
C ALA C 152 -9.43 -23.14 1.58
N TRP C 153 -9.72 -22.48 2.70
CA TRP C 153 -10.97 -21.73 2.80
C TRP C 153 -11.06 -20.68 1.70
N ARG C 154 -9.94 -20.03 1.37
CA ARG C 154 -9.97 -19.01 0.33
C ARG C 154 -10.15 -19.64 -1.05
N LEU C 155 -9.53 -20.79 -1.29
CA LEU C 155 -9.72 -21.47 -2.57
C LEU C 155 -11.14 -22.04 -2.67
N ILE C 156 -11.67 -22.58 -1.57
CA ILE C 156 -13.05 -23.06 -1.56
C ILE C 156 -14.01 -21.90 -1.82
N SER C 157 -13.93 -20.87 -0.98
CA SER C 157 -14.83 -19.72 -1.12
C SER C 157 -14.76 -19.12 -2.52
N LEU C 158 -13.61 -19.20 -3.16
CA LEU C 158 -13.52 -18.76 -4.55
C LEU C 158 -14.34 -19.65 -5.47
N VAL C 159 -14.48 -20.93 -5.14
CA VAL C 159 -15.28 -21.84 -5.95
C VAL C 159 -16.76 -21.66 -5.67
N CYS C 160 -17.14 -21.66 -4.39
CA CYS C 160 -18.55 -21.45 -4.06
C CYS C 160 -19.06 -20.11 -4.57
N GLY C 161 -18.19 -19.10 -4.61
CA GLY C 161 -18.62 -17.80 -5.10
C GLY C 161 -18.78 -17.76 -6.61
N LEU C 162 -17.77 -18.25 -7.32
CA LEU C 162 -17.86 -18.30 -8.78
C LEU C 162 -19.03 -19.17 -9.22
N ASP C 163 -19.28 -20.27 -8.52
CA ASP C 163 -20.41 -21.12 -8.87
C ASP C 163 -21.72 -20.35 -8.81
N GLY C 164 -21.89 -19.53 -7.77
CA GLY C 164 -23.08 -18.70 -7.68
C GLY C 164 -23.28 -17.84 -8.91
N ILE C 165 -22.19 -17.41 -9.55
CA ILE C 165 -22.30 -16.64 -10.77
C ILE C 165 -22.51 -17.55 -11.97
N TYR C 166 -21.79 -18.68 -12.00
CA TYR C 166 -21.89 -19.61 -13.13
C TYR C 166 -23.32 -20.12 -13.29
N VAL C 167 -23.98 -20.45 -12.17
CA VAL C 167 -25.33 -20.99 -12.24
C VAL C 167 -26.28 -19.98 -12.88
N LEU C 168 -25.97 -18.68 -12.76
CA LEU C 168 -26.81 -17.65 -13.35
C LEU C 168 -26.68 -17.57 -14.86
N GLY C 169 -25.73 -18.27 -15.46
CA GLY C 169 -25.56 -18.23 -16.90
C GLY C 169 -24.88 -16.98 -17.40
N MET C 170 -24.17 -16.27 -16.54
CA MET C 170 -23.44 -15.09 -16.97
C MET C 170 -22.51 -15.46 -18.15
N PRO C 171 -22.58 -14.74 -19.27
CA PRO C 171 -21.77 -15.16 -20.43
C PRO C 171 -20.27 -15.09 -20.19
N GLU C 172 -19.79 -14.09 -19.45
CA GLU C 172 -18.37 -13.97 -19.16
C GLU C 172 -17.91 -14.89 -18.05
N VAL C 173 -18.81 -15.69 -17.47
CA VAL C 173 -18.46 -16.68 -16.46
C VAL C 173 -19.09 -18.00 -16.90
N ASP C 174 -18.32 -18.79 -17.64
CA ASP C 174 -18.76 -20.11 -18.09
C ASP C 174 -17.79 -21.16 -17.55
N ASP C 175 -17.94 -22.40 -18.03
CA ASP C 175 -17.08 -23.48 -17.55
C ASP C 175 -15.61 -23.19 -17.84
N ALA C 176 -15.31 -22.47 -18.92
CA ALA C 176 -13.93 -22.15 -19.26
C ALA C 176 -13.38 -21.07 -18.33
N ALA C 177 -14.07 -19.92 -18.26
CA ALA C 177 -13.63 -18.85 -17.38
C ALA C 177 -13.57 -19.32 -15.93
N PHE C 178 -14.58 -20.07 -15.49
CA PHE C 178 -14.56 -20.64 -14.15
C PHE C 178 -13.28 -21.42 -13.90
N THR C 179 -12.87 -22.24 -14.87
CA THR C 179 -11.65 -23.02 -14.72
C THR C 179 -10.42 -22.12 -14.67
N ARG C 180 -10.38 -21.09 -15.52
CA ARG C 180 -9.22 -20.20 -15.54
C ARG C 180 -9.00 -19.53 -14.19
N HIS C 181 -10.07 -19.07 -13.55
CA HIS C 181 -9.92 -18.34 -12.29
C HIS C 181 -9.35 -19.24 -11.20
N LEU C 182 -9.89 -20.45 -11.07
CA LEU C 182 -9.42 -21.35 -10.02
C LEU C 182 -7.92 -21.59 -10.13
N GLN C 183 -7.44 -21.89 -11.34
CA GLN C 183 -6.01 -22.12 -11.51
C GLN C 183 -5.21 -20.86 -11.23
N HIS C 184 -5.81 -19.68 -11.46
CA HIS C 184 -5.09 -18.44 -11.22
C HIS C 184 -4.84 -18.22 -9.72
N VAL C 185 -5.90 -18.31 -8.91
CA VAL C 185 -5.73 -18.11 -7.47
C VAL C 185 -4.83 -19.18 -6.87
N ILE C 186 -4.73 -20.35 -7.52
CA ILE C 186 -3.76 -21.35 -7.10
C ILE C 186 -2.35 -20.83 -7.30
N GLN C 187 -2.08 -20.25 -8.47
CA GLN C 187 -0.76 -19.71 -8.75
C GLN C 187 -0.39 -18.64 -7.73
N LEU C 188 -1.34 -17.77 -7.38
CA LEU C 188 -1.04 -16.66 -6.48
C LEU C 188 -0.87 -17.15 -5.05
N GLU C 189 -1.69 -18.11 -4.62
CA GLU C 189 -1.69 -18.54 -3.23
C GLU C 189 -0.51 -19.45 -2.91
N LEU C 190 -0.15 -20.34 -3.84
CA LEU C 190 0.82 -21.38 -3.55
C LEU C 190 2.11 -21.28 -4.36
N PHE C 191 2.18 -20.40 -5.36
CA PHE C 191 3.32 -20.31 -6.26
C PHE C 191 3.77 -18.87 -6.43
N SER C 192 3.91 -18.16 -5.33
CA SER C 192 4.38 -16.77 -5.35
C SER C 192 5.74 -16.67 -6.03
N GLY D 2 -52.71 13.66 -0.62
CA GLY D 2 -52.08 14.63 -1.48
C GLY D 2 -52.36 14.35 -2.95
N TYR D 3 -52.08 15.33 -3.81
CA TYR D 3 -52.33 15.22 -5.24
C TYR D 3 -51.01 15.37 -5.98
N LEU D 4 -50.52 14.27 -6.54
CA LEU D 4 -49.30 14.21 -7.32
C LEU D 4 -49.66 13.79 -8.74
N ASN D 5 -48.75 13.97 -9.70
CA ASN D 5 -49.20 13.85 -11.09
C ASN D 5 -49.00 12.48 -11.72
N ARG D 6 -47.78 12.12 -12.15
CA ARG D 6 -47.54 10.76 -12.63
C ARG D 6 -46.28 10.13 -12.06
N GLU D 7 -45.15 10.78 -12.27
CA GLU D 7 -43.85 10.18 -12.00
C GLU D 7 -43.37 10.47 -10.59
N GLU D 8 -43.73 11.62 -10.04
CA GLU D 8 -43.53 11.87 -8.62
C GLU D 8 -44.44 10.99 -7.77
N ARG D 9 -45.46 10.37 -8.37
CA ARG D 9 -46.24 9.35 -7.68
C ARG D 9 -45.45 8.04 -7.59
N ARG D 10 -44.81 7.64 -8.69
CA ARG D 10 -44.03 6.41 -8.66
C ARG D 10 -42.91 6.49 -7.63
N GLU D 11 -42.17 7.60 -7.62
CA GLU D 11 -41.05 7.73 -6.70
C GLU D 11 -41.51 7.58 -5.26
N THR D 12 -42.58 8.28 -4.87
CA THR D 12 -43.08 8.17 -3.51
C THR D 12 -43.59 6.77 -3.21
N ILE D 13 -43.97 6.01 -4.24
CA ILE D 13 -44.30 4.60 -4.04
C ILE D 13 -43.03 3.77 -3.98
N MET D 14 -42.11 3.98 -4.93
CA MET D 14 -40.83 3.31 -4.90
C MET D 14 -40.16 3.53 -3.54
N GLN D 15 -40.04 4.79 -3.14
CA GLN D 15 -39.71 5.08 -1.75
C GLN D 15 -40.78 4.49 -0.84
N ALA D 16 -40.36 4.03 0.34
CA ALA D 16 -41.23 3.37 1.29
C ALA D 16 -41.57 1.95 0.84
N ALA D 17 -41.17 1.58 -0.38
CA ALA D 17 -41.11 0.19 -0.76
C ALA D 17 -39.72 -0.38 -0.55
N MET D 18 -38.71 0.46 -0.75
CA MET D 18 -37.34 0.09 -0.40
C MET D 18 -37.17 0.04 1.12
N ARG D 19 -37.82 0.95 1.83
CA ARG D 19 -37.76 0.94 3.30
C ARG D 19 -38.39 -0.33 3.85
N VAL D 20 -39.55 -0.73 3.31
CA VAL D 20 -40.18 -1.97 3.74
C VAL D 20 -39.26 -3.15 3.45
N ALA D 21 -38.61 -3.13 2.28
CA ALA D 21 -37.68 -4.20 1.94
C ALA D 21 -36.59 -4.33 3.00
N LEU D 22 -36.00 -3.21 3.40
CA LEU D 22 -34.89 -3.26 4.35
C LEU D 22 -35.36 -3.67 5.74
N ASP D 23 -36.47 -3.09 6.20
CA ASP D 23 -36.93 -3.34 7.57
C ASP D 23 -37.61 -4.69 7.72
N GLN D 24 -38.13 -5.28 6.64
CA GLN D 24 -38.86 -6.55 6.72
C GLN D 24 -38.42 -7.60 5.72
N GLY D 25 -37.67 -7.24 4.69
CA GLY D 25 -37.28 -8.21 3.68
C GLY D 25 -38.39 -8.39 2.65
N PHE D 26 -38.17 -9.36 1.76
CA PHE D 26 -39.13 -9.61 0.70
C PHE D 26 -40.43 -10.18 1.24
N THR D 27 -40.39 -10.87 2.37
CA THR D 27 -41.61 -11.43 2.97
C THR D 27 -42.53 -10.36 3.54
N GLY D 28 -42.09 -9.10 3.56
CA GLY D 28 -42.90 -8.01 4.07
C GLY D 28 -43.26 -6.99 3.01
N MET D 29 -42.70 -7.15 1.81
CA MET D 29 -42.98 -6.24 0.69
C MET D 29 -44.34 -6.58 0.07
N THR D 30 -45.36 -6.53 0.91
CA THR D 30 -46.73 -6.78 0.51
C THR D 30 -47.41 -5.45 0.22
N VAL D 31 -48.27 -5.44 -0.80
CA VAL D 31 -48.89 -4.19 -1.25
C VAL D 31 -49.60 -3.49 -0.11
N ARG D 32 -50.06 -4.24 0.90
CA ARG D 32 -50.73 -3.63 2.03
C ARG D 32 -49.76 -2.85 2.91
N ASN D 33 -48.54 -3.36 3.07
CA ASN D 33 -47.54 -2.67 3.87
C ASN D 33 -46.83 -1.58 3.08
N ILE D 34 -46.55 -1.85 1.80
CA ILE D 34 -45.92 -0.84 0.95
C ILE D 34 -46.83 0.37 0.81
N ALA D 35 -48.11 0.12 0.51
CA ALA D 35 -49.05 1.22 0.35
C ALA D 35 -49.17 2.03 1.64
N THR D 36 -49.26 1.35 2.78
CA THR D 36 -49.33 2.04 4.06
C THR D 36 -48.09 2.91 4.27
N ALA D 37 -46.90 2.32 4.09
CA ALA D 37 -45.66 3.07 4.29
C ALA D 37 -45.64 4.33 3.43
N ALA D 38 -46.03 4.20 2.15
CA ALA D 38 -46.09 5.35 1.27
C ALA D 38 -47.24 6.30 1.62
N GLY D 39 -48.11 5.92 2.55
CA GLY D 39 -49.23 6.77 2.92
C GLY D 39 -50.29 6.89 1.84
N VAL D 40 -50.46 5.85 1.01
CA VAL D 40 -51.43 5.86 -0.07
C VAL D 40 -52.31 4.61 0.06
N ALA D 41 -53.35 4.58 -0.76
CA ALA D 41 -54.23 3.41 -0.82
C ALA D 41 -53.57 2.30 -1.62
N ALA D 42 -53.94 1.06 -1.30
CA ALA D 42 -53.35 -0.09 -1.97
C ALA D 42 -53.63 -0.06 -3.46
N GLY D 43 -54.73 0.56 -3.88
CA GLY D 43 -55.06 0.61 -5.29
C GLY D 43 -54.11 1.49 -6.08
N GLN D 44 -53.48 2.46 -5.42
CA GLN D 44 -52.52 3.31 -6.11
C GLN D 44 -51.24 2.56 -6.45
N VAL D 45 -50.89 1.55 -5.65
CA VAL D 45 -49.73 0.72 -5.98
C VAL D 45 -49.95 0.02 -7.31
N HIS D 46 -51.10 -0.63 -7.47
CA HIS D 46 -51.43 -1.24 -8.75
C HIS D 46 -51.54 -0.21 -9.86
N HIS D 47 -51.94 1.02 -9.52
CA HIS D 47 -52.15 2.06 -10.52
C HIS D 47 -50.85 2.50 -11.19
N HIS D 48 -49.71 2.28 -10.55
CA HIS D 48 -48.43 2.78 -11.04
C HIS D 48 -47.46 1.67 -11.42
N PHE D 49 -47.38 0.60 -10.65
CA PHE D 49 -46.49 -0.52 -10.93
C PHE D 49 -47.34 -1.73 -11.33
N THR D 50 -47.14 -2.20 -12.55
CA THR D 50 -48.01 -3.23 -13.11
C THR D 50 -47.96 -4.51 -12.28
N SER D 51 -46.79 -5.15 -12.21
CA SER D 51 -46.66 -6.48 -11.61
C SER D 51 -46.16 -6.33 -10.18
N SER D 52 -46.94 -6.83 -9.23
CA SER D 52 -46.51 -6.79 -7.83
C SER D 52 -45.16 -7.48 -7.63
N GLY D 53 -44.76 -8.35 -8.55
CA GLY D 53 -43.43 -8.93 -8.50
C GLY D 53 -42.39 -7.98 -9.06
N GLU D 54 -42.77 -7.24 -10.12
CA GLU D 54 -41.86 -6.26 -10.70
C GLU D 54 -41.52 -5.16 -9.71
N LEU D 55 -42.43 -4.86 -8.79
CA LEU D 55 -42.14 -3.89 -7.74
C LEU D 55 -40.97 -4.37 -6.89
N LYS D 56 -41.05 -5.60 -6.38
CA LYS D 56 -39.97 -6.12 -5.53
C LYS D 56 -38.63 -6.09 -6.26
N SER D 57 -38.61 -6.48 -7.54
CA SER D 57 -37.37 -6.52 -8.29
C SER D 57 -36.77 -5.13 -8.44
N GLN D 58 -37.51 -4.21 -9.07
CA GLN D 58 -36.99 -2.86 -9.27
C GLN D 58 -36.62 -2.21 -7.96
N ALA D 59 -37.50 -2.30 -6.95
CA ALA D 59 -37.20 -1.73 -5.64
C ALA D 59 -35.91 -2.31 -5.08
N PHE D 60 -35.76 -3.64 -5.15
CA PHE D 60 -34.54 -4.27 -4.67
C PHE D 60 -33.31 -3.69 -5.36
N ILE D 61 -33.40 -3.41 -6.66
CA ILE D 61 -32.27 -2.84 -7.40
C ILE D 61 -31.95 -1.44 -6.87
N ARG D 62 -32.98 -0.66 -6.55
CA ARG D 62 -32.75 0.67 -6.01
C ARG D 62 -32.09 0.61 -4.64
N VAL D 63 -32.37 -0.44 -3.86
CA VAL D 63 -31.75 -0.59 -2.55
C VAL D 63 -30.24 -0.74 -2.69
N ILE D 64 -29.80 -1.67 -3.54
CA ILE D 64 -28.37 -1.88 -3.72
C ILE D 64 -27.72 -0.61 -4.24
N ARG D 65 -28.31 -0.01 -5.28
CA ARG D 65 -27.77 1.24 -5.83
C ARG D 65 -27.55 2.27 -4.73
N GLU D 66 -28.46 2.34 -3.77
CA GLU D 66 -28.28 3.25 -2.64
C GLU D 66 -27.07 2.83 -1.80
N MET D 67 -26.89 1.52 -1.60
CA MET D 67 -25.73 1.04 -0.85
C MET D 67 -24.45 1.33 -1.61
N MET D 68 -24.49 1.24 -2.94
CA MET D 68 -23.32 1.57 -3.74
C MET D 68 -22.83 2.98 -3.45
N ASP D 69 -23.74 3.91 -3.21
CA ASP D 69 -23.37 5.31 -3.00
C ASP D 69 -22.94 5.55 -1.55
N LEU D 70 -23.58 4.87 -0.60
CA LEU D 70 -23.24 5.07 0.81
C LEU D 70 -21.80 4.66 1.09
N GLN D 71 -21.33 3.59 0.45
CA GLN D 71 -20.01 3.05 0.72
C GLN D 71 -18.90 3.71 -0.08
N ARG D 72 -19.22 4.29 -1.25
CA ARG D 72 -18.19 4.87 -2.10
C ARG D 72 -17.47 5.99 -1.37
N LEU D 73 -16.14 5.99 -1.46
CA LEU D 73 -15.32 7.01 -0.82
C LEU D 73 -15.07 8.17 -1.80
N SER D 74 -14.53 9.27 -1.26
CA SER D 74 -14.50 10.54 -1.97
C SER D 74 -13.21 10.75 -2.76
N ARG D 75 -12.57 9.68 -3.24
CA ARG D 75 -11.46 9.80 -4.18
C ARG D 75 -10.18 10.31 -3.53
N THR D 76 -10.26 10.72 -2.27
CA THR D 76 -9.06 11.21 -1.57
C THR D 76 -8.34 10.08 -0.85
N ALA D 77 -9.10 9.12 -0.32
CA ALA D 77 -8.50 7.96 0.32
C ALA D 77 -7.77 7.11 -0.71
N GLY D 78 -6.86 6.28 -0.22
CA GLY D 78 -6.12 5.41 -1.11
C GLY D 78 -7.02 4.42 -1.83
N TRP D 79 -6.52 3.93 -2.97
CA TRP D 79 -7.31 3.01 -3.77
C TRP D 79 -7.53 1.68 -3.07
N ARG D 80 -6.57 1.23 -2.27
CA ARG D 80 -6.80 0.07 -1.41
C ARG D 80 -7.97 0.34 -0.48
N GLU D 81 -8.01 1.53 0.14
CA GLU D 81 -9.12 1.87 1.02
C GLU D 81 -10.42 2.01 0.24
N GLN D 82 -10.34 2.57 -0.97
CA GLN D 82 -11.54 2.70 -1.80
C GLN D 82 -12.07 1.34 -2.21
N LEU D 83 -11.19 0.44 -2.65
CA LEU D 83 -11.64 -0.85 -3.15
C LEU D 83 -12.21 -1.70 -2.03
N PHE D 84 -11.48 -1.83 -0.91
CA PHE D 84 -11.99 -2.61 0.20
C PHE D 84 -13.35 -2.10 0.67
N SER D 85 -13.60 -0.80 0.52
CA SER D 85 -14.89 -0.25 0.91
C SER D 85 -16.01 -0.86 0.08
N ALA D 86 -15.91 -0.73 -1.25
CA ALA D 86 -16.91 -1.26 -2.17
C ALA D 86 -16.89 -2.79 -2.27
N LEU D 87 -16.10 -3.49 -1.46
CA LEU D 87 -16.04 -4.95 -1.49
C LEU D 87 -16.44 -5.59 -0.17
N GLY D 88 -16.40 -4.87 0.94
CA GLY D 88 -16.77 -5.42 2.22
C GLY D 88 -16.83 -4.33 3.27
N SER D 89 -17.56 -4.61 4.34
CA SER D 89 -17.71 -3.62 5.39
C SER D 89 -18.36 -4.26 6.61
N GLU D 90 -17.87 -3.89 7.79
CA GLU D 90 -18.41 -4.34 9.06
C GLU D 90 -19.48 -3.42 9.60
N ASP D 91 -19.70 -2.26 8.99
CA ASP D 91 -20.66 -1.29 9.48
C ASP D 91 -22.02 -1.94 9.72
N GLY D 92 -22.68 -1.52 10.80
CA GLY D 92 -24.01 -2.01 11.11
C GLY D 92 -25.11 -1.42 10.27
N ARG D 93 -24.84 -0.25 9.64
CA ARG D 93 -25.84 0.35 8.76
C ARG D 93 -26.05 -0.46 7.50
N LEU D 94 -25.08 -1.28 7.11
CA LEU D 94 -25.18 -2.10 5.91
C LEU D 94 -25.79 -3.46 6.18
N GLU D 95 -25.89 -3.87 7.45
CA GLU D 95 -26.57 -5.13 7.78
C GLU D 95 -27.93 -5.25 7.12
N PRO D 96 -28.85 -4.30 7.24
CA PRO D 96 -30.14 -4.45 6.54
C PRO D 96 -30.01 -4.54 5.04
N TYR D 97 -29.03 -3.86 4.45
CA TYR D 97 -28.82 -3.95 3.01
C TYR D 97 -28.29 -5.32 2.62
N ILE D 98 -27.41 -5.89 3.44
CA ILE D 98 -26.87 -7.22 3.16
C ILE D 98 -27.89 -8.29 3.52
N ARG D 99 -28.57 -8.14 4.66
CA ARG D 99 -29.64 -9.06 5.02
C ARG D 99 -30.65 -9.21 3.90
N LEU D 100 -30.89 -8.13 3.14
CA LEU D 100 -31.80 -8.19 2.01
C LEU D 100 -31.12 -8.77 0.78
N TRP D 101 -29.80 -8.61 0.66
CA TRP D 101 -29.10 -9.17 -0.50
C TRP D 101 -28.92 -10.68 -0.36
N ARG D 102 -28.52 -11.14 0.84
CA ARG D 102 -28.49 -12.58 1.10
C ARG D 102 -29.83 -13.21 0.73
N GLN D 103 -30.92 -12.54 1.09
CA GLN D 103 -32.25 -13.07 0.79
C GLN D 103 -32.51 -13.11 -0.71
N ALA D 104 -32.17 -12.03 -1.41
CA ALA D 104 -32.38 -11.99 -2.85
C ALA D 104 -31.57 -13.07 -3.58
N GLN D 105 -30.49 -13.55 -2.97
CA GLN D 105 -29.72 -14.62 -3.58
C GLN D 105 -30.54 -15.91 -3.65
N LEU D 106 -31.22 -16.26 -2.55
CA LEU D 106 -32.02 -17.48 -2.53
C LEU D 106 -33.21 -17.36 -3.48
N LEU D 107 -34.00 -16.31 -3.33
CA LEU D 107 -35.20 -16.14 -4.15
C LEU D 107 -34.88 -16.20 -5.64
N ALA D 108 -33.65 -15.86 -6.02
CA ALA D 108 -33.26 -15.94 -7.42
C ALA D 108 -33.36 -17.35 -7.97
N ASP D 109 -33.47 -18.35 -7.10
CA ASP D 109 -33.65 -19.72 -7.55
C ASP D 109 -35.13 -20.04 -7.81
N SER D 110 -36.04 -19.38 -7.10
CA SER D 110 -37.47 -19.65 -7.22
C SER D 110 -38.27 -18.43 -7.66
N ASP D 111 -37.61 -17.38 -8.17
CA ASP D 111 -38.31 -16.20 -8.67
C ASP D 111 -37.45 -15.58 -9.74
N PRO D 112 -37.82 -15.74 -11.02
CA PRO D 112 -36.98 -15.19 -12.11
C PRO D 112 -36.85 -13.67 -12.05
N GLU D 113 -37.91 -12.97 -11.65
CA GLU D 113 -37.83 -11.51 -11.56
C GLU D 113 -36.71 -11.07 -10.63
N ILE D 114 -36.51 -11.82 -9.54
CA ILE D 114 -35.37 -11.54 -8.67
C ILE D 114 -34.07 -11.83 -9.39
N LYS D 115 -33.98 -13.01 -10.03
CA LYS D 115 -32.77 -13.35 -10.78
C LYS D 115 -32.45 -12.27 -11.81
N SER D 116 -33.46 -11.76 -12.50
CA SER D 116 -33.24 -10.67 -13.46
C SER D 116 -32.64 -9.45 -12.76
N ALA D 117 -32.97 -9.24 -11.49
CA ALA D 117 -32.45 -8.12 -10.72
C ALA D 117 -31.15 -8.47 -10.01
N TYR D 118 -31.06 -9.68 -9.46
CA TYR D 118 -29.85 -10.10 -8.78
C TYR D 118 -28.65 -10.10 -9.73
N LEU D 119 -28.83 -10.63 -10.93
CA LEU D 119 -27.76 -10.61 -11.91
C LEU D 119 -27.33 -9.18 -12.22
N LEU D 120 -28.28 -8.25 -12.24
CA LEU D 120 -27.93 -6.85 -12.49
C LEU D 120 -27.04 -6.30 -11.40
N THR D 121 -27.35 -6.61 -10.15
CA THR D 121 -26.52 -6.12 -9.04
C THR D 121 -25.10 -6.65 -9.16
N MET D 122 -24.94 -7.94 -9.45
CA MET D 122 -23.61 -8.51 -9.61
C MET D 122 -22.82 -7.81 -10.70
N ASN D 123 -23.51 -7.24 -11.69
CA ASN D 123 -22.82 -6.47 -12.71
C ASN D 123 -22.54 -5.04 -12.25
N LEU D 124 -23.50 -4.41 -11.58
CA LEU D 124 -23.24 -3.10 -10.97
C LEU D 124 -22.06 -3.19 -10.01
N TRP D 125 -22.16 -4.08 -9.03
CA TRP D 125 -21.05 -4.32 -8.11
C TRP D 125 -19.75 -4.56 -8.89
N HIS D 126 -19.83 -5.34 -9.96
CA HIS D 126 -18.63 -5.61 -10.75
C HIS D 126 -18.14 -4.35 -11.45
N ASP D 127 -19.06 -3.55 -12.01
CA ASP D 127 -18.65 -2.32 -12.67
C ASP D 127 -17.92 -1.39 -11.71
N GLU D 128 -18.28 -1.43 -10.42
CA GLU D 128 -17.62 -0.57 -9.44
C GLU D 128 -16.20 -1.04 -9.15
N ALA D 129 -16.04 -2.32 -8.81
CA ALA D 129 -14.73 -2.85 -8.51
C ALA D 129 -13.76 -2.63 -9.67
N VAL D 130 -14.21 -2.92 -10.89
CA VAL D 130 -13.37 -2.69 -12.06
C VAL D 130 -13.02 -1.21 -12.17
N ARG D 131 -13.94 -0.32 -11.79
CA ARG D 131 -13.64 1.10 -11.84
C ARG D 131 -12.48 1.46 -10.92
N ILE D 132 -12.59 1.08 -9.64
CA ILE D 132 -11.57 1.42 -8.67
C ILE D 132 -10.23 0.82 -9.07
N ILE D 133 -10.25 -0.42 -9.56
CA ILE D 133 -8.99 -1.07 -9.95
C ILE D 133 -8.30 -0.27 -11.04
N ARG D 134 -9.04 0.15 -12.07
CA ARG D 134 -8.44 0.85 -13.19
C ARG D 134 -7.74 2.12 -12.73
N ALA D 135 -8.44 2.97 -11.97
CA ALA D 135 -7.82 4.20 -11.50
C ALA D 135 -6.61 3.91 -10.63
N GLY D 136 -6.69 2.88 -9.79
CA GLY D 136 -5.54 2.51 -8.98
C GLY D 136 -4.37 2.03 -9.84
N HIS D 137 -4.64 1.20 -10.84
CA HIS D 137 -3.59 0.79 -11.77
C HIS D 137 -3.05 1.99 -12.53
N ALA D 138 -3.93 2.92 -12.90
CA ALA D 138 -3.49 4.13 -13.58
C ALA D 138 -2.69 5.03 -12.65
N ALA D 139 -2.99 5.00 -11.35
CA ALA D 139 -2.27 5.79 -10.38
C ALA D 139 -0.90 5.20 -10.03
N GLY D 140 -0.70 3.91 -10.27
CA GLY D 140 0.52 3.24 -9.91
C GLY D 140 0.46 2.44 -8.63
N GLU D 141 -0.55 2.65 -7.80
CA GLU D 141 -0.67 1.90 -6.56
C GLU D 141 -0.88 0.41 -6.85
N PHE D 142 -1.75 0.09 -7.79
CA PHE D 142 -2.07 -1.30 -8.11
C PHE D 142 -1.18 -1.78 -9.25
N THR D 143 -0.61 -2.97 -9.09
CA THR D 143 0.18 -3.63 -10.11
C THR D 143 -0.67 -4.76 -10.67
N LEU D 144 -1.03 -4.66 -11.95
CA LEU D 144 -1.96 -5.60 -12.58
C LEU D 144 -1.18 -6.64 -13.38
N ARG D 145 -1.14 -7.87 -12.89
CA ARG D 145 -0.73 -9.01 -13.68
C ARG D 145 -1.91 -9.69 -14.37
N ASP D 146 -3.08 -9.03 -14.35
CA ASP D 146 -4.30 -9.57 -14.95
C ASP D 146 -5.27 -8.41 -15.13
N SER D 147 -6.25 -8.61 -16.01
CA SER D 147 -7.22 -7.56 -16.28
C SER D 147 -7.99 -7.21 -15.01
N ALA D 148 -8.47 -5.97 -14.95
CA ALA D 148 -9.24 -5.53 -13.79
C ALA D 148 -10.58 -6.26 -13.70
N GLU D 149 -11.11 -6.73 -14.83
CA GLU D 149 -12.39 -7.43 -14.82
C GLU D 149 -12.27 -8.76 -14.08
N ASN D 150 -11.20 -9.53 -14.36
CA ASN D 150 -11.03 -10.81 -13.69
C ASN D 150 -10.77 -10.63 -12.20
N ILE D 151 -9.87 -9.71 -11.85
CA ILE D 151 -9.57 -9.45 -10.44
C ILE D 151 -10.85 -9.10 -9.69
N ALA D 152 -11.74 -8.33 -10.32
CA ALA D 152 -12.99 -7.96 -9.67
C ALA D 152 -13.84 -9.19 -9.39
N TRP D 153 -14.03 -10.03 -10.41
CA TRP D 153 -14.87 -11.22 -10.25
C TRP D 153 -14.34 -12.11 -9.12
N ARG D 154 -13.06 -12.48 -9.20
CA ARG D 154 -12.48 -13.36 -8.18
C ARG D 154 -12.64 -12.74 -6.79
N LEU D 155 -12.50 -11.41 -6.70
CA LEU D 155 -12.67 -10.74 -5.41
C LEU D 155 -14.12 -10.78 -4.96
N ILE D 156 -15.04 -10.35 -5.82
CA ILE D 156 -16.46 -10.41 -5.50
C ILE D 156 -16.86 -11.82 -5.11
N SER D 157 -16.44 -12.80 -5.91
CA SER D 157 -16.73 -14.20 -5.58
C SER D 157 -16.18 -14.57 -4.21
N LEU D 158 -14.96 -14.11 -3.90
CA LEU D 158 -14.37 -14.40 -2.60
C LEU D 158 -15.24 -13.85 -1.47
N VAL D 159 -15.84 -12.68 -1.68
CA VAL D 159 -16.71 -12.11 -0.66
C VAL D 159 -18.02 -12.89 -0.57
N CYS D 160 -18.50 -13.41 -1.70
CA CYS D 160 -19.71 -14.23 -1.66
C CYS D 160 -19.44 -15.57 -0.97
N GLY D 161 -18.36 -16.24 -1.36
CA GLY D 161 -18.05 -17.53 -0.76
C GLY D 161 -17.87 -17.43 0.74
N LEU D 162 -17.11 -16.43 1.20
CA LEU D 162 -16.91 -16.22 2.63
C LEU D 162 -18.25 -16.01 3.35
N ASP D 163 -19.06 -15.08 2.84
CA ASP D 163 -20.32 -14.77 3.50
C ASP D 163 -21.20 -16.01 3.65
N GLY D 164 -21.26 -16.85 2.63
CA GLY D 164 -22.00 -18.09 2.75
C GLY D 164 -21.51 -18.96 3.88
N ILE D 165 -20.19 -19.08 4.01
CA ILE D 165 -19.63 -19.85 5.12
C ILE D 165 -19.83 -19.09 6.44
N TYR D 166 -19.76 -17.76 6.40
CA TYR D 166 -19.85 -16.99 7.64
C TYR D 166 -21.19 -17.19 8.33
N VAL D 167 -22.28 -17.12 7.56
CA VAL D 167 -23.61 -17.23 8.15
C VAL D 167 -23.83 -18.59 8.78
N LEU D 168 -23.09 -19.62 8.35
CA LEU D 168 -23.24 -20.95 8.93
C LEU D 168 -22.75 -20.99 10.38
N GLY D 169 -21.86 -20.10 10.77
CA GLY D 169 -21.34 -20.08 12.11
C GLY D 169 -19.99 -20.76 12.30
N MET D 170 -19.18 -20.84 11.25
CA MET D 170 -17.86 -21.43 11.38
C MET D 170 -17.03 -20.62 12.36
N PRO D 171 -16.45 -21.23 13.40
CA PRO D 171 -15.69 -20.44 14.38
C PRO D 171 -14.45 -19.79 13.78
N GLU D 172 -13.73 -20.50 12.90
CA GLU D 172 -12.55 -19.95 12.27
C GLU D 172 -12.88 -18.94 11.18
N VAL D 173 -14.15 -18.70 10.90
CA VAL D 173 -14.58 -17.69 9.93
C VAL D 173 -15.61 -16.81 10.64
N ASP D 174 -15.14 -15.72 11.25
CA ASP D 174 -15.98 -14.78 11.95
C ASP D 174 -15.85 -13.41 11.27
N ASP D 175 -16.46 -12.39 11.89
CA ASP D 175 -16.36 -11.05 11.34
C ASP D 175 -14.91 -10.65 11.11
N ALA D 176 -14.02 -11.08 12.01
CA ALA D 176 -12.61 -10.73 11.88
C ALA D 176 -11.94 -11.50 10.76
N ALA D 177 -11.98 -12.83 10.82
CA ALA D 177 -11.36 -13.65 9.78
C ALA D 177 -11.94 -13.33 8.41
N PHE D 178 -13.19 -12.89 8.35
CA PHE D 178 -13.80 -12.54 7.07
C PHE D 178 -12.94 -11.50 6.34
N THR D 179 -12.59 -10.43 7.03
CA THR D 179 -11.83 -9.35 6.38
C THR D 179 -10.38 -9.77 6.12
N ARG D 180 -9.79 -10.55 7.02
CA ARG D 180 -8.40 -10.96 6.84
C ARG D 180 -8.20 -11.63 5.49
N HIS D 181 -9.04 -12.62 5.18
CA HIS D 181 -8.92 -13.32 3.91
C HIS D 181 -9.07 -12.35 2.73
N LEU D 182 -10.07 -11.47 2.79
CA LEU D 182 -10.28 -10.51 1.72
C LEU D 182 -9.07 -9.61 1.54
N GLN D 183 -8.56 -9.04 2.64
CA GLN D 183 -7.37 -8.19 2.57
C GLN D 183 -6.21 -8.92 1.92
N HIS D 184 -6.00 -10.19 2.28
CA HIS D 184 -4.88 -10.95 1.74
C HIS D 184 -5.01 -11.12 0.23
N VAL D 185 -6.22 -11.43 -0.25
CA VAL D 185 -6.41 -11.64 -1.68
C VAL D 185 -6.11 -10.36 -2.46
N ILE D 186 -6.57 -9.22 -1.94
CA ILE D 186 -6.25 -7.94 -2.58
C ILE D 186 -4.74 -7.77 -2.68
N GLN D 187 -4.01 -8.14 -1.62
CA GLN D 187 -2.56 -8.08 -1.67
C GLN D 187 -2.01 -8.97 -2.78
N LEU D 188 -2.64 -10.13 -2.99
CA LEU D 188 -2.15 -11.06 -4.01
C LEU D 188 -2.55 -10.65 -5.42
N GLU D 189 -3.69 -9.96 -5.56
CA GLU D 189 -4.22 -9.65 -6.87
C GLU D 189 -3.70 -8.33 -7.45
N LEU D 190 -3.25 -7.40 -6.59
CA LEU D 190 -2.90 -6.06 -7.05
C LEU D 190 -1.52 -5.59 -6.60
N PHE D 191 -0.89 -6.24 -5.63
CA PHE D 191 0.42 -5.83 -5.11
C PHE D 191 1.38 -7.00 -5.27
N SER D 192 1.99 -7.09 -6.45
CA SER D 192 2.89 -8.19 -6.79
C SER D 192 4.31 -7.68 -7.04
N ASN E 5 19.68 -38.74 -23.07
CA ASN E 5 18.28 -38.53 -22.74
C ASN E 5 18.11 -37.23 -21.94
N ARG E 6 17.08 -37.16 -21.10
CA ARG E 6 16.68 -35.93 -20.40
C ARG E 6 17.86 -35.06 -19.97
N GLU E 7 18.75 -35.61 -19.13
CA GLU E 7 19.87 -34.83 -18.63
C GLU E 7 21.10 -34.97 -19.51
N GLU E 8 21.36 -36.17 -20.02
CA GLU E 8 22.48 -36.37 -20.92
C GLU E 8 22.33 -35.57 -22.21
N ARG E 9 21.10 -35.17 -22.55
CA ARG E 9 20.87 -34.28 -23.67
C ARG E 9 20.98 -32.82 -23.27
N ARG E 10 20.50 -32.46 -22.07
CA ARG E 10 20.64 -31.11 -21.58
C ARG E 10 22.11 -30.68 -21.58
N GLU E 11 23.00 -31.56 -21.11
CA GLU E 11 24.42 -31.23 -21.07
C GLU E 11 24.96 -31.01 -22.49
N THR E 12 24.69 -31.94 -23.40
CA THR E 12 25.13 -31.78 -24.78
C THR E 12 24.48 -30.56 -25.44
N ILE E 13 23.41 -30.03 -24.85
CA ILE E 13 22.84 -28.76 -25.29
C ILE E 13 23.47 -27.59 -24.57
N MET E 14 23.74 -27.75 -23.26
CA MET E 14 24.43 -26.71 -22.52
C MET E 14 25.82 -26.49 -23.09
N GLN E 15 26.57 -27.56 -23.33
CA GLN E 15 27.89 -27.45 -23.94
C GLN E 15 27.84 -26.96 -25.39
N ALA E 16 26.65 -26.78 -25.95
CA ALA E 16 26.48 -26.13 -27.23
C ALA E 16 26.28 -24.63 -27.08
N ALA E 17 25.55 -24.21 -26.04
CA ALA E 17 25.41 -22.79 -25.75
C ALA E 17 26.74 -22.19 -25.30
N MET E 18 27.57 -22.98 -24.62
CA MET E 18 28.87 -22.48 -24.17
C MET E 18 29.73 -22.09 -25.37
N ARG E 19 29.75 -22.92 -26.41
CA ARG E 19 30.63 -22.67 -27.54
C ARG E 19 30.23 -21.41 -28.31
N VAL E 20 28.93 -21.14 -28.42
CA VAL E 20 28.49 -19.94 -29.14
C VAL E 20 28.83 -18.69 -28.33
N ALA E 21 28.71 -18.77 -27.00
CA ALA E 21 29.04 -17.62 -26.17
C ALA E 21 30.48 -17.17 -26.39
N LEU E 22 31.39 -18.12 -26.56
CA LEU E 22 32.78 -17.78 -26.82
C LEU E 22 32.95 -17.26 -28.24
N ASP E 23 32.27 -17.89 -29.21
CA ASP E 23 32.46 -17.56 -30.61
C ASP E 23 31.53 -16.45 -31.09
N GLN E 24 30.44 -16.17 -30.37
CA GLN E 24 29.48 -15.18 -30.84
C GLN E 24 29.10 -14.18 -29.75
N GLY E 25 29.24 -14.57 -28.49
CA GLY E 25 28.82 -13.70 -27.40
C GLY E 25 27.31 -13.68 -27.28
N PHE E 26 26.84 -12.96 -26.26
CA PHE E 26 25.41 -12.89 -25.97
C PHE E 26 24.61 -12.51 -27.20
N THR E 27 25.20 -11.74 -28.12
CA THR E 27 24.49 -11.34 -29.32
C THR E 27 24.07 -12.54 -30.16
N GLY E 28 24.89 -13.59 -30.19
CA GLY E 28 24.60 -14.76 -30.99
C GLY E 28 24.13 -15.95 -30.19
N MET E 29 23.67 -15.72 -28.97
CA MET E 29 23.11 -16.78 -28.13
C MET E 29 21.61 -16.91 -28.31
N THR E 30 21.16 -17.02 -29.55
CA THR E 30 19.75 -17.22 -29.85
C THR E 30 19.42 -18.71 -29.87
N VAL E 31 18.19 -19.03 -29.48
CA VAL E 31 17.75 -20.43 -29.50
C VAL E 31 17.89 -21.01 -30.90
N ARG E 32 17.73 -20.18 -31.92
CA ARG E 32 17.89 -20.64 -33.29
C ARG E 32 19.34 -21.01 -33.58
N ASN E 33 20.29 -20.26 -33.02
CA ASN E 33 21.71 -20.57 -33.21
C ASN E 33 22.13 -21.76 -32.36
N ILE E 34 21.76 -21.77 -31.08
CA ILE E 34 22.15 -22.86 -30.20
C ILE E 34 21.60 -24.18 -30.72
N ALA E 35 20.35 -24.18 -31.19
CA ALA E 35 19.77 -25.39 -31.76
C ALA E 35 20.64 -25.90 -32.91
N THR E 36 21.14 -25.00 -33.76
CA THR E 36 21.96 -25.42 -34.88
C THR E 36 23.35 -25.85 -34.43
N ALA E 37 23.88 -25.23 -33.37
CA ALA E 37 25.19 -25.62 -32.86
C ALA E 37 25.18 -26.98 -32.18
N ALA E 38 24.01 -27.44 -31.72
CA ALA E 38 23.91 -28.73 -31.06
C ALA E 38 23.53 -29.85 -32.01
N GLY E 39 22.75 -29.55 -33.05
CA GLY E 39 22.26 -30.55 -33.96
C GLY E 39 20.84 -31.00 -33.69
N VAL E 40 20.15 -30.37 -32.74
CA VAL E 40 18.81 -30.75 -32.38
C VAL E 40 17.84 -29.74 -32.98
N ALA E 41 16.55 -30.08 -32.96
CA ALA E 41 15.54 -29.13 -33.37
C ALA E 41 15.47 -27.98 -32.37
N ALA E 42 14.99 -26.83 -32.85
CA ALA E 42 14.81 -25.68 -31.97
C ALA E 42 13.84 -26.01 -30.84
N GLY E 43 12.71 -26.63 -31.18
CA GLY E 43 11.76 -27.04 -30.15
C GLY E 43 12.38 -27.94 -29.11
N GLN E 44 13.42 -28.70 -29.48
CA GLN E 44 14.11 -29.54 -28.52
C GLN E 44 14.84 -28.71 -27.46
N VAL E 45 15.31 -27.51 -27.85
CA VAL E 45 16.02 -26.65 -26.90
C VAL E 45 15.07 -26.20 -25.79
N HIS E 46 13.86 -25.78 -26.16
CA HIS E 46 12.89 -25.31 -25.18
C HIS E 46 12.51 -26.39 -24.17
N HIS E 47 12.72 -27.67 -24.50
CA HIS E 47 12.31 -28.73 -23.61
C HIS E 47 13.08 -28.70 -22.29
N HIS E 48 14.34 -28.28 -22.31
CA HIS E 48 15.20 -28.34 -21.14
C HIS E 48 15.37 -27.00 -20.45
N PHE E 49 15.13 -25.89 -21.14
CA PHE E 49 15.43 -24.55 -20.61
C PHE E 49 14.17 -23.72 -20.60
N THR E 50 13.62 -23.50 -19.40
CA THR E 50 12.36 -22.76 -19.24
C THR E 50 12.38 -21.45 -20.02
N SER E 51 13.32 -20.56 -19.71
CA SER E 51 13.36 -19.23 -20.28
C SER E 51 14.59 -19.08 -21.17
N SER E 52 14.40 -18.41 -22.31
CA SER E 52 15.52 -18.11 -23.19
C SER E 52 16.61 -17.32 -22.47
N GLY E 53 16.22 -16.46 -21.53
CA GLY E 53 17.21 -15.76 -20.74
C GLY E 53 17.94 -16.66 -19.76
N GLU E 54 17.19 -17.56 -19.09
CA GLU E 54 17.81 -18.50 -18.17
C GLU E 54 18.88 -19.33 -18.88
N LEU E 55 18.62 -19.70 -20.14
CA LEU E 55 19.61 -20.44 -20.90
C LEU E 55 20.91 -19.65 -21.00
N LYS E 56 20.83 -18.42 -21.51
CA LYS E 56 22.04 -17.61 -21.65
C LYS E 56 22.74 -17.45 -20.30
N SER E 57 21.98 -17.18 -19.24
CA SER E 57 22.59 -16.96 -17.93
C SER E 57 23.26 -18.22 -17.42
N GLN E 58 22.54 -19.35 -17.43
CA GLN E 58 23.12 -20.59 -16.92
C GLN E 58 24.32 -21.02 -17.75
N ALA E 59 24.26 -20.80 -19.07
CA ALA E 59 25.40 -21.16 -19.91
C ALA E 59 26.56 -20.21 -19.68
N PHE E 60 26.28 -18.94 -19.43
CA PHE E 60 27.35 -17.98 -19.15
C PHE E 60 28.12 -18.39 -17.90
N ILE E 61 27.41 -18.69 -16.81
CA ILE E 61 28.08 -19.10 -15.58
C ILE E 61 28.97 -20.30 -15.83
N ARG E 62 28.50 -21.25 -16.64
CA ARG E 62 29.29 -22.44 -16.95
C ARG E 62 30.58 -22.07 -17.68
N VAL E 63 30.50 -21.14 -18.63
CA VAL E 63 31.70 -20.71 -19.34
C VAL E 63 32.73 -20.15 -18.37
N ILE E 64 32.28 -19.32 -17.43
CA ILE E 64 33.19 -18.75 -16.44
C ILE E 64 33.72 -19.83 -15.52
N ARG E 65 32.84 -20.70 -15.03
CA ARG E 65 33.29 -21.81 -14.20
C ARG E 65 34.37 -22.61 -14.92
N GLU E 66 34.27 -22.72 -16.25
CA GLU E 66 35.30 -23.40 -17.01
C GLU E 66 36.59 -22.59 -17.05
N MET E 67 36.47 -21.26 -17.04
CA MET E 67 37.67 -20.41 -17.08
C MET E 67 38.48 -20.54 -15.79
N MET E 68 37.81 -20.63 -14.65
CA MET E 68 38.52 -20.72 -13.38
C MET E 68 39.14 -22.10 -13.21
N ASP E 69 38.41 -23.17 -13.55
CA ASP E 69 39.01 -24.50 -13.52
C ASP E 69 40.13 -24.63 -14.54
N LEU E 70 40.06 -23.87 -15.63
CA LEU E 70 41.12 -23.90 -16.64
C LEU E 70 42.36 -23.14 -16.19
N GLN E 71 42.25 -22.27 -15.20
CA GLN E 71 43.37 -21.44 -14.75
C GLN E 71 43.76 -21.73 -13.31
N ARG E 72 43.29 -22.82 -12.72
CA ARG E 72 43.74 -23.23 -11.39
C ARG E 72 44.99 -24.08 -11.51
N LEU E 73 45.90 -23.91 -10.57
CA LEU E 73 47.17 -24.63 -10.57
C LEU E 73 47.13 -25.80 -9.60
N SER E 74 48.17 -26.61 -9.63
CA SER E 74 48.19 -27.91 -8.94
C SER E 74 48.28 -27.78 -7.42
N ARG E 75 48.09 -26.59 -6.85
CA ARG E 75 48.16 -26.38 -5.40
C ARG E 75 49.59 -26.43 -4.90
N THR E 76 50.54 -26.88 -5.73
CA THR E 76 51.91 -27.00 -5.27
C THR E 76 52.73 -25.75 -5.54
N ALA E 77 52.44 -25.05 -6.63
CA ALA E 77 53.12 -23.79 -6.91
C ALA E 77 52.94 -22.82 -5.74
N GLY E 78 53.89 -21.90 -5.62
CA GLY E 78 53.84 -20.91 -4.57
C GLY E 78 52.48 -20.26 -4.50
N TRP E 79 51.98 -20.04 -3.27
CA TRP E 79 50.64 -19.47 -3.12
C TRP E 79 50.52 -18.15 -3.86
N ARG E 80 51.62 -17.42 -4.04
CA ARG E 80 51.61 -16.27 -4.94
C ARG E 80 51.22 -16.70 -6.34
N GLU E 81 51.92 -17.69 -6.89
CA GLU E 81 51.64 -18.15 -8.25
C GLU E 81 50.21 -18.63 -8.39
N GLN E 82 49.59 -19.09 -7.30
CA GLN E 82 48.20 -19.52 -7.36
C GLN E 82 47.24 -18.34 -7.35
N LEU E 83 47.51 -17.34 -6.50
CA LEU E 83 46.60 -16.20 -6.40
C LEU E 83 46.69 -15.32 -7.63
N PHE E 84 47.87 -15.21 -8.24
CA PHE E 84 47.99 -14.40 -9.46
C PHE E 84 47.28 -15.06 -10.63
N SER E 85 47.48 -16.36 -10.82
CA SER E 85 46.84 -17.07 -11.92
C SER E 85 45.34 -16.86 -11.91
N ALA E 86 44.74 -16.82 -10.71
CA ALA E 86 43.30 -16.64 -10.59
C ALA E 86 42.88 -15.19 -10.76
N LEU E 87 43.76 -14.24 -10.44
CA LEU E 87 43.39 -12.83 -10.57
C LEU E 87 43.55 -12.34 -11.99
N GLY E 88 44.59 -12.77 -12.69
CA GLY E 88 44.78 -12.37 -14.07
C GLY E 88 45.87 -13.12 -14.78
N SER E 89 45.57 -13.63 -15.97
CA SER E 89 46.56 -14.30 -16.80
C SER E 89 46.43 -13.79 -18.22
N GLU E 90 47.56 -13.44 -18.83
CA GLU E 90 47.58 -12.94 -20.20
C GLU E 90 47.45 -14.04 -21.23
N ASP E 91 47.13 -15.26 -20.79
CA ASP E 91 47.00 -16.39 -21.71
C ASP E 91 46.03 -16.04 -22.83
N GLY E 92 46.39 -16.42 -24.06
CA GLY E 92 45.56 -16.10 -25.20
C GLY E 92 44.30 -16.93 -25.30
N ARG E 93 44.32 -18.15 -24.74
CA ARG E 93 43.14 -19.01 -24.77
C ARG E 93 42.00 -18.46 -23.93
N LEU E 94 42.28 -17.52 -23.03
CA LEU E 94 41.27 -16.92 -22.18
C LEU E 94 40.56 -15.74 -22.84
N GLU E 95 41.08 -15.25 -23.97
CA GLU E 95 40.50 -14.11 -24.68
C GLU E 95 39.00 -14.29 -24.84
N PRO E 96 38.54 -15.36 -25.50
CA PRO E 96 37.08 -15.52 -25.67
C PRO E 96 36.33 -15.59 -24.35
N TYR E 97 36.99 -16.03 -23.29
CA TYR E 97 36.36 -15.98 -21.98
C TYR E 97 36.30 -14.54 -21.46
N ILE E 98 37.38 -13.77 -21.65
CA ILE E 98 37.41 -12.39 -21.19
C ILE E 98 36.38 -11.57 -21.94
N ARG E 99 36.31 -11.73 -23.27
CA ARG E 99 35.32 -11.02 -24.06
C ARG E 99 33.93 -11.17 -23.46
N LEU E 100 33.53 -12.41 -23.19
CA LEU E 100 32.19 -12.66 -22.65
C LEU E 100 31.99 -11.91 -21.33
N TRP E 101 32.94 -12.06 -20.40
CA TRP E 101 32.74 -11.49 -19.08
C TRP E 101 32.68 -9.97 -19.13
N ARG E 102 33.55 -9.35 -19.94
CA ARG E 102 33.40 -7.93 -20.22
C ARG E 102 32.01 -7.62 -20.72
N GLN E 103 31.54 -8.43 -21.68
CA GLN E 103 30.21 -8.23 -22.23
C GLN E 103 29.14 -8.42 -21.16
N ALA E 104 29.34 -9.39 -20.26
CA ALA E 104 28.34 -9.64 -19.23
C ALA E 104 28.16 -8.43 -18.33
N GLN E 105 29.27 -7.77 -17.96
CA GLN E 105 29.16 -6.59 -17.12
C GLN E 105 28.37 -5.48 -17.81
N LEU E 106 28.59 -5.30 -19.11
CA LEU E 106 27.87 -4.25 -19.83
C LEU E 106 26.38 -4.52 -19.81
N LEU E 107 25.96 -5.69 -20.29
CA LEU E 107 24.54 -6.03 -20.31
C LEU E 107 23.94 -6.00 -18.92
N ALA E 108 24.75 -6.23 -17.88
CA ALA E 108 24.23 -6.24 -16.52
C ALA E 108 23.59 -4.91 -16.14
N ASP E 109 23.97 -3.82 -16.79
CA ASP E 109 23.32 -2.53 -16.55
C ASP E 109 21.95 -2.43 -17.21
N SER E 110 21.57 -3.42 -18.03
CA SER E 110 20.29 -3.37 -18.71
C SER E 110 19.58 -4.73 -18.74
N ASP E 111 20.06 -5.73 -18.01
CA ASP E 111 19.47 -7.06 -18.01
C ASP E 111 19.53 -7.64 -16.60
N PRO E 112 18.42 -7.62 -15.86
CA PRO E 112 18.45 -8.16 -14.50
C PRO E 112 18.87 -9.62 -14.42
N GLU E 113 18.40 -10.47 -15.34
CA GLU E 113 18.75 -11.88 -15.27
C GLU E 113 20.23 -12.12 -15.51
N ILE E 114 20.86 -11.29 -16.35
CA ILE E 114 22.31 -11.37 -16.52
C ILE E 114 23.02 -10.76 -15.32
N LYS E 115 22.45 -9.70 -14.75
CA LYS E 115 23.03 -9.11 -13.54
C LYS E 115 23.12 -10.12 -12.42
N SER E 116 22.07 -10.93 -12.24
CA SER E 116 22.09 -11.96 -11.20
C SER E 116 23.17 -13.01 -11.46
N ALA E 117 23.53 -13.23 -12.72
CA ALA E 117 24.59 -14.17 -13.08
C ALA E 117 25.97 -13.54 -12.99
N TYR E 118 26.14 -12.35 -13.55
CA TYR E 118 27.42 -11.66 -13.44
C TYR E 118 27.76 -11.35 -11.99
N LEU E 119 26.74 -11.01 -11.19
CA LEU E 119 26.96 -10.78 -9.77
C LEU E 119 27.32 -12.07 -9.05
N LEU E 120 26.86 -13.21 -9.56
CA LEU E 120 27.19 -14.49 -8.94
C LEU E 120 28.63 -14.91 -9.24
N THR E 121 29.08 -14.74 -10.49
CA THR E 121 30.47 -15.06 -10.81
C THR E 121 31.42 -14.17 -10.02
N MET E 122 31.14 -12.87 -9.96
CA MET E 122 31.91 -12.00 -9.07
C MET E 122 31.88 -12.52 -7.65
N ASN E 123 30.75 -13.09 -7.23
CA ASN E 123 30.67 -13.70 -5.91
C ASN E 123 31.41 -15.04 -5.86
N LEU E 124 31.53 -15.71 -7.01
CA LEU E 124 32.38 -16.90 -7.09
C LEU E 124 33.85 -16.52 -7.11
N TRP E 125 34.21 -15.61 -8.02
CA TRP E 125 35.58 -15.12 -8.10
C TRP E 125 36.10 -14.70 -6.73
N HIS E 126 35.27 -13.98 -5.97
CA HIS E 126 35.66 -13.59 -4.63
C HIS E 126 35.90 -14.81 -3.74
N ASP E 127 35.00 -15.79 -3.79
CA ASP E 127 35.19 -16.99 -2.98
C ASP E 127 36.47 -17.72 -3.35
N GLU E 128 36.86 -17.70 -4.63
CA GLU E 128 38.09 -18.37 -5.03
C GLU E 128 39.32 -17.69 -4.43
N ALA E 129 39.29 -16.36 -4.33
CA ALA E 129 40.45 -15.64 -3.85
C ALA E 129 40.69 -15.91 -2.37
N VAL E 130 39.66 -15.69 -1.54
CA VAL E 130 39.79 -15.93 -0.10
C VAL E 130 40.28 -17.35 0.16
N ARG E 131 39.92 -18.29 -0.72
CA ARG E 131 40.44 -19.65 -0.57
C ARG E 131 41.95 -19.67 -0.71
N ILE E 132 42.47 -19.13 -1.81
CA ILE E 132 43.91 -19.13 -2.03
C ILE E 132 44.62 -18.29 -0.97
N ILE E 133 44.01 -17.17 -0.58
CA ILE E 133 44.63 -16.31 0.43
C ILE E 133 44.65 -17.00 1.78
N ARG E 134 43.49 -17.48 2.24
CA ARG E 134 43.42 -18.21 3.51
C ARG E 134 44.44 -19.34 3.51
N ALA E 135 44.46 -20.14 2.44
CA ALA E 135 45.39 -21.26 2.36
C ALA E 135 46.83 -20.78 2.45
N GLY E 136 47.17 -19.74 1.68
CA GLY E 136 48.50 -19.16 1.78
C GLY E 136 48.78 -18.53 3.13
N HIS E 137 47.73 -18.00 3.78
CA HIS E 137 47.89 -17.45 5.11
C HIS E 137 48.14 -18.56 6.12
N ALA E 138 47.34 -19.62 6.07
CA ALA E 138 47.51 -20.74 6.99
C ALA E 138 48.85 -21.45 6.78
N ALA E 139 49.47 -21.28 5.61
CA ALA E 139 50.75 -21.91 5.32
C ALA E 139 51.94 -21.08 5.79
N GLY E 140 51.81 -19.76 5.82
CA GLY E 140 52.85 -18.87 6.29
C GLY E 140 53.52 -18.03 5.23
N GLU E 141 53.16 -18.19 3.95
CA GLU E 141 53.76 -17.36 2.91
C GLU E 141 53.15 -15.97 2.89
N PHE E 142 51.82 -15.89 3.03
CA PHE E 142 51.13 -14.61 3.01
C PHE E 142 51.10 -13.99 4.39
N THR E 143 51.14 -12.66 4.41
CA THR E 143 51.07 -11.88 5.64
C THR E 143 49.85 -10.97 5.52
N LEU E 144 48.83 -11.22 6.33
CA LEU E 144 47.53 -10.56 6.20
C LEU E 144 47.39 -9.46 7.23
N ARG E 145 47.32 -8.21 6.75
CA ARG E 145 47.01 -7.06 7.59
C ARG E 145 45.53 -6.72 7.57
N ASP E 146 44.68 -7.63 7.09
CA ASP E 146 43.25 -7.38 6.97
C ASP E 146 42.59 -8.71 6.63
N SER E 147 41.26 -8.74 6.74
CA SER E 147 40.52 -9.97 6.48
C SER E 147 40.67 -10.40 5.03
N ALA E 148 40.68 -11.71 4.81
CA ALA E 148 40.87 -12.24 3.46
C ALA E 148 39.78 -11.74 2.52
N GLU E 149 38.55 -11.59 3.01
CA GLU E 149 37.46 -11.11 2.17
C GLU E 149 37.77 -9.73 1.62
N ASN E 150 38.14 -8.80 2.50
CA ASN E 150 38.44 -7.43 2.07
C ASN E 150 39.59 -7.42 1.06
N ILE E 151 40.64 -8.20 1.32
CA ILE E 151 41.78 -8.24 0.40
C ILE E 151 41.33 -8.73 -0.96
N ALA E 152 40.49 -9.76 -0.99
CA ALA E 152 40.03 -10.33 -2.26
C ALA E 152 39.24 -9.30 -3.06
N TRP E 153 38.33 -8.58 -2.41
CA TRP E 153 37.52 -7.58 -3.11
C TRP E 153 38.41 -6.53 -3.75
N ARG E 154 39.31 -5.93 -2.97
CA ARG E 154 40.19 -4.90 -3.51
C ARG E 154 40.98 -5.42 -4.70
N LEU E 155 41.52 -6.63 -4.60
CA LEU E 155 42.26 -7.21 -5.72
C LEU E 155 41.35 -7.41 -6.93
N ILE E 156 40.18 -8.02 -6.73
CA ILE E 156 39.23 -8.20 -7.81
C ILE E 156 38.95 -6.88 -8.50
N SER E 157 38.72 -5.84 -7.70
CA SER E 157 38.43 -4.52 -8.27
C SER E 157 39.57 -4.04 -9.15
N LEU E 158 40.81 -4.19 -8.67
CA LEU E 158 41.94 -3.65 -9.40
C LEU E 158 42.10 -4.33 -10.76
N VAL E 159 41.78 -5.62 -10.84
CA VAL E 159 41.80 -6.30 -12.13
C VAL E 159 40.72 -5.72 -13.04
N CYS E 160 39.50 -5.59 -12.52
CA CYS E 160 38.42 -4.98 -13.29
C CYS E 160 38.80 -3.56 -13.72
N GLY E 161 39.27 -2.75 -12.78
CA GLY E 161 39.64 -1.38 -13.06
C GLY E 161 40.61 -1.24 -14.21
N LEU E 162 41.81 -1.83 -14.05
CA LEU E 162 42.81 -1.75 -15.11
C LEU E 162 42.25 -2.27 -16.42
N ASP E 163 41.44 -3.33 -16.38
CA ASP E 163 40.86 -3.88 -17.60
C ASP E 163 40.05 -2.81 -18.33
N GLY E 164 39.23 -2.06 -17.59
CA GLY E 164 38.47 -0.98 -18.19
C GLY E 164 39.35 0.07 -18.83
N ILE E 165 40.57 0.22 -18.34
CA ILE E 165 41.53 1.15 -18.93
C ILE E 165 42.35 0.47 -20.01
N TYR E 166 42.71 -0.81 -19.80
CA TYR E 166 43.55 -1.53 -20.74
C TYR E 166 42.88 -1.66 -22.10
N VAL E 167 41.57 -1.90 -22.11
CA VAL E 167 40.85 -2.09 -23.37
C VAL E 167 40.82 -0.82 -24.22
N LEU E 168 40.95 0.35 -23.59
CA LEU E 168 40.86 1.61 -24.32
C LEU E 168 42.12 1.94 -25.12
N GLY E 169 43.17 1.13 -25.00
CA GLY E 169 44.38 1.36 -25.77
C GLY E 169 45.36 2.33 -25.14
N MET E 170 45.40 2.41 -23.82
CA MET E 170 46.35 3.29 -23.14
C MET E 170 47.76 2.73 -23.31
N PRO E 171 48.66 3.39 -24.03
CA PRO E 171 49.98 2.78 -24.26
C PRO E 171 50.78 2.58 -22.99
N GLU E 172 50.61 3.43 -21.98
CA GLU E 172 51.32 3.27 -20.71
C GLU E 172 50.67 2.24 -19.80
N VAL E 173 49.55 1.64 -20.20
CA VAL E 173 48.90 0.57 -19.46
C VAL E 173 48.59 -0.53 -20.48
N ASP E 174 49.47 -1.51 -20.58
CA ASP E 174 49.31 -2.61 -21.53
C ASP E 174 49.50 -3.94 -20.81
N ASP E 175 49.56 -5.03 -21.58
CA ASP E 175 49.74 -6.36 -20.99
C ASP E 175 50.82 -6.35 -19.91
N ALA E 176 51.98 -5.79 -20.23
CA ALA E 176 53.09 -5.78 -19.29
C ALA E 176 52.75 -4.97 -18.04
N ALA E 177 52.35 -3.71 -18.24
CA ALA E 177 52.04 -2.85 -17.10
C ALA E 177 50.86 -3.42 -16.31
N PHE E 178 49.86 -3.96 -17.01
CA PHE E 178 48.73 -4.60 -16.33
C PHE E 178 49.23 -5.72 -15.40
N THR E 179 50.23 -6.47 -15.85
CA THR E 179 50.80 -7.53 -15.00
C THR E 179 51.56 -6.93 -13.83
N ARG E 180 52.39 -5.92 -14.08
CA ARG E 180 53.18 -5.32 -13.02
C ARG E 180 52.29 -4.78 -11.91
N HIS E 181 51.34 -3.91 -12.27
CA HIS E 181 50.48 -3.29 -11.26
C HIS E 181 49.82 -4.33 -10.36
N LEU E 182 49.54 -5.52 -10.90
CA LEU E 182 48.90 -6.55 -10.09
C LEU E 182 49.91 -7.17 -9.11
N GLN E 183 51.09 -7.53 -9.61
CA GLN E 183 52.11 -8.07 -8.72
C GLN E 183 52.37 -7.15 -7.54
N HIS E 184 52.37 -5.84 -7.80
CA HIS E 184 52.74 -4.87 -6.77
C HIS E 184 51.77 -4.91 -5.60
N VAL E 185 50.47 -4.71 -5.88
CA VAL E 185 49.49 -4.68 -4.81
C VAL E 185 49.46 -6.00 -4.06
N ILE E 186 49.74 -7.11 -4.74
CA ILE E 186 49.86 -8.39 -4.06
C ILE E 186 50.96 -8.31 -3.01
N GLN E 187 52.13 -7.82 -3.41
CA GLN E 187 53.21 -7.61 -2.44
C GLN E 187 52.75 -6.74 -1.28
N LEU E 188 52.05 -5.64 -1.60
CA LEU E 188 51.64 -4.70 -0.56
C LEU E 188 50.56 -5.28 0.33
N GLU E 189 49.62 -6.02 -0.25
CA GLU E 189 48.49 -6.54 0.52
C GLU E 189 48.87 -7.74 1.36
N LEU E 190 49.84 -8.56 0.90
CA LEU E 190 50.09 -9.85 1.50
C LEU E 190 51.54 -10.06 1.96
N PHE E 191 52.42 -9.09 1.73
CA PHE E 191 53.84 -9.25 2.07
C PHE E 191 54.31 -7.95 2.73
N SER E 192 54.41 -7.96 4.05
CA SER E 192 54.84 -6.79 4.81
C SER E 192 55.82 -7.20 5.91
N GLY F 2 17.71 37.78 -30.40
CA GLY F 2 18.90 38.33 -29.78
C GLY F 2 20.07 38.45 -30.74
N TYR F 3 21.16 39.06 -30.26
CA TYR F 3 22.34 39.29 -31.09
C TYR F 3 23.57 38.79 -30.36
N LEU F 4 24.22 37.77 -30.92
CA LEU F 4 25.41 37.15 -30.38
C LEU F 4 26.48 37.14 -31.47
N ASN F 5 27.72 36.76 -31.13
CA ASN F 5 28.77 36.96 -32.13
C ASN F 5 29.39 35.70 -32.72
N ARG F 6 30.31 35.03 -32.02
CA ARG F 6 30.79 33.74 -32.52
C ARG F 6 31.01 32.69 -31.45
N GLU F 7 31.82 33.03 -30.46
CA GLU F 7 32.38 32.06 -29.53
C GLU F 7 31.65 32.03 -28.20
N GLU F 8 31.13 33.18 -27.76
CA GLU F 8 30.19 33.18 -26.67
C GLU F 8 28.90 32.46 -27.04
N ARG F 9 28.62 32.34 -28.34
CA ARG F 9 27.53 31.48 -28.79
C ARG F 9 27.85 30.01 -28.56
N ARG F 10 29.07 29.60 -28.91
CA ARG F 10 29.52 28.25 -28.63
C ARG F 10 29.56 27.97 -27.14
N GLU F 11 29.66 29.01 -26.30
CA GLU F 11 29.63 28.82 -24.86
C GLU F 11 28.21 28.64 -24.35
N THR F 12 27.29 29.51 -24.77
CA THR F 12 25.91 29.41 -24.29
C THR F 12 25.30 28.06 -24.65
N ILE F 13 25.47 27.62 -25.90
CA ILE F 13 24.98 26.31 -26.30
C ILE F 13 25.68 25.22 -25.50
N MET F 14 27.01 25.30 -25.41
CA MET F 14 27.78 24.32 -24.65
C MET F 14 27.28 24.22 -23.22
N GLN F 15 27.16 25.35 -22.53
CA GLN F 15 26.76 25.33 -21.13
C GLN F 15 25.35 24.80 -20.96
N ALA F 16 24.47 25.05 -21.92
CA ALA F 16 23.14 24.47 -21.87
C ALA F 16 23.22 22.95 -21.97
N ALA F 17 23.96 22.46 -22.97
CA ALA F 17 24.14 21.01 -23.11
C ALA F 17 24.78 20.41 -21.87
N MET F 18 25.71 21.15 -21.23
CA MET F 18 26.35 20.66 -20.02
C MET F 18 25.33 20.31 -18.96
N ARG F 19 24.25 21.10 -18.85
CA ARG F 19 23.23 20.82 -17.86
C ARG F 19 22.32 19.68 -18.28
N VAL F 20 21.93 19.64 -19.56
CA VAL F 20 21.09 18.55 -20.04
C VAL F 20 21.76 17.21 -19.76
N ALA F 21 23.09 17.16 -19.89
CA ALA F 21 23.81 15.94 -19.60
C ALA F 21 23.74 15.59 -18.11
N LEU F 22 23.77 16.60 -17.25
CA LEU F 22 23.75 16.36 -15.81
C LEU F 22 22.34 16.12 -15.27
N ASP F 23 21.31 16.49 -16.01
CA ASP F 23 19.93 16.30 -15.57
C ASP F 23 19.29 15.05 -16.15
N GLN F 24 19.71 14.62 -17.34
CA GLN F 24 19.08 13.49 -18.01
C GLN F 24 20.05 12.48 -18.59
N GLY F 25 21.32 12.84 -18.80
CA GLY F 25 22.28 11.92 -19.38
C GLY F 25 22.33 12.02 -20.89
N PHE F 26 23.15 11.14 -21.48
CA PHE F 26 23.31 11.14 -22.93
C PHE F 26 21.99 10.83 -23.63
N THR F 27 21.19 9.94 -23.04
CA THR F 27 19.90 9.57 -23.66
C THR F 27 19.03 10.79 -23.87
N GLY F 28 19.19 11.83 -23.05
CA GLY F 28 18.36 13.02 -23.15
C GLY F 28 19.05 14.21 -23.76
N MET F 29 20.16 13.99 -24.46
CA MET F 29 20.88 15.07 -25.14
C MET F 29 20.49 15.15 -26.61
N THR F 30 19.23 15.46 -26.85
CA THR F 30 18.72 15.69 -28.20
C THR F 30 18.89 17.16 -28.56
N VAL F 31 19.03 17.42 -29.86
CA VAL F 31 19.27 18.79 -30.32
C VAL F 31 18.09 19.69 -29.93
N ARG F 32 16.88 19.14 -29.87
CA ARG F 32 15.73 19.95 -29.50
C ARG F 32 15.79 20.35 -28.02
N ASN F 33 16.24 19.45 -27.16
CA ASN F 33 16.29 19.75 -25.74
C ASN F 33 17.39 20.75 -25.42
N ILE F 34 18.58 20.58 -26.01
CA ILE F 34 19.63 21.58 -25.87
C ILE F 34 19.15 22.92 -26.40
N ALA F 35 18.45 22.90 -27.54
CA ALA F 35 17.87 24.12 -28.08
C ALA F 35 16.91 24.75 -27.06
N THR F 36 16.01 23.94 -26.49
CA THR F 36 15.10 24.45 -25.48
C THR F 36 15.82 24.77 -24.18
N ALA F 37 16.85 23.99 -23.83
CA ALA F 37 17.63 24.27 -22.64
C ALA F 37 18.54 25.48 -22.82
N ALA F 38 18.77 25.90 -24.05
CA ALA F 38 19.54 27.12 -24.33
C ALA F 38 18.67 28.30 -24.68
N GLY F 39 17.39 28.07 -25.02
CA GLY F 39 16.52 29.16 -25.42
C GLY F 39 16.71 29.60 -26.85
N VAL F 40 17.17 28.70 -27.72
CA VAL F 40 17.47 29.01 -29.11
C VAL F 40 16.80 27.97 -29.99
N ALA F 41 16.69 28.29 -31.28
CA ALA F 41 16.14 27.35 -32.25
C ALA F 41 17.04 26.12 -32.38
N ALA F 42 16.60 25.15 -33.17
CA ALA F 42 17.32 23.89 -33.34
C ALA F 42 18.23 23.87 -34.55
N GLY F 43 18.22 24.91 -35.38
CA GLY F 43 18.99 24.92 -36.61
C GLY F 43 20.43 25.37 -36.46
N GLN F 44 20.64 26.48 -35.75
CA GLN F 44 21.98 27.03 -35.62
C GLN F 44 22.94 26.07 -34.93
N VAL F 45 22.43 25.05 -34.23
CA VAL F 45 23.30 24.06 -33.61
C VAL F 45 24.19 23.41 -34.67
N HIS F 46 23.59 23.03 -35.79
CA HIS F 46 24.36 22.42 -36.88
C HIS F 46 25.38 23.39 -37.47
N HIS F 47 25.15 24.70 -37.34
CA HIS F 47 26.10 25.67 -37.84
C HIS F 47 27.34 25.79 -36.95
N HIS F 48 27.25 25.32 -35.71
CA HIS F 48 28.38 25.36 -34.79
C HIS F 48 29.04 24.01 -34.57
N PHE F 49 28.32 22.90 -34.78
CA PHE F 49 28.85 21.57 -34.55
C PHE F 49 28.53 20.70 -35.77
N THR F 50 29.57 20.30 -36.49
CA THR F 50 29.39 19.54 -37.73
C THR F 50 28.71 18.21 -37.47
N SER F 51 29.02 17.56 -36.35
CA SER F 51 28.50 16.24 -36.03
C SER F 51 27.64 16.30 -34.77
N SER F 52 26.62 15.45 -34.74
CA SER F 52 25.78 15.33 -33.55
C SER F 52 26.44 14.49 -32.46
N GLY F 53 27.41 13.65 -32.81
CA GLY F 53 28.17 12.91 -31.83
C GLY F 53 29.32 13.72 -31.27
N GLU F 54 29.71 14.77 -32.00
CA GLU F 54 30.77 15.65 -31.53
C GLU F 54 30.29 16.51 -30.37
N LEU F 55 29.10 17.10 -30.50
CA LEU F 55 28.58 17.95 -29.44
C LEU F 55 28.34 17.16 -28.16
N LYS F 56 27.86 15.92 -28.29
CA LYS F 56 27.61 15.10 -27.11
C LYS F 56 28.89 14.80 -26.35
N SER F 57 30.01 14.67 -27.06
CA SER F 57 31.29 14.38 -26.41
C SER F 57 31.93 15.63 -25.82
N GLN F 58 31.89 16.74 -26.57
CA GLN F 58 32.49 17.98 -26.07
C GLN F 58 31.85 18.43 -24.77
N ALA F 59 30.54 18.23 -24.63
CA ALA F 59 29.86 18.59 -23.39
C ALA F 59 30.25 17.66 -22.25
N PHE F 60 30.37 16.36 -22.54
CA PHE F 60 30.76 15.41 -21.51
C PHE F 60 32.10 15.78 -20.89
N ILE F 61 33.03 16.28 -21.71
CA ILE F 61 34.33 16.71 -21.19
C ILE F 61 34.16 17.90 -20.26
N ARG F 62 33.39 18.90 -20.67
CA ARG F 62 33.22 20.09 -19.86
C ARG F 62 32.60 19.76 -18.51
N VAL F 63 31.64 18.83 -18.49
CA VAL F 63 31.01 18.44 -17.24
C VAL F 63 32.06 17.90 -16.26
N ILE F 64 33.04 17.16 -16.78
CA ILE F 64 34.08 16.61 -15.92
C ILE F 64 35.05 17.71 -15.49
N ARG F 65 35.54 18.50 -16.44
CA ARG F 65 36.44 19.59 -16.11
C ARG F 65 35.85 20.48 -15.03
N GLU F 66 34.52 20.66 -15.04
CA GLU F 66 33.87 21.41 -13.97
C GLU F 66 33.84 20.62 -12.67
N MET F 67 33.82 19.29 -12.75
CA MET F 67 33.86 18.46 -11.55
C MET F 67 35.23 18.51 -10.91
N MET F 68 36.30 18.58 -11.71
CA MET F 68 37.64 18.63 -11.16
C MET F 68 37.91 19.95 -10.44
N ASP F 69 37.30 21.04 -10.91
CA ASP F 69 37.48 22.32 -10.25
C ASP F 69 36.76 22.36 -8.90
N LEU F 70 35.47 21.97 -8.89
CA LEU F 70 34.75 21.86 -7.62
C LEU F 70 35.47 20.95 -6.64
N GLN F 71 36.18 19.95 -7.14
CA GLN F 71 36.93 19.06 -6.27
C GLN F 71 38.07 19.77 -5.56
N ARG F 72 38.52 20.91 -6.08
CA ARG F 72 39.72 21.54 -5.55
C ARG F 72 39.45 22.10 -4.15
N LEU F 73 39.75 21.30 -3.14
CA LEU F 73 39.51 21.66 -1.75
C LEU F 73 40.65 22.57 -1.26
N SER F 74 40.71 22.77 0.06
CA SER F 74 41.75 23.59 0.65
C SER F 74 43.14 23.09 0.24
N ARG F 75 43.95 24.00 -0.30
CA ARG F 75 45.32 23.65 -0.65
C ARG F 75 46.13 23.26 0.58
N THR F 76 45.95 23.97 1.69
CA THR F 76 46.72 23.70 2.90
C THR F 76 46.21 22.48 3.65
N ALA F 77 45.01 22.00 3.33
CA ALA F 77 44.50 20.79 3.96
C ALA F 77 45.40 19.60 3.64
N GLY F 78 45.29 18.57 4.46
CA GLY F 78 46.12 17.38 4.30
C GLY F 78 46.08 16.82 2.90
N TRP F 79 47.25 16.48 2.35
CA TRP F 79 47.30 15.88 1.03
C TRP F 79 46.51 14.59 0.97
N ARG F 80 46.35 13.91 2.11
CA ARG F 80 45.50 12.72 2.16
C ARG F 80 44.05 13.06 1.84
N GLU F 81 43.53 14.12 2.47
CA GLU F 81 42.15 14.52 2.22
C GLU F 81 41.95 15.02 0.81
N GLN F 82 42.97 15.65 0.21
CA GLN F 82 42.86 16.10 -1.16
C GLN F 82 42.85 14.91 -2.13
N LEU F 83 43.82 14.01 -1.99
CA LEU F 83 43.85 12.82 -2.83
C LEU F 83 42.62 11.96 -2.59
N PHE F 84 42.21 11.79 -1.33
CA PHE F 84 41.02 11.00 -1.05
C PHE F 84 39.76 11.65 -1.62
N SER F 85 39.63 12.98 -1.46
CA SER F 85 38.48 13.67 -2.03
C SER F 85 38.48 13.56 -3.55
N ALA F 86 39.67 13.59 -4.17
CA ALA F 86 39.75 13.48 -5.62
C ALA F 86 39.38 12.08 -6.10
N LEU F 87 39.61 11.05 -5.28
CA LEU F 87 39.30 9.68 -5.66
C LEU F 87 37.87 9.31 -5.28
N GLY F 88 37.55 9.36 -3.99
CA GLY F 88 36.20 9.09 -3.54
C GLY F 88 35.61 10.23 -2.74
N SER F 89 34.60 10.89 -3.28
CA SER F 89 33.92 11.99 -2.61
C SER F 89 32.47 11.59 -2.37
N GLU F 90 32.06 11.61 -1.11
CA GLU F 90 30.70 11.29 -0.73
C GLU F 90 29.77 12.50 -0.78
N ASP F 91 30.23 13.61 -1.36
CA ASP F 91 29.39 14.80 -1.46
C ASP F 91 28.18 14.51 -2.35
N GLY F 92 27.00 14.86 -1.84
CA GLY F 92 25.78 14.63 -2.59
C GLY F 92 25.68 15.45 -3.87
N ARG F 93 26.40 16.56 -3.95
CA ARG F 93 26.39 17.41 -5.13
C ARG F 93 27.22 16.85 -6.28
N LEU F 94 27.80 15.65 -6.11
CA LEU F 94 28.59 15.03 -7.16
C LEU F 94 27.91 13.83 -7.80
N GLU F 95 26.80 13.35 -7.24
CA GLU F 95 26.08 12.22 -7.83
C GLU F 95 25.83 12.38 -9.32
N PRO F 96 25.24 13.48 -9.81
CA PRO F 96 24.98 13.58 -11.26
C PRO F 96 26.25 13.52 -12.10
N TYR F 97 27.32 14.18 -11.67
CA TYR F 97 28.59 14.10 -12.40
C TYR F 97 29.03 12.66 -12.54
N ILE F 98 29.02 11.91 -11.44
CA ILE F 98 29.40 10.49 -11.49
C ILE F 98 28.38 9.70 -12.28
N ARG F 99 27.09 9.96 -12.04
CA ARG F 99 26.03 9.25 -12.75
C ARG F 99 26.18 9.39 -14.26
N LEU F 100 26.74 10.50 -14.72
CA LEU F 100 26.99 10.69 -16.15
C LEU F 100 28.26 9.98 -16.58
N TRP F 101 29.30 9.99 -15.73
CA TRP F 101 30.55 9.35 -16.08
C TRP F 101 30.36 7.85 -16.22
N ARG F 102 29.66 7.22 -15.27
CA ARG F 102 29.30 5.81 -15.42
C ARG F 102 28.66 5.57 -16.78
N GLN F 103 27.61 6.32 -17.09
CA GLN F 103 26.95 6.19 -18.39
C GLN F 103 27.95 6.35 -19.53
N ALA F 104 28.83 7.36 -19.43
CA ALA F 104 29.83 7.59 -20.47
C ALA F 104 30.75 6.39 -20.65
N GLN F 105 30.92 5.56 -19.61
CA GLN F 105 31.73 4.36 -19.74
C GLN F 105 30.99 3.28 -20.51
N LEU F 106 29.73 3.04 -20.16
CA LEU F 106 28.94 2.02 -20.85
C LEU F 106 28.78 2.35 -22.33
N LEU F 107 28.58 3.63 -22.66
CA LEU F 107 28.37 4.04 -24.04
C LEU F 107 29.68 4.11 -24.82
N ALA F 108 30.82 4.27 -24.14
CA ALA F 108 32.10 4.36 -24.84
C ALA F 108 32.47 3.09 -25.58
N ASP F 109 31.81 1.98 -25.31
CA ASP F 109 32.13 0.73 -26.01
C ASP F 109 31.68 0.79 -27.46
N SER F 110 30.47 1.29 -27.72
CA SER F 110 29.90 1.27 -29.06
C SER F 110 30.11 2.55 -29.83
N ASP F 111 30.62 3.61 -29.20
CA ASP F 111 30.79 4.90 -29.85
C ASP F 111 32.27 5.25 -29.92
N PRO F 112 32.86 5.38 -31.12
CA PRO F 112 34.27 5.81 -31.17
C PRO F 112 34.46 7.27 -30.81
N GLU F 113 33.47 8.12 -31.11
CA GLU F 113 33.57 9.53 -30.73
C GLU F 113 33.66 9.69 -29.21
N ILE F 114 32.99 8.81 -28.46
CA ILE F 114 33.01 8.91 -27.01
C ILE F 114 34.27 8.31 -26.43
N LYS F 115 34.68 7.13 -26.92
CA LYS F 115 35.82 6.43 -26.35
C LYS F 115 37.02 7.37 -26.24
N SER F 116 37.43 7.97 -27.35
CA SER F 116 38.54 8.92 -27.32
C SER F 116 38.23 10.10 -26.40
N ALA F 117 36.97 10.52 -26.37
CA ALA F 117 36.58 11.60 -25.46
C ALA F 117 36.59 11.13 -24.01
N TYR F 118 36.18 9.88 -23.78
CA TYR F 118 36.24 9.32 -22.43
C TYR F 118 37.68 9.03 -22.02
N LEU F 119 38.48 8.48 -22.94
CA LEU F 119 39.89 8.27 -22.66
C LEU F 119 40.57 9.57 -22.26
N LEU F 120 40.07 10.70 -22.77
CA LEU F 120 40.66 11.99 -22.43
C LEU F 120 40.28 12.42 -21.01
N THR F 121 39.10 12.02 -20.54
CA THR F 121 38.72 12.33 -19.17
C THR F 121 39.51 11.50 -18.16
N MET F 122 39.86 10.27 -18.53
CA MET F 122 40.65 9.43 -17.63
C MET F 122 42.05 10.00 -17.43
N ASN F 123 42.69 10.47 -18.50
CA ASN F 123 44.00 11.07 -18.38
C ASN F 123 43.97 12.31 -17.51
N LEU F 124 42.91 13.12 -17.64
CA LEU F 124 42.77 14.29 -16.77
C LEU F 124 42.61 13.87 -15.31
N TRP F 125 41.74 12.89 -15.06
CA TRP F 125 41.62 12.36 -13.70
C TRP F 125 42.95 11.84 -13.19
N HIS F 126 43.79 11.31 -14.08
CA HIS F 126 45.10 10.82 -13.67
C HIS F 126 46.04 11.95 -13.31
N ASP F 127 46.10 12.99 -14.15
CA ASP F 127 46.99 14.12 -13.88
C ASP F 127 46.66 14.78 -12.55
N GLU F 128 45.37 14.85 -12.21
CA GLU F 128 44.99 15.45 -10.93
C GLU F 128 45.55 14.64 -9.76
N ALA F 129 45.54 13.31 -9.88
CA ALA F 129 46.12 12.48 -8.84
C ALA F 129 47.63 12.67 -8.76
N VAL F 130 48.30 12.68 -9.91
CA VAL F 130 49.76 12.86 -9.93
C VAL F 130 50.12 14.21 -9.33
N ARG F 131 49.38 15.26 -9.67
CA ARG F 131 49.65 16.57 -9.12
C ARG F 131 49.58 16.55 -7.60
N ILE F 132 48.59 15.86 -7.03
CA ILE F 132 48.45 15.78 -5.58
C ILE F 132 49.56 14.92 -4.98
N ILE F 133 49.89 13.81 -5.64
CA ILE F 133 50.90 12.90 -5.09
C ILE F 133 52.27 13.56 -5.10
N ARG F 134 52.69 14.11 -6.24
CA ARG F 134 53.98 14.78 -6.33
C ARG F 134 54.08 15.90 -5.31
N ALA F 135 53.15 16.86 -5.37
CA ALA F 135 53.17 17.97 -4.42
C ALA F 135 53.11 17.45 -2.98
N GLY F 136 52.34 16.39 -2.75
CA GLY F 136 52.29 15.79 -1.43
C GLY F 136 53.58 15.09 -1.05
N HIS F 137 54.41 14.72 -2.03
CA HIS F 137 55.67 14.06 -1.74
C HIS F 137 56.75 15.07 -1.34
N ALA F 138 56.83 16.18 -2.07
CA ALA F 138 57.82 17.21 -1.75
C ALA F 138 57.60 17.77 -0.34
N ALA F 139 56.35 17.79 0.13
CA ALA F 139 56.07 18.28 1.47
C ALA F 139 56.58 17.34 2.54
N GLY F 140 56.67 16.05 2.23
CA GLY F 140 57.12 15.05 3.18
C GLY F 140 56.03 14.25 3.84
N GLU F 141 54.79 14.36 3.38
CA GLU F 141 53.69 13.57 3.94
C GLU F 141 53.57 12.22 3.27
N PHE F 142 53.49 12.20 1.94
CA PHE F 142 53.44 10.94 1.20
C PHE F 142 54.83 10.35 1.07
N THR F 143 54.89 9.02 1.06
CA THR F 143 56.13 8.28 0.91
C THR F 143 56.02 7.43 -0.34
N LEU F 144 56.82 7.74 -1.35
CA LEU F 144 56.73 7.09 -2.65
C LEU F 144 57.77 5.98 -2.74
N ARG F 145 57.30 4.74 -2.83
CA ARG F 145 58.15 3.61 -3.19
C ARG F 145 57.95 3.18 -4.63
N ASP F 146 57.34 4.05 -5.45
CA ASP F 146 57.12 3.81 -6.86
C ASP F 146 56.73 5.12 -7.50
N SER F 147 56.82 5.17 -8.83
CA SER F 147 56.54 6.41 -9.55
C SER F 147 55.14 6.90 -9.28
N ALA F 148 55.00 8.22 -9.12
CA ALA F 148 53.70 8.82 -8.90
C ALA F 148 52.73 8.50 -10.03
N GLU F 149 53.25 8.33 -11.25
CA GLU F 149 52.38 7.97 -12.37
C GLU F 149 51.74 6.60 -12.13
N ASN F 150 52.53 5.63 -11.69
CA ASN F 150 51.99 4.30 -11.43
C ASN F 150 51.07 4.30 -10.21
N ILE F 151 51.48 4.96 -9.13
CA ILE F 151 50.65 4.98 -7.93
C ILE F 151 49.30 5.61 -8.22
N ALA F 152 49.25 6.55 -9.17
CA ALA F 152 47.98 7.18 -9.52
C ALA F 152 47.07 6.22 -10.28
N TRP F 153 47.62 5.48 -11.23
CA TRP F 153 46.81 4.53 -12.00
C TRP F 153 46.18 3.49 -11.08
N ARG F 154 47.01 2.76 -10.33
CA ARG F 154 46.49 1.70 -9.48
C ARG F 154 45.41 2.22 -8.54
N LEU F 155 45.63 3.39 -7.95
CA LEU F 155 44.61 3.96 -7.07
C LEU F 155 43.32 4.26 -7.84
N ILE F 156 43.44 4.68 -9.09
CA ILE F 156 42.27 4.94 -9.92
C ILE F 156 41.52 3.64 -10.20
N SER F 157 42.21 2.68 -10.82
CA SER F 157 41.59 1.40 -11.14
C SER F 157 40.85 0.84 -9.95
N LEU F 158 41.43 0.96 -8.75
CA LEU F 158 40.75 0.52 -7.54
C LEU F 158 39.38 1.17 -7.40
N VAL F 159 39.24 2.42 -7.85
CA VAL F 159 37.96 3.10 -7.76
C VAL F 159 36.99 2.57 -8.82
N CYS F 160 37.43 2.54 -10.07
CA CYS F 160 36.57 2.03 -11.14
C CYS F 160 36.07 0.62 -10.82
N GLY F 161 36.95 -0.23 -10.30
CA GLY F 161 36.55 -1.60 -9.99
C GLY F 161 35.57 -1.67 -8.84
N LEU F 162 35.88 -0.99 -7.73
CA LEU F 162 34.97 -0.99 -6.59
C LEU F 162 33.62 -0.39 -6.97
N ASP F 163 33.59 0.58 -7.88
CA ASP F 163 32.32 1.16 -8.29
C ASP F 163 31.51 0.18 -9.11
N GLY F 164 32.15 -0.54 -10.03
CA GLY F 164 31.47 -1.53 -10.84
C GLY F 164 30.84 -2.64 -10.03
N ILE F 165 31.29 -2.85 -8.80
CA ILE F 165 30.69 -3.82 -7.89
C ILE F 165 29.66 -3.17 -6.97
N TYR F 166 29.91 -1.93 -6.57
CA TYR F 166 29.02 -1.24 -5.65
C TYR F 166 27.66 -0.99 -6.29
N VAL F 167 27.65 -0.49 -7.52
CA VAL F 167 26.39 -0.16 -8.19
C VAL F 167 25.52 -1.41 -8.33
N LEU F 168 26.14 -2.58 -8.46
CA LEU F 168 25.39 -3.81 -8.63
C LEU F 168 24.59 -4.21 -7.40
N GLY F 169 24.74 -3.50 -6.28
CA GLY F 169 24.00 -3.82 -5.09
C GLY F 169 24.63 -4.88 -4.20
N MET F 170 25.93 -5.06 -4.28
CA MET F 170 26.61 -6.03 -3.43
C MET F 170 26.53 -5.57 -1.98
N PRO F 171 25.81 -6.27 -1.10
CA PRO F 171 25.67 -5.77 0.28
C PRO F 171 27.00 -5.70 1.03
N GLU F 172 27.89 -6.68 0.80
CA GLU F 172 29.19 -6.67 1.47
C GLU F 172 30.11 -5.58 0.96
N VAL F 173 29.75 -4.92 -0.15
CA VAL F 173 30.57 -3.86 -0.74
C VAL F 173 29.66 -2.65 -0.91
N ASP F 174 29.67 -1.76 0.08
CA ASP F 174 28.85 -0.55 0.09
C ASP F 174 29.75 0.67 0.25
N ASP F 175 29.13 1.85 0.32
CA ASP F 175 29.91 3.09 0.35
C ASP F 175 30.88 3.09 1.53
N ALA F 176 30.42 2.66 2.70
CA ALA F 176 31.29 2.60 3.87
C ALA F 176 32.50 1.72 3.59
N ALA F 177 32.25 0.47 3.20
CA ALA F 177 33.36 -0.40 2.78
C ALA F 177 34.12 0.22 1.62
N PHE F 178 33.40 0.80 0.66
CA PHE F 178 34.05 1.51 -0.43
C PHE F 178 35.05 2.54 0.12
N THR F 179 34.62 3.30 1.12
CA THR F 179 35.50 4.29 1.72
C THR F 179 36.72 3.63 2.34
N ARG F 180 36.51 2.70 3.27
CA ARG F 180 37.62 2.04 3.95
C ARG F 180 38.59 1.44 2.95
N HIS F 181 38.08 0.69 1.98
CA HIS F 181 38.96 0.07 0.98
C HIS F 181 39.81 1.12 0.30
N LEU F 182 39.23 2.27 -0.04
CA LEU F 182 40.01 3.32 -0.70
C LEU F 182 41.06 3.88 0.24
N GLN F 183 40.67 4.17 1.49
CA GLN F 183 41.63 4.71 2.44
C GLN F 183 42.68 3.68 2.81
N HIS F 184 42.36 2.38 2.70
CA HIS F 184 43.32 1.34 3.05
C HIS F 184 44.40 1.21 1.98
N VAL F 185 44.03 1.32 0.70
CA VAL F 185 45.03 1.27 -0.35
C VAL F 185 45.84 2.56 -0.37
N ILE F 186 45.25 3.67 0.07
CA ILE F 186 46.02 4.89 0.27
C ILE F 186 47.04 4.67 1.38
N GLN F 187 46.62 4.03 2.47
CA GLN F 187 47.55 3.70 3.55
C GLN F 187 48.73 2.88 3.04
N LEU F 188 48.47 1.94 2.14
CA LEU F 188 49.52 1.01 1.69
C LEU F 188 50.41 1.64 0.63
N GLU F 189 49.83 2.43 -0.28
CA GLU F 189 50.61 2.92 -1.41
C GLU F 189 51.54 4.06 -1.02
N LEU F 190 51.08 4.96 -0.15
CA LEU F 190 51.81 6.19 0.14
C LEU F 190 52.38 6.24 1.55
N PHE F 191 52.00 5.33 2.44
CA PHE F 191 52.40 5.38 3.85
C PHE F 191 52.98 4.01 4.22
N SER F 192 54.28 3.85 4.01
CA SER F 192 54.98 2.62 4.37
C SER F 192 55.92 2.85 5.56
N ASN G 5 3.51 2.60 -21.49
CA ASN G 5 4.64 3.51 -21.70
C ASN G 5 4.17 4.86 -22.23
N ARG G 6 3.81 4.89 -23.51
CA ARG G 6 3.39 6.11 -24.19
C ARG G 6 2.42 6.94 -23.38
N GLU G 7 1.22 6.40 -23.13
CA GLU G 7 0.18 7.10 -22.39
C GLU G 7 -0.09 6.49 -21.03
N GLU G 8 0.25 5.21 -20.83
CA GLU G 8 0.08 4.57 -19.53
C GLU G 8 1.07 5.10 -18.49
N ARG G 9 2.06 5.89 -18.92
CA ARG G 9 2.92 6.61 -17.99
C ARG G 9 2.53 8.07 -17.82
N ARG G 10 1.98 8.68 -18.87
CA ARG G 10 1.38 10.02 -18.72
C ARG G 10 0.20 9.98 -17.76
N GLU G 11 -0.51 8.85 -17.69
CA GLU G 11 -1.64 8.73 -16.79
C GLU G 11 -1.19 8.58 -15.33
N THR G 12 -0.06 7.91 -15.10
CA THR G 12 0.50 7.84 -13.75
C THR G 12 0.92 9.21 -13.25
N ILE G 13 1.16 10.16 -14.14
CA ILE G 13 1.47 11.53 -13.75
C ILE G 13 0.20 12.35 -13.57
N MET G 14 -0.76 12.18 -14.47
CA MET G 14 -2.01 12.93 -14.37
C MET G 14 -2.75 12.58 -13.08
N GLN G 15 -3.00 11.29 -12.84
CA GLN G 15 -3.70 10.87 -11.63
C GLN G 15 -2.99 11.41 -10.39
N ALA G 16 -1.65 11.36 -10.38
CA ALA G 16 -0.91 11.95 -9.28
C ALA G 16 -1.05 13.47 -9.26
N ALA G 17 -1.21 14.08 -10.42
CA ALA G 17 -1.48 15.52 -10.48
C ALA G 17 -2.91 15.83 -10.06
N MET G 18 -3.84 14.91 -10.34
CA MET G 18 -5.23 15.14 -9.97
C MET G 18 -5.45 14.99 -8.48
N ARG G 19 -4.75 14.04 -7.85
CA ARG G 19 -4.98 13.76 -6.43
C ARG G 19 -4.54 14.94 -5.57
N VAL G 20 -3.34 15.47 -5.81
CA VAL G 20 -2.86 16.61 -5.04
C VAL G 20 -3.76 17.81 -5.24
N ALA G 21 -4.48 17.87 -6.36
CA ALA G 21 -5.40 18.98 -6.59
C ALA G 21 -6.57 18.94 -5.62
N LEU G 22 -7.03 17.74 -5.27
CA LEU G 22 -8.13 17.60 -4.32
C LEU G 22 -7.66 17.58 -2.87
N ASP G 23 -6.39 17.27 -2.62
CA ASP G 23 -5.87 17.25 -1.26
C ASP G 23 -5.38 18.63 -0.82
N GLN G 24 -4.74 19.37 -1.71
CA GLN G 24 -4.13 20.66 -1.38
C GLN G 24 -4.70 21.83 -2.17
N GLY G 25 -5.06 21.63 -3.43
CA GLY G 25 -5.52 22.70 -4.29
C GLY G 25 -4.44 23.15 -5.26
N PHE G 26 -4.81 24.12 -6.10
CA PHE G 26 -3.88 24.62 -7.12
C PHE G 26 -2.56 25.04 -6.50
N THR G 27 -2.61 25.73 -5.36
CA THR G 27 -1.38 26.22 -4.74
C THR G 27 -0.40 25.08 -4.47
N GLY G 28 -0.91 23.89 -4.16
CA GLY G 28 -0.07 22.75 -3.87
C GLY G 28 0.34 21.93 -5.07
N MET G 29 -0.14 22.28 -6.27
CA MET G 29 0.16 21.49 -7.46
C MET G 29 1.52 21.86 -8.03
N THR G 30 2.54 21.82 -7.19
CA THR G 30 3.91 22.07 -7.63
C THR G 30 4.53 20.81 -8.19
N VAL G 31 5.60 20.98 -8.98
CA VAL G 31 6.27 19.84 -9.58
C VAL G 31 6.86 18.94 -8.49
N ARG G 32 7.29 19.53 -7.37
CA ARG G 32 7.89 18.73 -6.30
C ARG G 32 6.84 17.89 -5.58
N ASN G 33 5.64 18.44 -5.40
CA ASN G 33 4.58 17.71 -4.70
C ASN G 33 3.90 16.68 -5.60
N ILE G 34 3.98 16.83 -6.92
CA ILE G 34 3.41 15.86 -7.83
C ILE G 34 4.37 14.70 -8.05
N ALA G 35 5.64 15.00 -8.27
CA ALA G 35 6.64 13.95 -8.49
C ALA G 35 6.69 13.00 -7.29
N THR G 36 6.80 13.56 -6.08
CA THR G 36 6.83 12.71 -4.89
C THR G 36 5.55 11.90 -4.76
N ALA G 37 4.41 12.50 -5.08
CA ALA G 37 3.15 11.77 -5.02
C ALA G 37 3.09 10.68 -6.07
N ALA G 38 3.75 10.87 -7.21
CA ALA G 38 3.79 9.87 -8.26
C ALA G 38 4.93 8.87 -8.09
N GLY G 39 5.80 9.07 -7.11
CA GLY G 39 6.92 8.16 -6.91
C GLY G 39 7.87 8.11 -8.08
N VAL G 40 8.22 9.27 -8.63
CA VAL G 40 9.05 9.36 -9.83
C VAL G 40 9.90 10.62 -9.74
N ALA G 41 10.98 10.65 -10.52
CA ALA G 41 11.84 11.82 -10.58
C ALA G 41 11.04 13.03 -11.08
N ALA G 42 11.67 14.20 -10.99
CA ALA G 42 11.05 15.45 -11.39
C ALA G 42 11.41 15.86 -12.81
N GLY G 43 12.15 15.04 -13.54
CA GLY G 43 12.56 15.38 -14.88
C GLY G 43 11.54 15.05 -15.95
N GLN G 44 11.02 13.82 -15.92
CA GLN G 44 10.07 13.38 -16.92
C GLN G 44 8.79 14.21 -16.93
N VAL G 45 8.54 15.02 -15.89
CA VAL G 45 7.35 15.86 -15.89
C VAL G 45 7.38 16.82 -17.06
N HIS G 46 8.57 17.28 -17.45
CA HIS G 46 8.70 18.16 -18.61
C HIS G 46 8.60 17.40 -19.93
N HIS G 47 8.85 16.09 -19.92
CA HIS G 47 8.74 15.31 -21.14
C HIS G 47 7.29 15.10 -21.57
N HIS G 48 6.37 15.04 -20.60
CA HIS G 48 4.96 14.76 -20.87
C HIS G 48 4.12 16.02 -21.01
N PHE G 49 4.33 17.01 -20.15
CA PHE G 49 3.52 18.23 -20.14
C PHE G 49 4.37 19.40 -20.62
N THR G 50 3.86 20.12 -21.61
CA THR G 50 4.61 21.23 -22.20
C THR G 50 4.70 22.40 -21.23
N SER G 51 3.56 22.89 -20.74
CA SER G 51 3.49 24.04 -19.85
C SER G 51 2.88 23.63 -18.52
N SER G 52 3.40 24.22 -17.44
CA SER G 52 2.80 23.99 -16.13
C SER G 52 1.33 24.39 -16.12
N GLY G 53 0.99 25.46 -16.83
CA GLY G 53 -0.40 25.85 -16.97
C GLY G 53 -1.24 24.77 -17.64
N GLU G 54 -0.65 24.05 -18.60
CA GLU G 54 -1.37 22.96 -19.24
C GLU G 54 -1.68 21.84 -18.24
N LEU G 55 -0.67 21.45 -17.46
CA LEU G 55 -0.88 20.37 -16.48
C LEU G 55 -1.97 20.74 -15.49
N LYS G 56 -1.88 21.92 -14.89
CA LYS G 56 -2.88 22.34 -13.93
C LYS G 56 -4.25 22.51 -14.57
N SER G 57 -4.31 22.85 -15.85
CA SER G 57 -5.58 22.99 -16.54
C SER G 57 -6.16 21.64 -16.93
N GLN G 58 -5.37 20.82 -17.63
CA GLN G 58 -5.85 19.49 -18.01
C GLN G 58 -6.29 18.68 -16.80
N ALA G 59 -5.52 18.75 -15.71
CA ALA G 59 -5.87 18.00 -14.51
C ALA G 59 -7.18 18.50 -13.92
N PHE G 60 -7.40 19.81 -13.94
CA PHE G 60 -8.63 20.37 -13.38
C PHE G 60 -9.87 19.91 -14.14
N ILE G 61 -9.75 19.74 -15.46
CA ILE G 61 -10.87 19.23 -16.24
C ILE G 61 -11.08 17.75 -15.94
N ARG G 62 -10.00 16.98 -15.84
CA ARG G 62 -10.12 15.55 -15.57
C ARG G 62 -10.80 15.29 -14.24
N VAL G 63 -10.44 16.05 -13.21
CA VAL G 63 -10.95 15.78 -11.86
C VAL G 63 -12.43 16.11 -11.76
N ILE G 64 -12.90 17.12 -12.49
CA ILE G 64 -14.33 17.45 -12.46
C ILE G 64 -15.14 16.41 -13.20
N ARG G 65 -14.60 15.89 -14.31
CA ARG G 65 -15.30 14.84 -15.05
C ARG G 65 -15.55 13.62 -14.16
N GLU G 66 -14.57 13.27 -13.32
CA GLU G 66 -14.77 12.14 -12.41
C GLU G 66 -15.94 12.39 -11.46
N MET G 67 -16.21 13.65 -11.14
CA MET G 67 -17.29 13.96 -10.21
C MET G 67 -18.65 13.77 -10.88
N MET G 68 -18.87 14.42 -12.02
CA MET G 68 -20.17 14.33 -12.68
C MET G 68 -20.54 12.88 -13.00
N ASP G 69 -19.54 12.06 -13.36
CA ASP G 69 -19.79 10.63 -13.51
C ASP G 69 -20.18 9.99 -12.19
N LEU G 70 -19.46 10.35 -11.12
CA LEU G 70 -19.81 9.85 -9.79
C LEU G 70 -21.21 10.26 -9.39
N GLN G 71 -21.59 11.51 -9.68
CA GLN G 71 -22.85 12.05 -9.22
C GLN G 71 -24.01 11.85 -10.19
N ARG G 72 -23.81 11.04 -11.24
CA ARG G 72 -24.90 10.72 -12.16
C ARG G 72 -25.68 9.53 -11.61
N LEU G 73 -27.00 9.68 -11.60
CA LEU G 73 -27.88 8.63 -11.07
C LEU G 73 -28.18 7.62 -12.18
N SER G 74 -28.96 6.59 -11.82
CA SER G 74 -29.10 5.40 -12.64
C SER G 74 -30.18 5.50 -13.71
N ARG G 75 -30.60 6.72 -14.06
CA ARG G 75 -31.51 6.93 -15.19
C ARG G 75 -32.94 6.50 -14.88
N THR G 76 -33.15 5.85 -13.73
CA THR G 76 -34.48 5.41 -13.33
C THR G 76 -35.02 6.16 -12.12
N ALA G 77 -34.17 6.86 -11.38
CA ALA G 77 -34.63 7.69 -10.28
C ALA G 77 -35.45 8.86 -10.80
N GLY G 78 -36.26 9.43 -9.92
CA GLY G 78 -37.11 10.55 -10.29
C GLY G 78 -36.31 11.68 -10.89
N TRP G 79 -36.77 12.22 -12.02
CA TRP G 79 -36.00 13.25 -12.71
C TRP G 79 -35.71 14.44 -11.82
N ARG G 80 -36.60 14.71 -10.86
CA ARG G 80 -36.29 15.73 -9.86
C ARG G 80 -35.06 15.35 -9.06
N GLU G 81 -34.92 14.07 -8.73
CA GLU G 81 -33.77 13.62 -7.95
C GLU G 81 -32.51 13.56 -8.80
N GLN G 82 -32.65 13.26 -10.10
CA GLN G 82 -31.49 13.25 -10.97
C GLN G 82 -30.98 14.66 -11.23
N LEU G 83 -31.90 15.62 -11.37
CA LEU G 83 -31.48 17.00 -11.62
C LEU G 83 -30.92 17.64 -10.34
N PHE G 84 -31.59 17.43 -9.21
CA PHE G 84 -31.11 18.01 -7.95
C PHE G 84 -29.68 17.56 -7.65
N SER G 85 -29.38 16.28 -7.90
CA SER G 85 -28.03 15.79 -7.66
C SER G 85 -27.01 16.50 -8.55
N ALA G 86 -27.35 16.66 -9.84
CA ALA G 86 -26.41 17.22 -10.80
C ALA G 86 -26.30 18.75 -10.71
N LEU G 87 -27.12 19.39 -9.87
CA LEU G 87 -27.00 20.83 -9.63
C LEU G 87 -26.31 21.12 -8.31
N GLY G 88 -26.72 20.46 -7.24
CA GLY G 88 -26.03 20.57 -5.98
C GLY G 88 -26.52 19.56 -4.96
N SER G 89 -25.61 18.81 -4.37
CA SER G 89 -25.93 17.88 -3.31
C SER G 89 -25.09 18.22 -2.09
N GLU G 90 -25.70 18.12 -0.91
CA GLU G 90 -25.01 18.42 0.33
C GLU G 90 -24.15 17.27 0.80
N ASP G 91 -23.85 16.31 -0.08
CA ASP G 91 -22.98 15.20 0.26
C ASP G 91 -21.59 15.71 0.66
N GLY G 92 -20.98 15.02 1.62
CA GLY G 92 -19.68 15.41 2.13
C GLY G 92 -18.50 14.99 1.28
N ARG G 93 -18.73 14.18 0.24
CA ARG G 93 -17.65 13.76 -0.65
C ARG G 93 -17.40 14.76 -1.78
N LEU G 94 -18.06 15.92 -1.74
CA LEU G 94 -17.91 16.92 -2.77
C LEU G 94 -17.09 18.14 -2.33
N GLU G 95 -16.81 18.27 -1.03
CA GLU G 95 -16.00 19.38 -0.54
C GLU G 95 -14.77 19.60 -1.42
N PRO G 96 -13.89 18.59 -1.57
CA PRO G 96 -12.66 18.83 -2.33
C PRO G 96 -12.91 19.18 -3.78
N TYR G 97 -13.95 18.62 -4.39
CA TYR G 97 -14.28 18.98 -5.77
C TYR G 97 -14.72 20.43 -5.87
N ILE G 98 -15.34 20.96 -4.82
CA ILE G 98 -15.81 22.35 -4.84
C ILE G 98 -14.68 23.30 -4.46
N ARG G 99 -13.90 22.95 -3.43
CA ARG G 99 -12.75 23.77 -3.06
C ARG G 99 -11.88 24.06 -4.27
N LEU G 100 -11.70 23.07 -5.14
CA LEU G 100 -10.93 23.25 -6.35
C LEU G 100 -11.70 24.05 -7.40
N TRP G 101 -13.03 24.00 -7.37
CA TRP G 101 -13.82 24.75 -8.34
C TRP G 101 -13.96 26.21 -7.94
N ARG G 102 -14.24 26.49 -6.68
CA ARG G 102 -14.23 27.87 -6.20
C ARG G 102 -12.88 28.53 -6.48
N GLN G 103 -11.79 27.81 -6.18
CA GLN G 103 -10.47 28.35 -6.44
C GLN G 103 -10.25 28.56 -7.93
N ALA G 104 -10.69 27.61 -8.76
CA ALA G 104 -10.57 27.79 -10.20
C ALA G 104 -11.36 28.99 -10.68
N GLN G 105 -12.44 29.34 -9.99
CA GLN G 105 -13.19 30.54 -10.34
C GLN G 105 -12.37 31.79 -10.07
N LEU G 106 -11.81 31.91 -8.88
CA LEU G 106 -11.01 33.07 -8.53
C LEU G 106 -9.80 33.20 -9.45
N LEU G 107 -9.10 32.08 -9.67
CA LEU G 107 -7.92 32.11 -10.53
C LEU G 107 -8.26 32.41 -11.98
N ALA G 108 -9.51 32.19 -12.40
CA ALA G 108 -9.89 32.46 -13.78
C ALA G 108 -9.78 33.94 -14.14
N ASP G 109 -9.76 34.82 -13.14
CA ASP G 109 -9.63 36.24 -13.39
C ASP G 109 -8.17 36.67 -13.56
N SER G 110 -7.22 35.87 -13.08
CA SER G 110 -5.81 36.20 -13.16
C SER G 110 -5.00 35.18 -13.97
N ASP G 111 -5.66 34.34 -14.75
CA ASP G 111 -4.98 33.31 -15.52
C ASP G 111 -5.84 32.92 -16.72
N PRO G 112 -5.34 33.04 -17.96
CA PRO G 112 -6.15 32.65 -19.12
C PRO G 112 -6.21 31.15 -19.32
N GLU G 113 -5.16 30.43 -18.92
CA GLU G 113 -5.15 28.98 -19.06
C GLU G 113 -6.23 28.33 -18.19
N ILE G 114 -6.34 28.78 -16.94
CA ILE G 114 -7.41 28.28 -16.07
C ILE G 114 -8.77 28.67 -16.64
N LYS G 115 -8.89 29.93 -17.06
CA LYS G 115 -10.16 30.42 -17.61
C LYS G 115 -10.64 29.50 -18.74
N SER G 116 -9.72 29.09 -19.62
CA SER G 116 -10.10 28.16 -20.67
C SER G 116 -10.69 26.88 -20.09
N ALA G 117 -10.08 26.36 -19.03
CA ALA G 117 -10.59 25.14 -18.41
C ALA G 117 -11.85 25.42 -17.60
N TYR G 118 -11.90 26.57 -16.90
CA TYR G 118 -13.07 26.89 -16.10
C TYR G 118 -14.29 27.14 -16.97
N LEU G 119 -14.12 27.85 -18.09
CA LEU G 119 -15.23 28.07 -19.00
C LEU G 119 -15.70 26.76 -19.62
N LEU G 120 -14.78 25.82 -19.85
CA LEU G 120 -15.17 24.53 -20.42
C LEU G 120 -15.98 23.72 -19.42
N THR G 121 -15.64 23.81 -18.13
CA THR G 121 -16.41 23.08 -17.12
C THR G 121 -17.83 23.62 -17.02
N MET G 122 -18.00 24.95 -17.07
CA MET G 122 -19.34 25.51 -17.01
C MET G 122 -20.18 25.09 -18.21
N ASN G 123 -19.54 24.87 -19.36
CA ASN G 123 -20.27 24.34 -20.52
C ASN G 123 -20.66 22.88 -20.29
N LEU G 124 -19.69 22.04 -19.92
CA LEU G 124 -20.00 20.66 -19.61
C LEU G 124 -21.06 20.58 -18.52
N TRP G 125 -20.92 21.39 -17.47
CA TRP G 125 -21.96 21.44 -16.44
C TRP G 125 -23.29 21.83 -17.04
N HIS G 126 -23.28 22.69 -18.06
CA HIS G 126 -24.52 23.11 -18.71
C HIS G 126 -25.09 21.98 -19.57
N ASP G 127 -24.25 21.36 -20.40
CA ASP G 127 -24.74 20.28 -21.26
C ASP G 127 -25.42 19.18 -20.47
N GLU G 128 -24.98 18.94 -19.23
CA GLU G 128 -25.58 17.89 -18.42
C GLU G 128 -26.98 18.29 -17.95
N ALA G 129 -27.11 19.48 -17.39
CA ALA G 129 -28.43 19.94 -16.94
C ALA G 129 -29.43 19.94 -18.09
N VAL G 130 -28.97 20.33 -19.29
CA VAL G 130 -29.84 20.29 -20.46
C VAL G 130 -30.34 18.87 -20.68
N ARG G 131 -29.47 17.87 -20.51
CA ARG G 131 -29.86 16.50 -20.74
C ARG G 131 -30.99 16.09 -19.81
N ILE G 132 -30.83 16.34 -18.51
CA ILE G 132 -31.84 15.88 -17.54
C ILE G 132 -33.16 16.61 -17.76
N ILE G 133 -33.11 17.90 -18.09
CA ILE G 133 -34.34 18.64 -18.35
C ILE G 133 -35.04 18.11 -19.59
N ARG G 134 -34.29 17.90 -20.67
CA ARG G 134 -34.88 17.35 -21.89
C ARG G 134 -35.51 15.98 -21.62
N ALA G 135 -34.83 15.15 -20.84
CA ALA G 135 -35.32 13.79 -20.60
C ALA G 135 -36.47 13.76 -19.62
N GLY G 136 -36.47 14.66 -18.62
CA GLY G 136 -37.58 14.74 -17.70
C GLY G 136 -38.82 15.36 -18.30
N HIS G 137 -38.65 16.18 -19.33
CA HIS G 137 -39.80 16.73 -20.05
C HIS G 137 -40.36 15.73 -21.05
N ALA G 138 -39.48 15.04 -21.78
CA ALA G 138 -39.93 13.99 -22.68
C ALA G 138 -40.48 12.78 -21.93
N ALA G 139 -40.04 12.58 -20.69
CA ALA G 139 -40.57 11.51 -19.85
C ALA G 139 -41.85 11.90 -19.13
N GLY G 140 -42.33 13.12 -19.34
CA GLY G 140 -43.60 13.54 -18.75
C GLY G 140 -43.54 14.00 -17.32
N GLU G 141 -42.34 14.10 -16.73
CA GLU G 141 -42.22 14.54 -15.35
C GLU G 141 -42.08 16.06 -15.25
N PHE G 142 -41.28 16.66 -16.12
CA PHE G 142 -41.07 18.10 -16.08
C PHE G 142 -42.11 18.82 -16.93
N THR G 143 -42.28 20.11 -16.63
CA THR G 143 -43.14 21.01 -17.40
C THR G 143 -42.30 22.22 -17.77
N LEU G 144 -42.16 22.45 -19.08
CA LEU G 144 -41.26 23.48 -19.59
C LEU G 144 -42.06 24.69 -20.07
N ARG G 145 -41.64 25.88 -19.62
CA ARG G 145 -42.14 27.13 -20.14
C ARG G 145 -41.11 27.86 -20.98
N ASP G 146 -39.85 27.40 -20.98
CA ASP G 146 -38.77 28.01 -21.74
C ASP G 146 -37.89 26.89 -22.26
N SER G 147 -36.93 27.25 -23.11
CA SER G 147 -35.99 26.26 -23.63
C SER G 147 -35.17 25.67 -22.50
N ALA G 148 -34.78 24.40 -22.66
CA ALA G 148 -34.00 23.73 -21.63
C ALA G 148 -32.63 24.40 -21.46
N GLU G 149 -32.06 24.93 -22.55
CA GLU G 149 -30.76 25.58 -22.45
C GLU G 149 -30.83 26.83 -21.58
N ASN G 150 -31.90 27.61 -21.72
CA ASN G 150 -32.06 28.79 -20.89
C ASN G 150 -32.41 28.41 -19.44
N ILE G 151 -33.26 27.41 -19.27
CA ILE G 151 -33.58 26.93 -17.92
C ILE G 151 -32.31 26.41 -17.25
N ALA G 152 -31.38 25.87 -18.02
CA ALA G 152 -30.14 25.37 -17.46
C ALA G 152 -29.30 26.51 -16.87
N TRP G 153 -29.01 27.53 -17.70
CA TRP G 153 -28.17 28.63 -17.24
C TRP G 153 -28.76 29.28 -15.99
N ARG G 154 -30.08 29.44 -15.95
CA ARG G 154 -30.70 30.07 -14.78
C ARG G 154 -30.52 29.20 -13.54
N LEU G 155 -30.69 27.89 -13.67
CA LEU G 155 -30.52 27.00 -12.52
C LEU G 155 -29.07 27.00 -12.05
N ILE G 156 -28.13 26.88 -12.98
CA ILE G 156 -26.71 26.86 -12.61
C ILE G 156 -26.35 28.12 -11.85
N SER G 157 -26.59 29.28 -12.46
CA SER G 157 -26.13 30.54 -11.87
C SER G 157 -26.66 30.72 -10.46
N LEU G 158 -27.90 30.30 -10.21
CA LEU G 158 -28.44 30.39 -8.85
C LEU G 158 -27.62 29.57 -7.87
N VAL G 159 -27.04 28.45 -8.32
CA VAL G 159 -26.14 27.67 -7.48
C VAL G 159 -24.84 28.42 -7.25
N CYS G 160 -24.28 29.00 -8.32
CA CYS G 160 -23.06 29.79 -8.20
C CYS G 160 -23.28 31.04 -7.36
N GLY G 161 -24.50 31.58 -7.37
CA GLY G 161 -24.83 32.75 -6.58
C GLY G 161 -24.97 32.43 -5.11
N LEU G 162 -25.77 31.41 -4.80
CA LEU G 162 -25.92 30.99 -3.40
C LEU G 162 -24.60 30.48 -2.83
N ASP G 163 -23.80 29.81 -3.65
CA ASP G 163 -22.50 29.31 -3.18
C ASP G 163 -21.60 30.45 -2.76
N GLY G 164 -21.49 31.48 -3.60
CA GLY G 164 -20.67 32.64 -3.24
C GLY G 164 -21.11 33.28 -1.94
N ILE G 165 -22.41 33.25 -1.64
CA ILE G 165 -22.90 33.79 -0.37
C ILE G 165 -22.80 32.76 0.74
N TYR G 166 -22.99 31.48 0.42
CA TYR G 166 -22.92 30.43 1.42
C TYR G 166 -21.55 30.36 2.08
N VAL G 167 -20.49 30.71 1.34
CA VAL G 167 -19.14 30.58 1.87
C VAL G 167 -18.80 31.72 2.83
N LEU G 168 -19.39 32.90 2.63
CA LEU G 168 -19.07 34.05 3.47
C LEU G 168 -19.34 33.81 4.94
N GLY G 169 -20.08 32.75 5.27
CA GLY G 169 -20.46 32.48 6.64
C GLY G 169 -21.84 32.97 7.01
N MET G 170 -22.66 33.33 6.03
CA MET G 170 -24.00 33.82 6.32
C MET G 170 -24.80 32.74 7.04
N PRO G 171 -25.43 33.04 8.18
CA PRO G 171 -26.25 32.02 8.86
C PRO G 171 -27.60 31.83 8.20
N GLU G 172 -28.19 32.91 7.69
CA GLU G 172 -29.49 32.80 7.02
C GLU G 172 -29.39 32.12 5.66
N VAL G 173 -28.18 31.80 5.20
CA VAL G 173 -27.97 31.01 3.98
C VAL G 173 -27.06 29.86 4.38
N ASP G 174 -27.64 28.75 4.79
CA ASP G 174 -26.91 27.58 5.25
C ASP G 174 -27.12 26.43 4.27
N ASP G 175 -26.53 25.28 4.61
CA ASP G 175 -26.65 24.11 3.74
C ASP G 175 -28.12 23.69 3.60
N ALA G 176 -28.87 23.76 4.69
CA ALA G 176 -30.29 23.41 4.64
C ALA G 176 -31.06 24.42 3.81
N ALA G 177 -30.86 25.72 4.08
CA ALA G 177 -31.53 26.74 3.29
C ALA G 177 -31.09 26.69 1.83
N PHE G 178 -29.83 26.36 1.58
CA PHE G 178 -29.35 26.22 0.21
C PHE G 178 -30.22 25.27 -0.57
N THR G 179 -30.60 24.15 0.06
CA THR G 179 -31.48 23.19 -0.60
C THR G 179 -32.87 23.77 -0.80
N ARG G 180 -33.42 24.40 0.25
CA ARG G 180 -34.76 24.96 0.14
C ARG G 180 -34.83 25.98 -1.00
N HIS G 181 -33.77 26.77 -1.18
CA HIS G 181 -33.74 27.74 -2.27
C HIS G 181 -33.53 27.08 -3.63
N LEU G 182 -32.90 25.89 -3.66
CA LEU G 182 -32.79 25.16 -4.91
C LEU G 182 -34.06 24.36 -5.20
N GLN G 183 -34.64 23.73 -4.16
CA GLN G 183 -35.92 23.07 -4.33
C GLN G 183 -36.97 24.03 -4.86
N HIS G 184 -37.06 25.23 -4.26
CA HIS G 184 -38.09 26.18 -4.62
C HIS G 184 -38.02 26.55 -6.10
N VAL G 185 -36.83 26.91 -6.58
CA VAL G 185 -36.70 27.35 -7.97
C VAL G 185 -37.02 26.20 -8.92
N ILE G 186 -36.62 24.98 -8.57
CA ILE G 186 -36.93 23.82 -9.41
C ILE G 186 -38.44 23.69 -9.56
N GLN G 187 -39.16 23.74 -8.45
CA GLN G 187 -40.62 23.67 -8.51
C GLN G 187 -41.19 24.77 -9.40
N LEU G 188 -40.49 25.91 -9.50
CA LEU G 188 -40.97 27.02 -10.31
C LEU G 188 -40.53 26.91 -11.77
N GLU G 189 -39.38 26.31 -12.04
CA GLU G 189 -38.86 26.23 -13.40
C GLU G 189 -39.38 25.02 -14.16
N LEU G 190 -39.77 23.95 -13.45
CA LEU G 190 -40.15 22.70 -14.10
C LEU G 190 -41.52 22.17 -13.70
N PHE G 191 -42.24 22.86 -12.82
CA PHE G 191 -43.54 22.38 -12.34
C PHE G 191 -44.46 23.59 -12.20
N SER G 192 -45.30 23.82 -13.22
CA SER G 192 -46.27 24.91 -13.20
C SER G 192 -47.68 24.37 -13.06
N GLY H 2 -4.92 75.20 5.66
CA GLY H 2 -6.24 75.03 6.24
C GLY H 2 -6.20 74.22 7.52
N TYR H 3 -7.08 74.56 8.46
CA TYR H 3 -7.14 73.91 9.77
C TYR H 3 -8.59 73.50 10.06
N LEU H 4 -8.87 72.21 9.97
CA LEU H 4 -10.18 71.64 10.22
C LEU H 4 -10.18 70.95 11.58
N ASN H 5 -11.36 70.63 12.10
CA ASN H 5 -11.43 70.29 13.52
C ASN H 5 -11.33 68.81 13.85
N ARG H 6 -12.42 68.03 13.70
CA ARG H 6 -12.30 66.59 13.83
C ARG H 6 -13.04 65.81 12.75
N GLU H 7 -14.36 66.01 12.67
CA GLU H 7 -15.23 65.17 11.87
C GLU H 7 -15.29 65.62 10.42
N GLU H 8 -15.16 66.92 10.18
CA GLU H 8 -15.01 67.43 8.83
C GLU H 8 -13.68 67.03 8.21
N ARG H 9 -12.80 66.38 8.98
CA ARG H 9 -11.54 65.88 8.44
C ARG H 9 -11.75 64.54 7.74
N ARG H 10 -12.47 63.62 8.38
CA ARG H 10 -12.56 62.26 7.88
C ARG H 10 -13.23 62.21 6.51
N GLU H 11 -14.48 62.68 6.43
CA GLU H 11 -15.25 62.52 5.19
C GLU H 11 -14.51 63.11 4.00
N THR H 12 -13.67 64.13 4.21
CA THR H 12 -12.85 64.64 3.12
C THR H 12 -11.82 63.62 2.69
N ILE H 13 -11.21 62.92 3.65
CA ILE H 13 -10.33 61.81 3.32
C ILE H 13 -11.13 60.68 2.67
N MET H 14 -12.34 60.44 3.18
CA MET H 14 -13.19 59.39 2.62
C MET H 14 -13.55 59.69 1.17
N GLN H 15 -14.16 60.86 0.94
CA GLN H 15 -14.54 61.24 -0.42
C GLN H 15 -13.35 61.23 -1.36
N ALA H 16 -12.14 61.41 -0.83
CA ALA H 16 -10.95 61.23 -1.64
C ALA H 16 -10.72 59.76 -1.94
N ALA H 17 -10.84 58.90 -0.93
CA ALA H 17 -10.73 57.46 -1.15
C ALA H 17 -11.83 56.97 -2.07
N MET H 18 -13.08 57.36 -1.79
CA MET H 18 -14.19 56.96 -2.64
C MET H 18 -13.91 57.32 -4.10
N ARG H 19 -13.28 58.48 -4.33
CA ARG H 19 -12.91 58.84 -5.69
C ARG H 19 -11.80 57.93 -6.22
N VAL H 20 -10.76 57.71 -5.42
CA VAL H 20 -9.66 56.83 -5.84
C VAL H 20 -10.19 55.43 -6.11
N ALA H 21 -11.04 54.91 -5.24
CA ALA H 21 -11.55 53.56 -5.40
C ALA H 21 -12.29 53.41 -6.74
N LEU H 22 -13.06 54.43 -7.12
CA LEU H 22 -13.83 54.36 -8.36
C LEU H 22 -12.97 54.55 -9.60
N ASP H 23 -11.80 55.17 -9.47
CA ASP H 23 -10.93 55.40 -10.61
C ASP H 23 -10.01 54.21 -10.87
N GLN H 24 -9.26 53.79 -9.85
CA GLN H 24 -8.21 52.80 -10.01
C GLN H 24 -8.56 51.45 -9.42
N GLY H 25 -9.42 51.40 -8.42
CA GLY H 25 -9.74 50.16 -7.74
C GLY H 25 -9.01 50.04 -6.42
N PHE H 26 -9.12 48.86 -5.82
CA PHE H 26 -8.46 48.60 -4.55
C PHE H 26 -6.94 48.74 -4.66
N THR H 27 -6.38 48.48 -5.84
CA THR H 27 -4.94 48.56 -6.02
C THR H 27 -4.42 49.95 -5.69
N GLY H 28 -4.98 50.97 -6.32
CA GLY H 28 -4.51 52.33 -6.19
C GLY H 28 -4.91 53.05 -4.92
N MET H 29 -5.42 52.34 -3.92
CA MET H 29 -5.81 52.97 -2.65
C MET H 29 -4.67 52.97 -1.65
N THR H 30 -3.52 53.47 -2.06
CA THR H 30 -2.36 53.61 -1.19
C THR H 30 -2.44 54.92 -0.43
N VAL H 31 -1.82 54.93 0.76
CA VAL H 31 -1.83 56.13 1.59
C VAL H 31 -1.33 57.35 0.83
N ARG H 32 -0.48 57.13 -0.17
CA ARG H 32 0.05 58.25 -0.95
C ARG H 32 -0.97 58.76 -1.96
N ASN H 33 -1.66 57.86 -2.65
CA ASN H 33 -2.67 58.29 -3.61
C ASN H 33 -3.87 58.91 -2.92
N ILE H 34 -4.20 58.44 -1.72
CA ILE H 34 -5.28 59.06 -0.94
C ILE H 34 -4.88 60.45 -0.50
N ALA H 35 -3.73 60.56 0.19
CA ALA H 35 -3.27 61.86 0.68
C ALA H 35 -3.16 62.87 -0.45
N THR H 36 -2.61 62.45 -1.59
CA THR H 36 -2.52 63.33 -2.75
C THR H 36 -3.91 63.78 -3.19
N ALA H 37 -4.81 62.82 -3.42
CA ALA H 37 -6.17 63.16 -3.83
C ALA H 37 -6.86 64.05 -2.79
N ALA H 38 -6.67 63.74 -1.50
CA ALA H 38 -7.31 64.52 -0.46
C ALA H 38 -6.64 65.87 -0.28
N GLY H 39 -5.31 65.90 -0.31
CA GLY H 39 -4.56 67.12 -0.18
C GLY H 39 -3.99 67.39 1.19
N VAL H 40 -3.75 66.36 2.00
CA VAL H 40 -3.18 66.54 3.33
C VAL H 40 -1.88 65.76 3.43
N ALA H 41 -1.20 65.87 4.57
CA ALA H 41 0.03 65.13 4.79
C ALA H 41 -0.26 63.67 5.08
N ALA H 42 0.61 62.79 4.57
CA ALA H 42 0.43 61.36 4.80
C ALA H 42 0.37 61.03 6.29
N GLY H 43 1.06 61.81 7.12
CA GLY H 43 0.99 61.58 8.56
C GLY H 43 -0.41 61.79 9.11
N GLN H 44 -1.13 62.78 8.57
CA GLN H 44 -2.49 63.03 9.01
C GLN H 44 -3.46 61.93 8.54
N VAL H 45 -3.06 61.13 7.56
CA VAL H 45 -3.87 59.97 7.18
C VAL H 45 -3.90 58.96 8.31
N HIS H 46 -2.73 58.66 8.87
CA HIS H 46 -2.66 57.78 10.05
C HIS H 46 -3.38 58.40 11.24
N HIS H 47 -3.66 59.70 11.20
CA HIS H 47 -4.30 60.38 12.32
C HIS H 47 -5.77 60.01 12.47
N HIS H 48 -6.39 59.47 11.42
CA HIS H 48 -7.82 59.18 11.43
C HIS H 48 -8.15 57.70 11.30
N PHE H 49 -7.45 56.97 10.42
CA PHE H 49 -7.72 55.56 10.19
C PHE H 49 -6.50 54.74 10.63
N THR H 50 -6.75 53.74 11.48
CA THR H 50 -5.66 52.94 12.02
C THR H 50 -4.94 52.16 10.92
N SER H 51 -5.69 51.59 10.00
CA SER H 51 -5.15 50.68 8.99
C SER H 51 -5.31 51.28 7.60
N SER H 52 -4.27 51.10 6.77
CA SER H 52 -4.42 51.39 5.35
C SER H 52 -5.46 50.49 4.70
N GLY H 53 -5.76 49.35 5.31
CA GLY H 53 -6.77 48.44 4.79
C GLY H 53 -8.17 48.84 5.21
N GLU H 54 -8.32 49.31 6.44
CA GLU H 54 -9.63 49.76 6.92
C GLU H 54 -10.19 50.84 6.01
N LEU H 55 -9.36 51.84 5.68
CA LEU H 55 -9.78 52.87 4.74
C LEU H 55 -10.29 52.25 3.44
N LYS H 56 -9.62 51.21 2.96
CA LYS H 56 -10.03 50.56 1.72
C LYS H 56 -11.38 49.86 1.89
N SER H 57 -11.56 49.15 3.00
CA SER H 57 -12.82 48.44 3.24
C SER H 57 -13.94 49.41 3.56
N GLN H 58 -13.67 50.41 4.41
CA GLN H 58 -14.71 51.35 4.82
C GLN H 58 -15.16 52.23 3.66
N ALA H 59 -14.22 52.62 2.79
CA ALA H 59 -14.59 53.42 1.63
C ALA H 59 -15.40 52.61 0.64
N PHE H 60 -14.93 51.40 0.33
CA PHE H 60 -15.69 50.50 -0.55
C PHE H 60 -17.14 50.41 -0.12
N ILE H 61 -17.38 50.18 1.17
CA ILE H 61 -18.75 50.16 1.69
C ILE H 61 -19.46 51.45 1.33
N ARG H 62 -18.79 52.59 1.55
CA ARG H 62 -19.39 53.88 1.22
C ARG H 62 -19.63 54.04 -0.27
N VAL H 63 -18.91 53.32 -1.11
CA VAL H 63 -19.15 53.39 -2.55
C VAL H 63 -20.49 52.75 -2.87
N ILE H 64 -20.75 51.56 -2.33
CA ILE H 64 -22.00 50.86 -2.61
C ILE H 64 -23.18 51.64 -2.01
N ARG H 65 -22.98 52.24 -0.85
CA ARG H 65 -24.04 53.06 -0.26
C ARG H 65 -24.39 54.23 -1.18
N GLU H 66 -23.37 54.79 -1.86
CA GLU H 66 -23.65 55.80 -2.88
C GLU H 66 -24.29 55.18 -4.11
N MET H 67 -23.91 53.95 -4.45
CA MET H 67 -24.53 53.27 -5.58
C MET H 67 -26.00 52.98 -5.32
N MET H 68 -26.34 52.57 -4.08
CA MET H 68 -27.72 52.30 -3.74
C MET H 68 -28.58 53.56 -3.76
N ASP H 69 -27.97 54.73 -3.61
CA ASP H 69 -28.71 55.99 -3.65
C ASP H 69 -28.92 56.48 -5.07
N LEU H 70 -27.96 56.24 -5.97
CA LEU H 70 -28.14 56.58 -7.37
C LEU H 70 -29.21 55.70 -8.01
N GLN H 71 -29.21 54.40 -7.69
CA GLN H 71 -30.17 53.48 -8.27
C GLN H 71 -31.60 53.85 -7.94
N ARG H 72 -31.83 54.62 -6.88
CA ARG H 72 -33.19 54.89 -6.45
C ARG H 72 -33.87 55.81 -7.45
N LEU H 73 -34.59 55.22 -8.41
CA LEU H 73 -35.19 55.97 -9.51
C LEU H 73 -36.49 56.61 -9.04
N SER H 74 -37.20 57.24 -9.98
CA SER H 74 -38.48 57.84 -9.68
C SER H 74 -39.47 56.78 -9.21
N ARG H 75 -40.45 57.21 -8.41
CA ARG H 75 -41.48 56.29 -7.96
C ARG H 75 -42.55 56.09 -9.02
N THR H 76 -42.79 57.09 -9.87
CA THR H 76 -43.68 56.90 -11.00
C THR H 76 -43.22 55.74 -11.88
N ALA H 77 -41.94 55.38 -11.81
CA ALA H 77 -41.46 54.19 -12.50
C ALA H 77 -42.07 52.94 -11.87
N GLY H 78 -42.49 52.01 -12.72
CA GLY H 78 -43.14 50.80 -12.26
C GLY H 78 -42.38 50.09 -11.17
N TRP H 79 -43.08 49.24 -10.40
CA TRP H 79 -42.42 48.51 -9.32
C TRP H 79 -41.53 47.39 -9.85
N ARG H 80 -41.84 46.87 -11.03
CA ARG H 80 -40.92 45.92 -11.67
C ARG H 80 -39.65 46.62 -12.15
N GLU H 81 -39.79 47.85 -12.64
CA GLU H 81 -38.63 48.60 -13.12
C GLU H 81 -37.71 48.97 -11.97
N GLN H 82 -38.28 49.41 -10.83
CA GLN H 82 -37.46 49.72 -9.66
C GLN H 82 -36.74 48.47 -9.16
N LEU H 83 -37.43 47.33 -9.14
CA LEU H 83 -36.79 46.09 -8.77
C LEU H 83 -35.72 45.70 -9.79
N PHE H 84 -36.05 45.77 -11.08
CA PHE H 84 -35.06 45.49 -12.11
C PHE H 84 -33.87 46.44 -12.01
N SER H 85 -34.15 47.73 -11.81
CA SER H 85 -33.06 48.71 -11.71
C SER H 85 -32.13 48.38 -10.55
N ALA H 86 -32.66 47.78 -9.48
CA ALA H 86 -31.85 47.41 -8.33
C ALA H 86 -31.16 46.06 -8.50
N LEU H 87 -31.35 45.39 -9.64
CA LEU H 87 -30.74 44.09 -9.89
C LEU H 87 -29.79 44.09 -11.07
N GLY H 88 -30.25 44.54 -12.24
CA GLY H 88 -29.48 44.39 -13.45
C GLY H 88 -29.32 45.65 -14.29
N SER H 89 -29.15 46.80 -13.63
CA SER H 89 -29.01 48.04 -14.37
C SER H 89 -27.81 47.99 -15.30
N GLU H 90 -27.99 48.52 -16.51
CA GLU H 90 -26.94 48.59 -17.51
C GLU H 90 -26.33 49.99 -17.61
N ASP H 91 -26.56 50.83 -16.61
CA ASP H 91 -26.11 52.22 -16.67
C ASP H 91 -24.58 52.27 -16.74
N GLY H 92 -24.07 53.05 -17.69
CA GLY H 92 -22.63 53.21 -17.80
C GLY H 92 -22.01 53.86 -16.59
N ARG H 93 -22.77 54.69 -15.88
CA ARG H 93 -22.27 55.31 -14.66
C ARG H 93 -22.03 54.31 -13.55
N LEU H 94 -22.64 53.12 -13.64
CA LEU H 94 -22.50 52.10 -12.61
C LEU H 94 -21.38 51.12 -12.89
N GLU H 95 -20.78 51.15 -14.08
CA GLU H 95 -19.64 50.29 -14.37
C GLU H 95 -18.54 50.38 -13.34
N PRO H 96 -18.08 51.57 -12.91
CA PRO H 96 -17.03 51.62 -11.88
C PRO H 96 -17.49 51.08 -10.54
N TYR H 97 -18.69 51.50 -10.10
CA TYR H 97 -19.24 50.96 -8.86
C TYR H 97 -19.34 49.44 -8.94
N ILE H 98 -19.88 48.92 -10.04
CA ILE H 98 -19.95 47.47 -10.22
C ILE H 98 -18.54 46.89 -10.30
N ARG H 99 -17.71 47.45 -11.19
CA ARG H 99 -16.34 46.96 -11.38
C ARG H 99 -15.64 46.78 -10.04
N LEU H 100 -15.76 47.76 -9.14
CA LEU H 100 -15.16 47.64 -7.83
C LEU H 100 -15.85 46.54 -7.01
N TRP H 101 -17.15 46.35 -7.21
CA TRP H 101 -17.85 45.31 -6.45
C TRP H 101 -17.39 43.93 -6.88
N ARG H 102 -17.20 43.72 -8.19
CA ARG H 102 -16.63 42.46 -8.66
C ARG H 102 -15.22 42.26 -8.11
N GLN H 103 -14.43 43.34 -8.10
CA GLN H 103 -13.08 43.25 -7.54
C GLN H 103 -13.12 42.90 -6.06
N ALA H 104 -14.04 43.50 -5.31
CA ALA H 104 -14.16 43.20 -3.89
C ALA H 104 -14.55 41.75 -3.65
N GLN H 105 -15.34 41.18 -4.57
CA GLN H 105 -15.73 39.77 -4.46
C GLN H 105 -14.50 38.88 -4.35
N LEU H 106 -13.51 39.11 -5.21
CA LEU H 106 -12.29 38.31 -5.18
C LEU H 106 -11.48 38.58 -3.91
N LEU H 107 -11.23 39.86 -3.62
CA LEU H 107 -10.38 40.21 -2.48
C LEU H 107 -10.90 39.62 -1.18
N ALA H 108 -12.22 39.42 -1.07
CA ALA H 108 -12.80 38.92 0.18
C ALA H 108 -12.31 37.52 0.52
N ASP H 109 -11.66 36.83 -0.43
CA ASP H 109 -11.18 35.48 -0.15
C ASP H 109 -9.83 35.48 0.55
N SER H 110 -9.03 36.53 0.39
CA SER H 110 -7.69 36.59 0.97
C SER H 110 -7.52 37.76 1.94
N ASP H 111 -8.60 38.47 2.28
CA ASP H 111 -8.52 39.63 3.17
C ASP H 111 -9.77 39.66 4.02
N PRO H 112 -9.76 39.01 5.18
CA PRO H 112 -10.94 39.03 6.06
C PRO H 112 -11.47 40.42 6.32
N GLU H 113 -10.60 41.43 6.37
CA GLU H 113 -11.06 42.81 6.55
C GLU H 113 -12.06 43.19 5.46
N ILE H 114 -11.80 42.75 4.22
CA ILE H 114 -12.74 42.98 3.13
C ILE H 114 -13.93 42.03 3.23
N LYS H 115 -13.70 40.80 3.68
CA LYS H 115 -14.78 39.82 3.74
C LYS H 115 -15.94 40.33 4.59
N SER H 116 -15.64 40.74 5.82
CA SER H 116 -16.70 41.29 6.68
C SER H 116 -17.36 42.49 6.04
N ALA H 117 -16.60 43.28 5.28
CA ALA H 117 -17.19 44.41 4.57
C ALA H 117 -18.01 43.94 3.37
N TYR H 118 -17.45 43.02 2.57
CA TYR H 118 -18.19 42.47 1.45
C TYR H 118 -19.45 41.76 1.91
N LEU H 119 -19.40 41.11 3.07
CA LEU H 119 -20.59 40.50 3.64
C LEU H 119 -21.65 41.54 3.97
N LEU H 120 -21.22 42.77 4.25
CA LEU H 120 -22.18 43.83 4.53
C LEU H 120 -22.88 44.29 3.26
N THR H 121 -22.13 44.49 2.18
CA THR H 121 -22.73 44.94 0.93
C THR H 121 -23.70 43.92 0.36
N MET H 122 -23.33 42.63 0.41
CA MET H 122 -24.26 41.59 -0.01
C MET H 122 -25.48 41.52 0.90
N ASN H 123 -25.39 42.06 2.11
CA ASN H 123 -26.54 42.17 2.98
C ASN H 123 -27.26 43.51 2.82
N LEU H 124 -26.52 44.59 2.52
CA LEU H 124 -27.16 45.84 2.16
C LEU H 124 -28.00 45.68 0.90
N TRP H 125 -27.38 45.19 -0.17
CA TRP H 125 -28.11 44.89 -1.40
C TRP H 125 -29.32 44.02 -1.14
N HIS H 126 -29.22 43.09 -0.18
CA HIS H 126 -30.34 42.22 0.15
C HIS H 126 -31.46 42.98 0.84
N ASP H 127 -31.11 43.87 1.76
CA ASP H 127 -32.12 44.68 2.45
C ASP H 127 -32.91 45.51 1.46
N GLU H 128 -32.23 46.14 0.50
CA GLU H 128 -32.90 47.00 -0.46
C GLU H 128 -33.90 46.22 -1.30
N ALA H 129 -33.53 45.00 -1.72
CA ALA H 129 -34.45 44.19 -2.52
C ALA H 129 -35.74 43.95 -1.76
N VAL H 130 -35.65 43.60 -0.47
CA VAL H 130 -36.85 43.30 0.30
C VAL H 130 -37.75 44.53 0.40
N ARG H 131 -37.17 45.73 0.44
CA ARG H 131 -37.97 46.94 0.53
C ARG H 131 -38.90 47.07 -0.67
N ILE H 132 -38.39 46.83 -1.87
CA ILE H 132 -39.21 46.97 -3.07
C ILE H 132 -40.24 45.87 -3.15
N ILE H 133 -39.87 44.65 -2.75
CA ILE H 133 -40.83 43.54 -2.77
C ILE H 133 -41.95 43.80 -1.77
N ARG H 134 -41.60 44.12 -0.52
CA ARG H 134 -42.62 44.44 0.47
C ARG H 134 -43.53 45.56 -0.01
N ALA H 135 -42.96 46.57 -0.68
CA ALA H 135 -43.76 47.69 -1.15
C ALA H 135 -44.68 47.26 -2.28
N GLY H 136 -44.12 46.72 -3.36
CA GLY H 136 -44.95 46.22 -4.45
C GLY H 136 -45.97 45.21 -3.99
N HIS H 137 -45.62 44.39 -2.99
CA HIS H 137 -46.57 43.44 -2.43
C HIS H 137 -47.76 44.14 -1.78
N ALA H 138 -47.55 45.36 -1.28
CA ALA H 138 -48.65 46.12 -0.69
C ALA H 138 -49.45 46.87 -1.75
N ALA H 139 -48.82 47.25 -2.85
CA ALA H 139 -49.52 47.90 -3.96
C ALA H 139 -50.25 46.91 -4.86
N GLY H 140 -50.17 45.61 -4.56
CA GLY H 140 -50.86 44.60 -5.34
C GLY H 140 -50.12 44.15 -6.58
N GLU H 141 -49.03 44.81 -6.97
CA GLU H 141 -48.37 44.45 -8.21
C GLU H 141 -47.62 43.12 -8.10
N PHE H 142 -47.09 42.81 -6.91
CA PHE H 142 -46.30 41.61 -6.71
C PHE H 142 -47.12 40.56 -5.96
N THR H 143 -47.09 39.32 -6.46
CA THR H 143 -47.80 38.19 -5.87
C THR H 143 -46.78 37.24 -5.26
N LEU H 144 -46.76 37.16 -3.94
CA LEU H 144 -45.75 36.39 -3.22
C LEU H 144 -46.28 35.00 -2.90
N ARG H 145 -45.46 33.99 -3.17
CA ARG H 145 -45.70 32.62 -2.75
C ARG H 145 -44.67 32.14 -1.73
N ASP H 146 -43.82 33.05 -1.23
CA ASP H 146 -42.80 32.71 -0.25
C ASP H 146 -42.31 34.02 0.37
N SER H 147 -41.53 33.89 1.44
CA SER H 147 -41.01 35.05 2.14
C SER H 147 -40.26 35.97 1.18
N ALA H 148 -40.31 37.28 1.48
CA ALA H 148 -39.62 38.25 0.64
C ALA H 148 -38.11 38.11 0.76
N GLU H 149 -37.62 37.79 1.96
CA GLU H 149 -36.19 37.58 2.14
C GLU H 149 -35.69 36.40 1.30
N ASN H 150 -36.48 35.32 1.25
CA ASN H 150 -36.09 34.17 0.43
C ASN H 150 -36.08 34.53 -1.05
N ILE H 151 -37.06 35.30 -1.51
CA ILE H 151 -37.09 35.73 -2.90
C ILE H 151 -35.86 36.59 -3.21
N ALA H 152 -35.49 37.46 -2.28
CA ALA H 152 -34.36 38.36 -2.52
C ALA H 152 -33.07 37.57 -2.77
N TRP H 153 -32.75 36.63 -1.88
CA TRP H 153 -31.54 35.84 -2.04
C TRP H 153 -31.53 35.13 -3.39
N ARG H 154 -32.62 34.43 -3.72
CA ARG H 154 -32.67 33.69 -4.98
C ARG H 154 -32.51 34.59 -6.19
N LEU H 155 -32.83 35.88 -6.06
CA LEU H 155 -32.67 36.81 -7.17
C LEU H 155 -31.23 37.34 -7.22
N ILE H 156 -30.73 37.85 -6.09
CA ILE H 156 -29.35 38.32 -6.02
C ILE H 156 -28.40 37.22 -6.46
N SER H 157 -28.56 36.03 -5.91
CA SER H 157 -27.74 34.89 -6.32
C SER H 157 -27.74 34.74 -7.83
N LEU H 158 -28.91 34.79 -8.45
CA LEU H 158 -29.00 34.71 -9.90
C LEU H 158 -28.16 35.80 -10.55
N VAL H 159 -28.21 37.02 -10.00
CA VAL H 159 -27.43 38.13 -10.54
C VAL H 159 -25.94 37.83 -10.40
N CYS H 160 -25.47 37.63 -9.17
CA CYS H 160 -24.05 37.34 -8.96
C CYS H 160 -23.59 36.19 -9.82
N GLY H 161 -24.41 35.15 -9.95
CA GLY H 161 -24.07 34.00 -10.77
C GLY H 161 -23.93 34.38 -12.23
N LEU H 162 -25.00 34.95 -12.80
CA LEU H 162 -24.96 35.38 -14.19
C LEU H 162 -23.74 36.24 -14.46
N ASP H 163 -23.52 37.26 -13.63
CA ASP H 163 -22.37 38.14 -13.82
C ASP H 163 -21.06 37.35 -13.70
N GLY H 164 -21.05 36.28 -12.92
CA GLY H 164 -19.86 35.43 -12.86
C GLY H 164 -19.54 34.81 -14.20
N ILE H 165 -20.56 34.46 -14.99
CA ILE H 165 -20.34 33.89 -16.31
C ILE H 165 -20.21 34.99 -17.37
N TYR H 166 -20.92 36.11 -17.19
CA TYR H 166 -20.89 37.17 -18.19
C TYR H 166 -19.47 37.67 -18.42
N VAL H 167 -18.71 37.86 -17.35
CA VAL H 167 -17.35 38.38 -17.48
C VAL H 167 -16.44 37.41 -18.22
N LEU H 168 -16.78 36.12 -18.22
CA LEU H 168 -15.96 35.13 -18.90
C LEU H 168 -15.93 35.33 -20.41
N GLY H 169 -16.81 36.15 -20.96
CA GLY H 169 -16.86 36.34 -22.41
C GLY H 169 -17.57 35.23 -23.14
N MET H 170 -18.63 34.69 -22.54
CA MET H 170 -19.37 33.60 -23.15
C MET H 170 -20.43 34.18 -24.10
N PRO H 171 -20.42 33.83 -25.39
CA PRO H 171 -21.43 34.42 -26.29
C PRO H 171 -22.86 34.13 -25.89
N GLU H 172 -23.11 33.00 -25.22
CA GLU H 172 -24.47 32.63 -24.81
C GLU H 172 -24.98 33.46 -23.65
N VAL H 173 -24.15 34.31 -23.06
CA VAL H 173 -24.60 35.18 -21.98
C VAL H 173 -24.08 36.60 -22.23
N ASP H 174 -24.93 37.47 -22.74
CA ASP H 174 -24.57 38.86 -22.97
C ASP H 174 -25.52 39.77 -22.18
N ASP H 175 -25.41 41.07 -22.41
CA ASP H 175 -26.31 42.01 -21.74
C ASP H 175 -27.76 41.57 -21.89
N ALA H 176 -28.13 41.11 -23.08
CA ALA H 176 -29.53 40.76 -23.35
C ALA H 176 -29.93 39.53 -22.55
N ALA H 177 -29.15 38.45 -22.65
CA ALA H 177 -29.46 37.25 -21.88
C ALA H 177 -29.53 37.55 -20.40
N PHE H 178 -28.67 38.46 -19.92
CA PHE H 178 -28.74 38.89 -18.52
C PHE H 178 -30.10 39.48 -18.20
N THR H 179 -30.72 40.16 -19.16
CA THR H 179 -32.04 40.75 -18.92
C THR H 179 -33.12 39.68 -18.93
N ARG H 180 -33.09 38.79 -19.93
CA ARG H 180 -34.13 37.78 -20.06
C ARG H 180 -34.21 36.92 -18.80
N HIS H 181 -33.11 36.26 -18.45
CA HIS H 181 -33.09 35.44 -17.24
C HIS H 181 -33.52 36.24 -16.02
N LEU H 182 -33.08 37.49 -15.92
CA LEU H 182 -33.43 38.31 -14.78
C LEU H 182 -34.92 38.61 -14.74
N GLN H 183 -35.46 39.12 -15.85
CA GLN H 183 -36.89 39.40 -15.91
C GLN H 183 -37.72 38.14 -15.75
N HIS H 184 -37.17 36.97 -16.11
CA HIS H 184 -37.93 35.74 -16.03
C HIS H 184 -38.12 35.28 -14.59
N VAL H 185 -37.06 35.39 -13.77
CA VAL H 185 -37.17 34.95 -12.38
C VAL H 185 -38.05 35.91 -11.58
N ILE H 186 -38.09 37.19 -11.96
CA ILE H 186 -39.04 38.11 -11.34
C ILE H 186 -40.46 37.71 -11.68
N GLN H 187 -40.73 37.51 -12.97
CA GLN H 187 -42.06 37.12 -13.43
C GLN H 187 -42.45 35.74 -12.90
N LEU H 188 -41.49 34.97 -12.40
CA LEU H 188 -41.75 33.63 -11.89
C LEU H 188 -41.94 33.60 -10.38
N GLU H 189 -41.24 34.45 -9.63
CA GLU H 189 -41.35 34.49 -8.18
C GLU H 189 -42.47 35.39 -7.69
N LEU H 190 -42.83 36.41 -8.48
CA LEU H 190 -43.77 37.42 -8.04
C LEU H 190 -45.01 37.55 -8.92
N PHE H 191 -45.06 36.86 -10.07
CA PHE H 191 -46.20 36.93 -10.98
C PHE H 191 -46.64 35.51 -11.31
N SER H 192 -47.50 34.96 -10.46
CA SER H 192 -47.98 33.59 -10.61
C SER H 192 -49.49 33.56 -10.85
C1 CVI I . 11.73 -25.76 23.46
C2 CVI I . 12.30 -25.59 22.14
C3 CVI I . 13.56 -26.11 21.78
C4 CVI I . 14.08 -25.94 20.50
C5 CVI I . 13.40 -25.21 19.49
C6 CVI I . 12.13 -24.67 19.87
C7 CVI I . 11.61 -24.86 21.14
C8 CVI I . 10.69 -24.87 23.92
C9 CVI I . 9.51 -25.36 24.52
C10 CVI I . 8.51 -24.52 24.98
C11 CVI I . 8.62 -23.10 24.86
C12 CVI I . 9.82 -22.61 24.25
C13 CVI I . 10.82 -23.47 23.80
C14 CVI I . 12.09 -26.89 24.30
C15 CVI I . 12.45 -28.15 23.80
C16 CVI I . 12.80 -29.20 24.64
C17 CVI I . 12.79 -29.08 26.06
C18 CVI I . 12.41 -27.79 26.56
C19 CVI I . 12.07 -26.74 25.72
C20 CVI I . 15.25 -25.61 17.91
C21 CVI I . 13.29 -24.31 17.14
C22 CVI I . 6.36 -22.70 25.95
C23 CVI I . 7.70 -20.79 25.21
C24 CVI I . 13.52 -31.47 26.40
C25 CVI I . 13.14 -30.07 28.36
N1 CVI I . 13.95 -25.04 18.20
N2 CVI I . 7.59 -22.22 25.33
N3 CVI I . 13.14 -30.17 26.91
H31 CVI I . 14.04 -26.59 22.40
H41 CVI I . 14.92 -26.31 20.31
H61 CVI I . 11.63 -24.20 19.25
H71 CVI I . 10.77 -24.50 21.34
H91 CVI I . 9.40 -26.29 24.62
H101 CVI I . 7.76 -24.89 25.37
H121 CVI I . 9.95 -21.70 24.16
H131 CVI I . 11.58 -23.12 23.41
H151 CVI I . 12.47 -28.28 22.88
H161 CVI I . 13.03 -30.02 24.25
H181 CVI I . 12.39 -27.65 27.47
H191 CVI I . 11.83 -25.92 26.08
H201 CVI I . 15.91 -25.25 18.51
H202 CVI I . 15.53 -25.45 17.00
H203 CVI I . 15.20 -26.57 18.06
H211 CVI I . 12.44 -23.99 17.47
H212 CVI I . 13.13 -24.85 16.35
H213 CVI I . 13.83 -23.54 16.88
H221 CVI I . 6.26 -22.37 26.86
H222 CVI I . 6.40 -23.67 25.98
H223 CVI I . 5.60 -22.43 25.43
H231 CVI I . 8.53 -20.51 24.80
H232 CVI I . 6.95 -20.45 24.70
H233 CVI I . 7.66 -20.41 26.10
H241 CVI I . 14.41 -31.73 26.67
H242 CVI I . 12.89 -32.13 26.74
H243 CVI I . 13.47 -31.48 25.43
H251 CVI I . 12.88 -29.16 28.60
H252 CVI I . 12.53 -30.68 28.79
H253 CVI I . 14.04 -30.22 28.69
C1 CVI J . 10.09 -4.71 28.54
C2 CVI J . 10.06 -4.80 30.00
C3 CVI J . 11.05 -4.21 30.81
C4 CVI J . 11.02 -4.30 32.20
C5 CVI J . 9.99 -5.01 32.87
C6 CVI J . 8.99 -5.60 32.06
C7 CVI J . 9.04 -5.50 30.67
C8 CVI J . 9.33 -5.65 27.75
C9 CVI J . 8.49 -5.22 26.69
C10 CVI J . 7.76 -6.11 25.92
C11 CVI J . 7.80 -7.52 26.16
C12 CVI J . 8.63 -7.94 27.23
C13 CVI J . 9.37 -7.04 28.00
C14 CVI J . 10.66 -3.58 27.87
C15 CVI J . 10.75 -2.29 28.46
C16 CVI J . 11.32 -1.22 27.77
C17 CVI J . 11.80 -1.34 26.44
C18 CVI J . 11.70 -2.63 25.86
C19 CVI J . 11.14 -3.70 26.54
C20 CVI J . 11.01 -4.45 35.04
C21 CVI J . 8.94 -5.79 35.02
C22 CVI J . 6.19 -8.01 24.27
C23 CVI J . 7.08 -9.86 25.61
C24 CVI J . 12.48 1.09 26.36
C25 CVI J . 12.87 -0.33 24.40
N1 CVI J . 9.97 -5.09 34.28
N2 CVI J . 7.04 -8.43 25.37
N3 CVI J . 12.37 -0.22 25.75
H31 CVI J . 11.75 -3.74 30.41
H41 CVI J . 11.70 -3.89 32.68
H61 CVI J . 8.29 -6.08 32.43
H71 CVI J . 8.37 -5.91 30.17
H91 CVI J . 8.44 -4.31 26.51
H101 CVI J . 7.22 -5.78 25.23
H121 CVI J . 8.70 -8.85 27.43
H131 CVI J . 9.90 -7.36 28.69
H151 CVI J . 10.45 -2.17 29.32
H161 CVI J . 11.35 -0.39 28.20
H181 CVI J . 12.01 -2.77 24.99
H191 CVI J . 11.09 -4.53 26.12
H201 CVI J . 11.01 -3.50 34.86
H202 CVI J . 11.89 -4.80 34.84
H203 CVI J . 10.83 -4.58 35.99
H211 CVI J . 9.35 -6.50 35.53
H212 CVI J . 8.27 -6.19 34.44
H213 CVI J . 8.50 -5.20 35.63
H221 CVI J . 6.45 -8.40 23.42
H222 CVI J . 6.24 -7.04 24.20
H223 CVI J . 5.27 -8.26 24.45
H231 CVI J . 7.66 -10.10 26.34
H232 CVI J . 6.19 -10.18 25.80
H233 CVI J . 7.41 -10.30 24.80
H241 CVI J . 12.12 1.11 27.26
H242 CVI J . 13.41 1.33 26.39
H243 CVI J . 12.00 1.75 25.82
H251 CVI J . 13.81 -0.10 24.40
H252 CVI J . 12.77 -1.22 24.03
H253 CVI J . 12.40 0.29 23.83
C1 CVI K . -18.12 -27.67 -7.66
C2 CVI K . -18.06 -27.18 -9.02
C3 CVI K . -16.87 -27.27 -9.78
C4 CVI K . -16.82 -26.80 -11.09
C5 CVI K . -17.94 -26.20 -11.73
C6 CVI K . -19.13 -26.12 -10.94
C7 CVI K . -19.18 -26.60 -9.64
C8 CVI K . -19.02 -27.04 -6.71
C9 CVI K . -19.80 -27.80 -5.82
C10 CVI K . -20.65 -27.19 -4.90
C11 CVI K . -20.78 -25.78 -4.82
C12 CVI K . -19.99 -25.02 -5.72
C13 CVI K . -19.13 -25.63 -6.63
C14 CVI K . -17.34 -28.80 -7.23
C15 CVI K . -17.02 -29.86 -8.10
C16 CVI K . -16.27 -30.95 -7.68
C17 CVI K . -15.76 -31.05 -6.35
C18 CVI K . -16.09 -29.98 -5.47
C19 CVI K . -16.85 -28.89 -5.90
C20 CVI K . -16.63 -25.87 -13.77
C21 CVI K . -18.98 -25.12 -13.75
C22 CVI K . -22.46 -25.92 -2.94
C23 CVI K . -21.79 -23.73 -3.78
C24 CVI K . -14.68 -33.26 -6.85
C25 CVI K . -14.46 -32.32 -4.60
N1 CVI K . -17.87 -25.73 -13.05
N2 CVI K . -21.66 -25.16 -3.87
N3 CVI K . -14.99 -32.18 -5.95
H31 CVI K . -16.12 -27.65 -9.41
H41 CVI K . -16.02 -26.89 -11.55
H61 CVI K . -19.91 -25.74 -11.30
H71 CVI K . -19.97 -26.52 -9.16
H91 CVI K . -19.73 -28.72 -5.83
H101 CVI K . -21.14 -27.74 -4.32
H121 CVI K . -20.03 -24.09 -5.72
H131 CVI K . -18.63 -25.11 -7.21
H151 CVI K . -17.34 -29.83 -8.98
H161 CVI K . -16.09 -31.63 -8.29
H181 CVI K . -15.80 -29.98 -4.59
H191 CVI K . -17.04 -28.20 -5.31
H201 CVI K . -15.92 -25.38 -13.31
H202 CVI K . -16.68 -25.53 -14.68
H203 CVI K . -16.38 -26.80 -13.80
H211 CVI K . -19.74 -25.10 -13.16
H212 CVI K . -18.78 -24.22 -14.05
H213 CVI K . -19.21 -25.65 -14.52
H221 CVI K . -22.26 -25.72 -2.01
H222 CVI K . -23.39 -25.71 -3.11
H223 CVI K . -22.34 -26.88 -3.08
H231 CVI K . -21.23 -23.25 -4.42
H232 CVI K . -22.72 -23.48 -3.94
H233 CVI K . -21.54 -23.45 -2.89
H241 CVI K . -15.05 -33.13 -7.74
H242 CVI K . -13.71 -33.32 -6.93
H243 CVI K . -15.02 -34.11 -6.50
H251 CVI K . -13.50 -32.37 -4.66
H252 CVI K . -14.79 -33.11 -4.14
H253 CVI K . -14.70 -31.54 -4.08
C1 CVI L . -20.88 -8.32 1.63
C2 CVI L . -20.41 -8.54 2.97
C3 CVI L . -19.29 -7.84 3.51
C4 CVI L . -18.83 -8.07 4.80
C5 CVI L . -19.47 -9.01 5.67
C6 CVI L . -20.58 -9.71 5.13
C7 CVI L . -21.03 -9.48 3.82
C8 CVI L . -21.68 -9.31 0.96
C9 CVI L . -22.88 -8.95 0.32
C10 CVI L . -23.68 -9.88 -0.34
C11 CVI L . -23.31 -11.26 -0.41
C12 CVI L . -22.10 -11.61 0.24
C13 CVI L . -21.31 -10.67 0.90
C14 CVI L . -20.84 -7.00 1.03
C15 CVI L . -21.08 -5.82 1.77
C16 CVI L . -21.04 -4.57 1.16
C17 CVI L . -20.78 -4.42 -0.24
C18 CVI L . -20.55 -5.62 -0.96
C19 CVI L . -20.59 -6.87 -0.34
C20 CVI L . -17.85 -8.48 7.45
C21 CVI L . -19.59 -10.18 7.89
C22 CVI L . -25.39 -11.84 -1.75
C23 CVI L . -23.82 -13.60 -1.18
C24 CVI L . -20.98 -1.90 -0.13
C25 CVI L . -20.48 -2.96 -2.27
N1 CVI L . -18.99 -9.23 6.98
N2 CVI L . -24.15 -12.20 -1.10
N3 CVI L . -20.75 -3.13 -0.85
H31 CVI L . -18.86 -7.22 2.98
H41 CVI L . -18.11 -7.58 5.10
H61 CVI L . -21.04 -10.34 5.63
H71 CVI L . -21.76 -9.96 3.50
H91 CVI L . -23.15 -8.05 0.34
H101 CVI L . -24.46 -9.59 -0.75
H121 CVI L . -21.81 -12.50 0.24
H131 CVI L . -20.52 -10.94 1.32
H151 CVI L . -21.25 -5.88 2.69
H161 CVI L . -21.20 -3.81 1.68
H181 CVI L . -20.38 -5.59 -1.88
H191 CVI L . -20.44 -7.63 -0.85
H201 CVI L . -17.65 -8.73 8.36
H202 CVI L . -17.07 -8.62 6.90
H203 CVI L . -18.08 -7.54 7.44
H211 CVI L . -20.34 -10.61 7.45
H212 CVI L . -19.91 -9.76 8.71
H213 CVI L . -18.95 -10.86 8.13
H221 CVI L . -25.37 -12.03 -2.71
H222 CVI L . -25.52 -10.88 -1.64
H223 CVI L . -26.14 -12.31 -1.35
H231 CVI L . -23.71 -13.91 -2.09
H232 CVI L . -24.51 -14.12 -0.75
H233 CVI L . -22.98 -13.74 -0.70
H241 CVI L . -21.74 -1.41 -0.47
H242 CVI L . -21.14 -2.12 0.81
H243 CVI L . -20.19 -1.33 -0.17
H251 CVI L . -19.68 -2.40 -2.37
H252 CVI L . -21.21 -2.52 -2.74
H253 CVI L . -20.32 -3.82 -2.67
C1 CVI M . 40.63 -10.69 -16.39
C2 CVI M . 41.79 -10.17 -17.10
C3 CVI M . 43.10 -10.56 -16.75
C4 CVI M . 44.21 -10.06 -17.43
C5 CVI M . 44.08 -9.15 -18.51
C6 CVI M . 42.75 -8.77 -18.85
C7 CVI M . 41.65 -9.27 -18.16
C8 CVI M . 39.40 -9.94 -16.33
C9 CVI M . 38.15 -10.59 -16.46
C10 CVI M . 36.96 -9.88 -16.40
C11 CVI M . 36.92 -8.47 -16.20
C12 CVI M . 38.18 -7.83 -16.07
C13 CVI M . 39.38 -8.53 -16.13
C14 CVI M . 40.64 -12.02 -15.82
C15 CVI M . 41.31 -13.10 -16.44
C16 CVI M . 41.29 -14.37 -15.88
C17 CVI M . 40.60 -14.65 -14.66
C18 CVI M . 39.93 -13.55 -14.05
C19 CVI M . 39.95 -12.27 -14.61
C20 CVI M . 46.53 -9.11 -18.77
C21 CVI M . 45.15 -7.73 -20.29
C22 CVI M . 34.39 -8.44 -16.27
C23 CVI M . 35.59 -6.34 -15.95
C24 CVI M . 41.28 -17.07 -14.72
C25 CVI M . 39.90 -16.28 -12.86
N1 CVI M . 45.21 -8.66 -19.19
N2 CVI M . 35.67 -7.77 -16.14
N3 CVI M . 40.60 -15.96 -14.09
H31 CVI M . 43.23 -11.16 -16.05
H41 CVI M . 45.05 -10.36 -17.16
H61 CVI M . 42.60 -8.18 -19.55
H71 CVI M . 40.80 -8.99 -18.42
H91 CVI M . 38.14 -11.50 -16.59
H101 CVI M . 36.16 -10.35 -16.49
H121 CVI M . 38.22 -6.91 -15.94
H131 CVI M . 40.19 -8.08 -16.04
H151 CVI M . 41.77 -12.96 -17.23
H161 CVI M . 41.75 -15.05 -16.31
H181 CVI M . 39.46 -13.66 -13.25
H191 CVI M . 39.51 -11.59 -14.20
H201 CVI M . 46.59 -10.08 -18.87
H202 CVI M . 47.25 -8.70 -19.30
H203 CVI M . 46.66 -8.89 -17.85
H211 CVI M . 44.22 -7.52 -20.46
H212 CVI M . 45.54 -8.08 -21.10
H213 CVI M . 45.61 -6.91 -20.06
H221 CVI M . 34.49 -9.40 -16.41
H222 CVI M . 33.88 -8.29 -15.47
H223 CVI M . 33.89 -8.08 -17.03
H231 CVI M . 35.11 -6.09 -15.15
H232 CVI M . 36.49 -5.98 -15.90
H233 CVI M . 35.14 -5.95 -16.72
H241 CVI M . 41.72 -16.82 -15.54
H242 CVI M . 41.94 -17.41 -14.10
H243 CVI M . 40.65 -17.78 -14.92
H251 CVI M . 39.23 -16.95 -13.06
H252 CVI M . 40.48 -16.61 -12.17
H253 CVI M . 39.45 -15.48 -12.54
C1 CVI N . 33.91 8.09 -8.40
C2 CVI N . 33.17 7.57 -7.26
C3 CVI N . 33.59 7.76 -5.93
C4 CVI N . 32.88 7.27 -4.85
C5 CVI N . 31.66 6.54 -5.04
C6 CVI N . 31.23 6.35 -6.38
C7 CVI N . 31.96 6.85 -7.45
C8 CVI N . 33.83 7.39 -9.67
C9 CVI N . 33.61 8.09 -10.87
C10 CVI N . 33.55 7.43 -12.09
C11 CVI N . 33.70 6.02 -12.20
C12 CVI N . 33.93 5.33 -10.98
C13 CVI N . 34.00 6.00 -9.75
C14 CVI N . 34.51 9.39 -8.35
C15 CVI N . 34.01 10.42 -7.53
C16 CVI N . 34.60 11.67 -7.50
C17 CVI N . 35.74 11.99 -8.29
C18 CVI N . 36.23 10.96 -9.12
C19 CVI N . 35.64 9.69 -9.15
C20 CVI N . 31.44 6.28 -2.60
C21 CVI N . 29.70 5.29 -4.05
C22 CVI N . 33.40 6.08 -14.70
C23 CVI N . 33.79 3.93 -13.60
C24 CVI N . 35.82 14.37 -7.40
C25 CVI N . 37.48 13.65 -9.04
N1 CVI N . 30.94 6.04 -3.93
N2 CVI N . 33.64 5.36 -13.47
N3 CVI N . 36.33 13.30 -8.24
H31 CVI N . 34.38 8.23 -5.77
H41 CVI N . 33.21 7.42 -3.99
H61 CVI N . 30.45 5.88 -6.56
H71 CVI N . 31.65 6.71 -8.32
H91 CVI N . 33.50 9.01 -10.84
H101 CVI N . 33.39 7.94 -12.87
H121 CVI N . 34.04 4.41 -10.98
H131 CVI N . 34.15 5.51 -8.97
H151 CVI N . 33.26 10.24 -6.99
H161 CVI N . 34.23 12.32 -6.94
H181 CVI N . 36.97 11.10 -9.67
H191 CVI N . 36.00 9.03 -9.70
H201 CVI N . 31.51 7.23 -2.43
H202 CVI N . 30.88 5.87 -1.91
H203 CVI N . 32.33 5.90 -2.52
H211 CVI N . 29.48 5.21 -4.99
H212 CVI N . 29.76 4.41 -3.66
H213 CVI N . 28.98 5.77 -3.61
H221 CVI N . 33.30 7.03 -14.57
H222 CVI N . 34.16 5.93 -15.29
H223 CVI N . 32.60 5.75 -15.14
H231 CVI N . 34.53 3.68 -14.17
H232 CVI N . 33.92 3.54 -12.72
H233 CVI N . 32.98 3.57 -13.99
H241 CVI N . 35.55 15.14 -7.91
H242 CVI N . 35.06 14.03 -6.91
H243 CVI N . 36.50 14.64 -6.77
H251 CVI N . 38.20 13.90 -8.44
H252 CVI N . 37.32 14.38 -9.66
H253 CVI N . 37.77 12.87 -9.55
C1 CVI O . -21.64 23.11 -5.98
C2 CVI O . -22.26 23.17 -4.68
C3 CVI O . -23.35 22.36 -4.32
C4 CVI O . -23.93 22.42 -3.05
C5 CVI O . -23.45 23.33 -2.06
C6 CVI O . -22.36 24.15 -2.43
C7 CVI O . -21.79 24.07 -3.69
C8 CVI O . -20.92 24.24 -6.53
C9 CVI O . -19.71 24.06 -7.23
C10 CVI O . -19.00 25.12 -7.77
C11 CVI O . -19.47 26.47 -7.64
C12 CVI O . -20.69 26.64 -6.94
C13 CVI O . -21.40 25.56 -6.41
C14 CVI O . -21.80 21.97 -6.85
C15 CVI O . -21.71 20.64 -6.39
C16 CVI O . -21.87 19.56 -7.25
C17 CVI O . -22.11 19.74 -8.65
C18 CVI O . -22.19 21.09 -9.10
C19 CVI O . -22.04 22.16 -8.23
C20 CVI O . -25.17 22.51 -0.48
C21 CVI O . -23.61 24.28 0.26
C22 CVI O . -17.49 27.39 -8.92
C23 CVI O . -19.21 28.92 -8.07
C24 CVI O . -22.18 17.25 -9.06
C25 CVI O . -22.51 18.77 -10.94
N1 CVI O . -24.06 23.38 -0.79
N2 CVI O . -18.74 27.55 -8.20
N3 CVI O . -22.26 18.62 -9.53
H31 CVI O . -23.68 21.75 -4.94
H41 CVI O . -24.65 21.85 -2.87
H61 CVI O . -22.01 24.76 -1.82
H71 CVI O . -21.07 24.63 -3.90
H91 CVI O . -19.37 23.19 -7.33
H101 CVI O . -18.20 24.95 -8.21
H121 CVI O . -21.05 27.49 -6.82
H131 CVI O . -22.19 25.71 -5.95
H151 CVI O . -21.55 20.49 -5.49
H161 CVI O . -21.80 18.70 -6.91
H181 CVI O . -22.35 21.27 -9.99
H191 CVI O . -22.10 23.03 -8.56
H201 CVI O . -25.90 22.69 -1.09
H202 CVI O . -25.49 22.62 0.43
H203 CVI O . -24.89 21.59 -0.59
H211 CVI O . -23.33 23.76 1.03
H212 CVI O . -22.87 24.84 -0.03
H213 CVI O . -24.34 24.87 0.53
H221 CVI O . -16.76 27.86 -8.49
H222 CVI O . -17.61 27.73 -9.81
H223 CVI O . -17.27 26.45 -8.96
H231 CVI O . -20.05 28.99 -7.59
H232 CVI O . -19.32 29.30 -8.96
H233 CVI O . -18.54 29.43 -7.60
H241 CVI O . -22.02 17.20 -8.10
H242 CVI O . -23.03 16.81 -9.25
H243 CVI O . -21.47 16.77 -9.52
H251 CVI O . -23.36 18.34 -11.15
H252 CVI O . -21.83 18.37 -11.50
H253 CVI O . -22.58 19.72 -11.16
C1 CVI P . -24.71 43.93 -11.14
C2 CVI P . -24.76 43.77 -12.58
C3 CVI P . -25.87 44.22 -13.33
C4 CVI P . -25.93 44.08 -14.71
C5 CVI P . -24.87 43.48 -15.45
C6 CVI P . -23.75 43.03 -14.69
C7 CVI P . -23.70 43.18 -13.30
C8 CVI P . -23.77 43.18 -10.35
C9 CVI P . -22.98 43.84 -9.38
C10 CVI P . -22.07 43.15 -8.58
C11 CVI P . -21.89 41.73 -8.70
C12 CVI P . -22.71 41.08 -9.68
C13 CVI P . -23.62 41.78 -10.46
C14 CVI P . -25.46 44.96 -10.47
C15 CVI P . -25.63 46.25 -11.03
C16 CVI P . -26.36 47.22 -10.35
C17 CVI P . -26.95 46.98 -9.08
C18 CVI P . -26.76 45.68 -8.54
C19 CVI P . -26.04 44.71 -9.22
C20 CVI P . -26.12 43.84 -17.54
C21 CVI P . -23.89 42.74 -17.65
C22 CVI P . -20.13 41.72 -6.88
C23 CVI P . -20.75 39.62 -7.96
C24 CVI P . -27.89 49.33 -8.93
C25 CVI P . -28.29 47.74 -7.11
N1 CVI P . -24.94 43.34 -16.85
N2 CVI P . -20.95 41.04 -7.87
N3 CVI P . -27.68 47.99 -8.40
H31 CVI P . -26.59 44.62 -12.89
H41 CVI P . -26.69 44.40 -15.16
H61 CVI P . -23.02 42.63 -15.10
H71 CVI P . -22.96 42.87 -12.83
H91 CVI P . -23.06 44.75 -9.27
H101 CVI P . -21.56 43.63 -7.97
H121 CVI P . -22.64 40.16 -9.80
H131 CVI P . -24.13 41.32 -11.09
H151 CVI P . -25.25 46.44 -11.85
H161 CVI P . -26.44 48.06 -10.75
H181 CVI P . -27.13 45.45 -7.72
H191 CVI P . -25.94 43.86 -8.83
H201 CVI P . -26.90 43.37 -17.21
H202 CVI P . -26.06 43.71 -18.50
H203 CVI P . -26.22 44.78 -17.35
H211 CVI P . -23.17 42.47 -17.06
H212 CVI P . -24.20 41.97 -18.15
H213 CVI P . -23.54 43.40 -18.28
H221 CVI P . -20.30 42.68 -6.86
H222 CVI P . -20.34 41.35 -6.02
H223 CVI P . -19.19 41.57 -7.07
H231 CVI P . -20.94 39.15 -7.12
H232 CVI P . -19.83 39.44 -8.22
H233 CVI P . -21.34 39.27 -8.65
H241 CVI P . -27.53 50.02 -8.36
H242 CVI P . -27.43 49.37 -9.79
H243 CVI P . -28.84 49.50 -9.06
H251 CVI P . -27.91 48.37 -6.47
H252 CVI P . -28.14 46.84 -6.78
H253 CVI P . -29.25 47.89 -7.16
#